data_3RBM
#
_entry.id   3RBM
#
_cell.length_a   107.682
_cell.length_b   107.952
_cell.length_c   140.703
_cell.angle_alpha   90.00
_cell.angle_beta   90.00
_cell.angle_gamma   90.00
#
_symmetry.space_group_name_H-M   'P 21 21 21'
#
loop_
_entity.id
_entity.type
_entity.pdbx_description
1 polymer 'Farnesyl pyrophosphate synthase'
2 non-polymer 'MAGNESIUM ION'
3 non-polymer 3-(2,2-diphosphonoethyl)-1-dodecyl-1H-imidazol-3-ium
4 non-polymer 'SULFATE ION'
5 water water
#
_entity_poly.entity_id   1
_entity_poly.type   'polypeptide(L)'
_entity_poly.pdbx_seq_one_letter_code
;MGSSHHHHHHSSGRENLYFQGMKETNSEEADSGLAFFRNMYDKYRDAFLSHLNEYSLEEEIKEHISKYYKLLFDYNCLGG
KNNRGILVILIYEYVKNRDINSSEWEKAACLAWCIEILQAAFLVADDIMDKGEMRRNKYCWYLLKDVETKNAVNDVLLLY
NSIYKLIEIYLRNESCYVDVIATFRDATLKTIIGQHLDTNIFSDKYSDAHREIDVNNINVPEQPVIDINMINFGVYKNIV
IHKTAYYSFFLPIVCGMLLAGIAVDNLIYKKIEDISMLMGEYFQIHDDYLDIFGDSTKTGKVGSDIQNNKLTWPLIKTFE
LCSEPDKIKIVKNYGKNNLACVKVIDSLYEQYKIRKHYESYEKAQKAKILSAINELHHEGIEYVLKYLLEILFTGV
;
_entity_poly.pdbx_strand_id   A,B,C,D
#
# COMPACT_ATOMS: atom_id res chain seq x y z
N LEU A 34 35.77 -24.21 19.30
CA LEU A 34 35.74 -23.36 18.07
C LEU A 34 34.95 -24.05 16.95
N ALA A 35 35.15 -25.36 16.82
CA ALA A 35 34.25 -26.21 16.05
C ALA A 35 33.40 -27.07 16.99
N PHE A 36 33.84 -27.16 18.24
CA PHE A 36 33.00 -27.67 19.33
C PHE A 36 31.78 -26.78 19.55
N PHE A 37 31.97 -25.48 19.37
CA PHE A 37 30.91 -24.53 19.57
C PHE A 37 29.77 -24.80 18.61
N ARG A 38 30.11 -25.01 17.33
CA ARG A 38 29.09 -25.14 16.29
C ARG A 38 28.32 -26.44 16.43
N ASN A 39 28.89 -27.39 17.17
CA ASN A 39 28.24 -28.68 17.37
C ASN A 39 27.17 -28.64 18.44
N MET A 40 27.26 -27.68 19.34
CA MET A 40 26.39 -27.63 20.50
C MET A 40 25.07 -26.96 20.18
N TYR A 41 25.02 -26.28 19.05
CA TYR A 41 23.86 -25.46 18.71
C TYR A 41 22.54 -26.23 18.85
N ASP A 42 22.50 -27.45 18.33
CA ASP A 42 21.31 -28.31 18.38
C ASP A 42 20.80 -28.47 19.81
N LYS A 43 21.74 -28.66 20.72
CA LYS A 43 21.41 -28.98 22.10
C LYS A 43 20.67 -27.81 22.76
N TYR A 44 21.17 -26.60 22.54
CA TYR A 44 20.57 -25.41 23.14
C TYR A 44 19.26 -25.07 22.48
N ARG A 45 19.24 -25.15 21.14
CA ARG A 45 18.02 -24.97 20.37
C ARG A 45 16.95 -25.95 20.82
N ASP A 46 17.31 -27.22 20.99
CA ASP A 46 16.31 -28.23 21.37
C ASP A 46 15.90 -28.12 22.82
N ALA A 47 16.78 -27.60 23.67
CA ALA A 47 16.41 -27.44 25.06
C ALA A 47 15.34 -26.36 25.21
N PHE A 48 15.45 -25.30 24.41
CA PHE A 48 14.39 -24.31 24.38
C PHE A 48 13.13 -24.87 23.75
N LEU A 49 13.26 -25.51 22.60
CA LEU A 49 12.07 -25.98 21.90
C LEU A 49 11.35 -27.01 22.76
N SER A 50 12.08 -27.63 23.67
CA SER A 50 11.51 -28.67 24.49
C SER A 50 10.75 -28.04 25.67
N HIS A 51 11.15 -26.83 26.05
CA HIS A 51 10.38 -26.03 27.01
C HIS A 51 9.00 -25.68 26.46
N LEU A 52 8.97 -25.17 25.23
CA LEU A 52 7.73 -24.72 24.61
C LEU A 52 6.76 -25.89 24.56
N ASN A 53 7.32 -27.10 24.49
CA ASN A 53 6.57 -28.30 24.13
C ASN A 53 5.90 -28.92 25.35
N GLU A 54 6.25 -28.41 26.53
CA GLU A 54 5.61 -28.78 27.79
C GLU A 54 4.38 -27.91 28.02
N TYR A 55 4.24 -26.88 27.21
CA TYR A 55 3.08 -26.02 27.31
C TYR A 55 1.80 -26.85 27.27
N SER A 56 0.75 -26.31 27.87
CA SER A 56 -0.56 -26.94 27.87
C SER A 56 -1.31 -26.66 26.57
N LEU A 57 -1.07 -27.50 25.56
CA LEU A 57 -1.66 -27.27 24.25
C LEU A 57 -2.12 -28.61 23.67
N GLU A 58 -3.03 -28.59 22.70
CA GLU A 58 -3.37 -29.78 21.94
C GLU A 58 -2.16 -30.27 21.14
N GLU A 59 -2.08 -31.58 20.93
CA GLU A 59 -0.92 -32.16 20.28
C GLU A 59 -0.69 -31.60 18.86
N GLU A 60 -1.73 -31.54 18.05
CA GLU A 60 -1.56 -31.02 16.69
C GLU A 60 -0.98 -29.61 16.73
N ILE A 61 -1.38 -28.85 17.74
CA ILE A 61 -0.94 -27.48 17.85
C ILE A 61 0.53 -27.38 18.28
N LYS A 62 0.96 -28.26 19.18
CA LYS A 62 2.37 -28.40 19.52
C LYS A 62 3.22 -28.73 18.29
N GLU A 63 2.70 -29.59 17.42
CA GLU A 63 3.46 -29.98 16.24
C GLU A 63 3.75 -28.73 15.40
N HIS A 64 2.76 -27.84 15.28
CA HIS A 64 2.89 -26.62 14.46
C HIS A 64 3.87 -25.61 15.05
N ILE A 65 3.82 -25.50 16.37
CA ILE A 65 4.67 -24.59 17.11
C ILE A 65 6.12 -25.04 16.89
N SER A 66 6.32 -26.35 16.99
CA SER A 66 7.65 -26.95 16.91
C SER A 66 8.24 -26.70 15.54
N LYS A 67 7.43 -26.90 14.51
CA LYS A 67 7.86 -26.76 13.13
C LYS A 67 8.26 -25.31 12.94
N TYR A 68 7.42 -24.40 13.40
CA TYR A 68 7.64 -23.01 13.10
C TYR A 68 8.90 -22.52 13.80
N TYR A 69 9.03 -22.80 15.09
CA TYR A 69 10.10 -22.16 15.83
C TYR A 69 11.46 -22.81 15.62
N LYS A 70 11.47 -24.09 15.24
CA LYS A 70 12.72 -24.71 14.81
C LYS A 70 13.28 -23.96 13.59
N LEU A 71 12.41 -23.59 12.66
CA LEU A 71 12.85 -22.86 11.48
C LEU A 71 13.28 -21.43 11.81
N LEU A 72 12.61 -20.81 12.79
CA LEU A 72 12.96 -19.46 13.24
C LEU A 72 14.40 -19.40 13.75
N PHE A 73 14.73 -20.33 14.63
CA PHE A 73 16.10 -20.51 15.07
C PHE A 73 17.08 -20.84 13.93
N ASP A 74 16.80 -21.91 13.18
CA ASP A 74 17.75 -22.33 12.17
C ASP A 74 18.03 -21.23 11.15
N TYR A 75 16.96 -20.60 10.66
CA TYR A 75 17.09 -19.67 9.56
C TYR A 75 17.88 -18.42 9.99
N ASN A 76 17.73 -18.03 11.25
CA ASN A 76 18.24 -16.76 11.73
C ASN A 76 19.48 -16.87 12.60
N CYS A 77 19.69 -18.03 13.23
CA CYS A 77 20.85 -18.22 14.11
C CYS A 77 22.09 -18.74 13.40
N LEU A 78 21.88 -19.43 12.28
CA LEU A 78 22.96 -20.10 11.54
C LEU A 78 23.37 -19.29 10.31
N GLY A 79 24.56 -19.57 9.79
CA GLY A 79 25.10 -18.87 8.63
C GLY A 79 25.94 -17.61 8.90
N GLY A 80 26.13 -17.26 10.17
CA GLY A 80 26.99 -16.13 10.53
C GLY A 80 28.44 -16.53 10.75
N LYS A 81 29.31 -15.54 10.95
CA LYS A 81 30.70 -15.79 11.27
C LYS A 81 30.89 -16.24 12.73
N ASN A 82 29.91 -15.93 13.57
CA ASN A 82 29.87 -16.32 14.98
C ASN A 82 30.97 -15.66 15.82
N ASN A 83 31.37 -14.46 15.45
CA ASN A 83 32.47 -13.79 16.11
C ASN A 83 32.19 -13.56 17.59
N ARG A 84 31.00 -13.07 17.88
CA ARG A 84 30.58 -12.77 19.24
C ARG A 84 30.59 -14.02 20.11
N GLY A 85 30.01 -15.10 19.57
CA GLY A 85 29.96 -16.39 20.26
C GLY A 85 31.34 -16.96 20.54
N ILE A 86 32.21 -16.92 19.54
CA ILE A 86 33.57 -17.41 19.69
C ILE A 86 34.37 -16.60 20.72
N LEU A 87 34.11 -15.31 20.79
CA LEU A 87 34.81 -14.46 21.72
C LEU A 87 34.46 -14.82 23.17
N VAL A 88 33.24 -15.28 23.41
CA VAL A 88 32.90 -15.82 24.71
C VAL A 88 33.73 -17.06 25.04
N ILE A 89 33.67 -18.06 24.17
CA ILE A 89 34.50 -19.24 24.29
C ILE A 89 35.98 -18.91 24.59
N LEU A 90 36.63 -18.11 23.73
CA LEU A 90 38.04 -17.78 23.89
C LEU A 90 38.40 -17.04 25.18
N ILE A 91 37.65 -16.00 25.51
CA ILE A 91 37.82 -15.32 26.80
C ILE A 91 37.69 -16.28 27.97
N TYR A 92 36.65 -17.10 27.98
CA TYR A 92 36.51 -18.12 29.02
C TYR A 92 37.73 -19.02 29.18
N GLU A 93 38.27 -19.45 28.05
CA GLU A 93 39.34 -20.43 28.04
C GLU A 93 40.67 -19.83 28.50
N TYR A 94 40.91 -18.56 28.19
CA TYR A 94 42.20 -17.92 28.45
C TYR A 94 42.27 -17.15 29.78
N VAL A 95 41.12 -16.98 30.42
CA VAL A 95 41.10 -16.46 31.79
C VAL A 95 41.28 -17.63 32.76
N LYS A 96 40.83 -18.80 32.36
CA LYS A 96 40.97 -20.03 33.15
C LYS A 96 42.34 -20.70 32.97
N ASN A 97 42.65 -21.65 33.85
CA ASN A 97 43.63 -22.70 33.53
C ASN A 97 42.99 -24.11 33.40
N ARG A 98 43.03 -24.67 32.19
CA ARG A 98 42.12 -25.76 31.79
C ARG A 98 42.13 -26.97 32.73
N ILE A 100 39.58 -27.37 32.04
CA ILE A 100 38.16 -27.10 31.78
C ILE A 100 37.38 -28.36 31.43
N ASN A 101 36.49 -28.78 32.32
CA ASN A 101 35.71 -29.99 32.06
C ASN A 101 34.54 -29.77 31.11
N SER A 102 33.93 -30.87 30.70
CA SER A 102 32.87 -30.83 29.71
C SER A 102 31.62 -30.04 30.16
N SER A 103 31.32 -30.08 31.46
CA SER A 103 30.14 -29.38 31.97
C SER A 103 30.34 -27.87 32.06
N GLU A 104 31.57 -27.46 32.28
CA GLU A 104 31.91 -26.05 32.23
C GLU A 104 31.76 -25.52 30.79
N TRP A 105 32.24 -26.29 29.82
CA TRP A 105 32.09 -25.91 28.41
C TRP A 105 30.61 -25.79 28.03
N GLU A 106 29.80 -26.67 28.59
CA GLU A 106 28.37 -26.57 28.40
C GLU A 106 27.81 -25.21 28.83
N LYS A 107 28.31 -24.67 29.94
CA LYS A 107 27.83 -23.38 30.41
C LYS A 107 28.34 -22.26 29.49
N ALA A 108 29.62 -22.30 29.15
CA ALA A 108 30.20 -21.28 28.30
C ALA A 108 29.58 -21.30 26.92
N ALA A 109 29.39 -22.49 26.36
CA ALA A 109 28.79 -22.61 25.04
C ALA A 109 27.36 -22.07 25.00
N CYS A 110 26.61 -22.31 26.07
CA CYS A 110 25.31 -21.71 26.27
C CYS A 110 25.38 -20.19 26.11
N LEU A 111 26.26 -19.56 26.87
CA LEU A 111 26.41 -18.10 26.78
C LEU A 111 26.78 -17.68 25.37
N ALA A 112 27.69 -18.43 24.76
CA ALA A 112 28.06 -18.16 23.38
C ALA A 112 26.83 -18.20 22.44
N TRP A 113 26.00 -19.23 22.57
CA TRP A 113 24.81 -19.33 21.72
C TRP A 113 23.69 -18.33 22.05
N CYS A 114 23.64 -17.91 23.30
CA CYS A 114 22.84 -16.77 23.72
C CYS A 114 23.22 -15.43 23.06
N ILE A 115 24.52 -15.18 22.89
CA ILE A 115 24.88 -13.94 22.20
C ILE A 115 24.51 -14.03 20.73
N GLU A 116 24.70 -15.22 20.14
CA GLU A 116 24.33 -15.42 18.76
C GLU A 116 22.82 -15.30 18.55
N ILE A 117 22.05 -15.82 19.49
CA ILE A 117 20.61 -15.70 19.41
C ILE A 117 20.23 -14.21 19.50
N LEU A 118 20.99 -13.48 20.31
CA LEU A 118 20.74 -12.06 20.44
C LEU A 118 21.04 -11.33 19.14
N GLN A 119 22.16 -11.68 18.52
CA GLN A 119 22.50 -11.12 17.22
C GLN A 119 21.43 -11.50 16.18
N ALA A 120 20.94 -12.73 16.24
CA ALA A 120 19.86 -13.10 15.35
C ALA A 120 18.65 -12.17 15.54
N ALA A 121 18.21 -11.99 16.77
CA ALA A 121 17.09 -11.12 17.04
C ALA A 121 17.36 -9.68 16.57
N PHE A 122 18.54 -9.16 16.90
CA PHE A 122 18.89 -7.80 16.53
C PHE A 122 18.81 -7.62 15.02
N LEU A 123 19.23 -8.66 14.29
CA LEU A 123 19.33 -8.56 12.84
C LEU A 123 17.94 -8.63 12.22
N VAL A 124 17.09 -9.49 12.76
CA VAL A 124 15.72 -9.59 12.28
C VAL A 124 15.00 -8.25 12.46
N ALA A 125 15.22 -7.62 13.62
CA ALA A 125 14.62 -6.31 13.90
C ALA A 125 15.22 -5.19 13.06
N ASP A 126 16.55 -5.19 12.91
CA ASP A 126 17.26 -4.19 12.12
C ASP A 126 16.78 -4.20 10.68
N ASP A 127 16.57 -5.40 10.16
CA ASP A 127 16.19 -5.56 8.77
C ASP A 127 14.77 -5.08 8.52
N ILE A 128 13.93 -5.12 9.55
CA ILE A 128 12.61 -4.50 9.46
C ILE A 128 12.80 -2.99 9.37
N MET A 129 13.63 -2.47 10.26
CA MET A 129 13.81 -1.03 10.40
C MET A 129 14.57 -0.40 9.22
N ASP A 130 15.43 -1.17 8.56
CA ASP A 130 16.25 -0.63 7.49
C ASP A 130 15.77 -1.08 6.12
N LYS A 131 14.57 -1.68 6.07
CA LYS A 131 14.04 -2.23 4.83
C LYS A 131 15.01 -3.16 4.10
N GLY A 132 15.55 -4.12 4.84
CA GLY A 132 16.52 -5.05 4.29
C GLY A 132 15.98 -5.87 3.15
N GLU A 133 16.89 -6.34 2.29
CA GLU A 133 16.53 -7.24 1.22
C GLU A 133 17.10 -8.62 1.44
N MET A 134 18.36 -8.65 1.91
CA MET A 134 19.17 -9.87 1.97
C MET A 134 19.96 -9.86 3.27
N ARG A 135 19.98 -11.00 3.94
CA ARG A 135 20.76 -11.14 5.15
C ARG A 135 21.45 -12.49 5.14
N ARG A 136 22.77 -12.47 5.22
CA ARG A 136 23.54 -13.71 5.16
C ARG A 136 23.18 -14.51 3.91
N ASN A 137 23.05 -13.80 2.79
CA ASN A 137 22.87 -14.39 1.46
C ASN A 137 21.51 -15.02 1.25
N LYS A 138 20.56 -14.65 2.10
CA LYS A 138 19.20 -15.10 1.89
C LYS A 138 18.20 -14.03 2.29
N TYR A 139 16.97 -14.26 1.87
CA TYR A 139 15.89 -13.33 2.12
C TYR A 139 15.81 -13.00 3.61
N CYS A 140 15.65 -11.73 3.94
CA CYS A 140 15.29 -11.32 5.31
C CYS A 140 14.03 -12.02 5.82
N TRP A 141 14.07 -12.47 7.06
CA TRP A 141 12.97 -13.16 7.68
C TRP A 141 11.61 -12.49 7.52
N TYR A 142 11.53 -11.19 7.78
CA TYR A 142 10.30 -10.42 7.64
C TYR A 142 9.72 -10.35 6.24
N LEU A 143 10.55 -10.58 5.22
CA LEU A 143 10.04 -10.52 3.85
C LEU A 143 9.19 -11.74 3.43
N LEU A 144 9.37 -12.85 4.13
CA LEU A 144 8.82 -14.13 3.71
C LEU A 144 7.28 -14.13 3.82
N LYS A 145 6.61 -14.70 2.83
CA LYS A 145 5.18 -14.53 2.72
C LYS A 145 4.46 -15.29 3.80
N ASP A 146 5.12 -16.31 4.32
CA ASP A 146 4.61 -17.09 5.44
C ASP A 146 4.85 -16.42 6.81
N VAL A 147 5.56 -15.30 6.82
CA VAL A 147 6.09 -14.72 8.05
C VAL A 147 5.55 -13.30 8.20
N GLU A 148 5.95 -12.42 7.28
CA GLU A 148 5.61 -10.99 7.31
C GLU A 148 6.10 -10.25 8.54
N THR A 149 5.94 -8.91 8.52
CA THR A 149 6.32 -8.05 9.64
C THR A 149 5.65 -8.46 10.95
N LYS A 150 4.38 -8.85 10.90
CA LYS A 150 3.69 -9.17 12.14
C LYS A 150 4.32 -10.34 12.88
N ASN A 151 4.66 -11.41 12.15
CA ASN A 151 5.35 -12.51 12.80
C ASN A 151 6.78 -12.18 13.21
N ALA A 152 7.48 -11.41 12.39
CA ALA A 152 8.88 -11.16 12.63
C ALA A 152 9.10 -10.32 13.90
N VAL A 153 8.19 -9.38 14.12
CA VAL A 153 8.15 -8.59 15.35
C VAL A 153 7.91 -9.51 16.54
N ASN A 154 6.92 -10.38 16.42
CA ASN A 154 6.64 -11.35 17.50
C ASN A 154 7.81 -12.33 17.72
N ASP A 155 8.48 -12.69 16.63
CA ASP A 155 9.58 -13.64 16.68
C ASP A 155 10.81 -13.07 17.33
N VAL A 156 11.01 -11.77 17.16
CA VAL A 156 12.15 -11.12 17.79
C VAL A 156 12.07 -11.20 19.33
N LEU A 157 10.90 -10.88 19.88
CA LEU A 157 10.72 -10.84 21.31
C LEU A 157 10.78 -12.26 21.85
N LEU A 158 10.33 -13.21 21.05
CA LEU A 158 10.52 -14.61 21.42
C LEU A 158 12.00 -14.99 21.48
N LEU A 159 12.73 -14.67 20.42
CA LEU A 159 14.15 -14.97 20.43
C LEU A 159 14.83 -14.34 21.65
N TYR A 160 14.49 -13.09 21.92
CA TYR A 160 15.07 -12.38 23.04
C TYR A 160 14.81 -13.15 24.35
N ASN A 161 13.58 -13.58 24.55
CA ASN A 161 13.23 -14.19 25.80
C ASN A 161 13.78 -15.61 25.91
N SER A 162 13.99 -16.25 24.76
CA SER A 162 14.57 -17.57 24.79
C SER A 162 15.96 -17.56 25.42
N ILE A 163 16.69 -16.45 25.25
CA ILE A 163 18.02 -16.34 25.82
C ILE A 163 17.96 -16.58 27.34
N TYR A 164 17.04 -15.88 28.00
CA TYR A 164 17.00 -15.91 29.44
C TYR A 164 16.50 -17.25 29.95
N LYS A 165 15.67 -17.92 29.16
CA LYS A 165 15.26 -19.28 29.54
C LYS A 165 16.43 -20.27 29.43
N LEU A 166 17.31 -20.03 28.46
CA LEU A 166 18.50 -20.86 28.29
C LEU A 166 19.52 -20.63 29.37
N ILE A 167 19.64 -19.38 29.81
CA ILE A 167 20.58 -19.07 30.87
C ILE A 167 20.09 -19.63 32.20
N GLU A 168 18.77 -19.67 32.37
CA GLU A 168 18.19 -20.34 33.52
C GLU A 168 18.50 -21.83 33.51
N ILE A 169 18.16 -22.50 32.42
CA ILE A 169 18.34 -23.94 32.33
C ILE A 169 19.77 -24.39 32.66
N TYR A 170 20.77 -23.61 32.23
CA TYR A 170 22.17 -24.05 32.31
C TYR A 170 22.99 -23.36 33.41
N LEU A 171 22.47 -22.27 33.97
CA LEU A 171 23.26 -21.43 34.87
C LEU A 171 22.49 -21.00 36.12
N ARG A 172 21.29 -21.52 36.33
CA ARG A 172 20.48 -21.07 37.46
C ARG A 172 21.19 -21.27 38.81
N ASN A 173 22.20 -22.14 38.83
CA ASN A 173 22.90 -22.46 40.07
C ASN A 173 24.31 -21.90 40.21
N GLU A 174 24.81 -21.28 39.15
CA GLU A 174 26.06 -20.54 39.25
C GLU A 174 25.87 -19.26 40.06
N SER A 175 26.91 -18.89 40.80
CA SER A 175 26.87 -17.62 41.53
C SER A 175 26.90 -16.41 40.62
N CYS A 176 27.44 -16.53 39.41
CA CYS A 176 27.48 -15.40 38.47
C CYS A 176 26.15 -15.18 37.77
N TYR A 177 25.19 -16.04 38.07
CA TYR A 177 23.91 -16.04 37.38
C TYR A 177 23.26 -14.66 37.24
N VAL A 178 22.97 -14.04 38.37
CA VAL A 178 22.25 -12.77 38.37
C VAL A 178 23.03 -11.74 37.57
N ASP A 179 24.35 -11.80 37.68
CA ASP A 179 25.24 -10.83 37.04
C ASP A 179 25.23 -11.01 35.52
N VAL A 180 25.13 -12.26 35.09
CA VAL A 180 25.16 -12.50 33.67
C VAL A 180 23.90 -11.92 33.07
N ILE A 181 22.76 -12.17 33.72
CA ILE A 181 21.50 -11.73 33.17
C ILE A 181 21.32 -10.22 33.22
N ALA A 182 21.93 -9.57 34.20
CA ALA A 182 22.00 -8.12 34.18
C ALA A 182 22.86 -7.59 33.02
N THR A 183 23.90 -8.34 32.65
CA THR A 183 24.78 -7.95 31.56
C THR A 183 24.09 -8.00 30.20
N PHE A 184 23.30 -9.04 29.97
CA PHE A 184 22.42 -9.09 28.80
C PHE A 184 21.42 -7.94 28.83
N ARG A 185 20.81 -7.70 29.98
CA ARG A 185 19.73 -6.76 30.06
C ARG A 185 20.26 -5.34 29.78
N ASP A 186 21.37 -5.00 30.40
CA ASP A 186 21.97 -3.66 30.25
C ASP A 186 22.60 -3.46 28.87
N ALA A 187 23.24 -4.50 28.35
CA ALA A 187 23.78 -4.39 27.02
C ALA A 187 22.64 -4.19 26.01
N THR A 188 21.51 -4.85 26.24
CA THR A 188 20.39 -4.70 25.34
C THR A 188 19.85 -3.28 25.36
N LEU A 189 19.72 -2.72 26.57
CA LEU A 189 19.13 -1.42 26.76
C LEU A 189 19.95 -0.37 26.03
N LYS A 190 21.27 -0.50 26.11
CA LYS A 190 22.14 0.42 25.41
C LYS A 190 21.99 0.31 23.89
N THR A 191 21.80 -0.92 23.44
CA THR A 191 21.69 -1.21 22.03
C THR A 191 20.42 -0.60 21.46
N ILE A 192 19.35 -0.65 22.24
CA ILE A 192 18.08 -0.12 21.82
C ILE A 192 18.17 1.39 21.70
N ILE A 193 18.97 1.99 22.56
CA ILE A 193 19.13 3.44 22.57
C ILE A 193 19.90 3.89 21.34
N GLY A 194 20.95 3.13 21.02
CA GLY A 194 21.68 3.41 19.80
C GLY A 194 20.85 3.23 18.54
N GLN A 195 20.06 2.16 18.49
CA GLN A 195 19.15 1.93 17.38
C GLN A 195 18.17 3.09 17.19
N HIS A 196 17.65 3.59 18.31
CA HIS A 196 16.82 4.80 18.33
C HIS A 196 17.54 6.00 17.73
N LEU A 197 18.77 6.24 18.18
CA LEU A 197 19.55 7.33 17.61
C LEU A 197 19.78 7.12 16.11
N ASP A 198 20.15 5.90 15.71
CA ASP A 198 20.43 5.59 14.32
C ASP A 198 19.23 5.85 13.39
N THR A 199 18.04 5.73 13.96
CA THR A 199 16.83 5.79 13.22
C THR A 199 16.26 7.22 13.21
N ASN A 200 16.61 8.02 14.22
CA ASN A 200 15.94 9.30 14.42
C ASN A 200 16.82 10.56 14.36
N ILE A 201 18.14 10.35 14.25
CA ILE A 201 19.10 11.42 14.45
C ILE A 201 18.90 12.57 13.44
N PHE A 202 18.26 12.29 12.31
CA PHE A 202 18.03 13.29 11.28
C PHE A 202 16.56 13.77 11.25
N SER A 203 15.72 13.15 12.09
CA SER A 203 14.28 13.36 12.00
C SER A 203 13.89 14.68 12.65
N ASP A 204 12.71 15.19 12.30
CA ASP A 204 12.25 16.50 12.79
C ASP A 204 12.17 16.50 14.31
N LYS A 205 11.80 15.36 14.89
CA LYS A 205 11.94 15.17 16.34
C LYS A 205 13.13 15.95 16.87
N TYR A 206 14.25 15.85 16.16
CA TYR A 206 15.53 16.19 16.76
C TYR A 206 16.08 17.52 16.22
N SER A 207 15.41 18.08 15.21
CA SER A 207 15.83 19.34 14.60
C SER A 207 15.09 20.52 15.20
N GLU A 212 8.03 19.54 19.78
CA GLU A 212 7.34 18.48 20.51
C GLU A 212 6.70 17.45 19.56
N ILE A 213 6.72 16.18 19.94
CA ILE A 213 6.12 15.13 19.11
C ILE A 213 4.62 15.37 18.95
N ASP A 214 4.14 15.38 17.70
CA ASP A 214 2.73 15.71 17.42
C ASP A 214 1.89 14.45 17.56
N VAL A 215 1.19 14.33 18.68
CA VAL A 215 0.32 13.20 18.92
C VAL A 215 -1.01 13.30 18.16
N ASN A 216 -1.13 14.28 17.28
CA ASN A 216 -2.34 14.40 16.46
C ASN A 216 -2.13 14.18 14.98
N ASN A 217 -0.88 13.96 14.60
CA ASN A 217 -0.53 13.75 13.22
C ASN A 217 -0.37 12.27 12.90
N ILE A 218 -1.31 11.73 12.13
CA ILE A 218 -1.19 10.39 11.59
C ILE A 218 -1.30 10.40 10.08
N ASN A 219 -1.27 11.60 9.50
CA ASN A 219 -1.59 11.78 8.09
C ASN A 219 -0.45 12.31 7.23
N VAL A 220 0.40 13.14 7.84
CA VAL A 220 1.42 13.87 7.11
C VAL A 220 2.80 13.28 7.37
N PRO A 221 3.31 12.47 6.42
CA PRO A 221 4.57 11.76 6.63
C PRO A 221 5.77 12.70 6.57
N GLU A 222 6.79 12.41 7.37
CA GLU A 222 8.02 13.18 7.35
C GLU A 222 8.92 12.72 6.21
N GLN A 223 9.10 13.58 5.23
CA GLN A 223 10.04 13.30 4.16
C GLN A 223 11.45 13.50 4.71
N PRO A 224 12.26 12.44 4.64
CA PRO A 224 13.59 12.40 5.26
C PRO A 224 14.60 13.35 4.62
N VAL A 225 15.27 14.12 5.46
CA VAL A 225 16.31 15.03 5.03
C VAL A 225 17.48 14.84 5.96
N ILE A 226 18.67 15.24 5.54
CA ILE A 226 19.76 15.30 6.50
C ILE A 226 19.76 16.60 7.26
N ASP A 227 20.23 16.53 8.51
CA ASP A 227 20.41 17.71 9.33
C ASP A 227 21.90 17.95 9.53
N ILE A 228 22.38 19.07 9.00
CA ILE A 228 23.79 19.35 8.96
C ILE A 228 24.41 19.42 10.35
N ASN A 229 23.63 19.78 11.36
CA ASN A 229 24.20 19.94 12.71
C ASN A 229 24.58 18.63 13.35
N MET A 230 24.08 17.54 12.79
CA MET A 230 24.26 16.24 13.38
C MET A 230 25.34 15.45 12.63
N ILE A 231 25.92 16.08 11.62
CA ILE A 231 26.96 15.45 10.85
C ILE A 231 28.33 15.69 11.46
N ASN A 232 28.64 14.96 12.53
CA ASN A 232 29.94 15.07 13.19
C ASN A 232 30.28 13.80 13.92
N PHE A 233 31.56 13.53 14.10
CA PHE A 233 31.99 12.32 14.77
C PHE A 233 31.49 12.16 16.20
N GLY A 234 31.43 13.25 16.94
CA GLY A 234 30.92 13.19 18.31
C GLY A 234 29.58 12.48 18.36
N VAL A 235 28.68 12.88 17.47
CA VAL A 235 27.35 12.29 17.41
C VAL A 235 27.42 10.87 16.90
N TYR A 236 28.14 10.67 15.80
CA TYR A 236 28.41 9.34 15.30
C TYR A 236 28.87 8.33 16.37
N LYS A 237 29.91 8.69 17.12
CA LYS A 237 30.45 7.84 18.20
C LYS A 237 29.39 7.52 19.24
N ASN A 238 28.61 8.51 19.63
CA ASN A 238 27.46 8.28 20.48
C ASN A 238 26.60 7.12 19.94
N ILE A 239 26.36 7.16 18.63
CA ILE A 239 25.45 6.21 18.02
C ILE A 239 26.04 4.80 17.99
N VAL A 240 27.28 4.69 17.49
CA VAL A 240 27.84 3.38 17.17
C VAL A 240 28.34 2.65 18.39
N ILE A 241 28.75 3.41 19.40
CA ILE A 241 29.12 2.81 20.66
C ILE A 241 27.90 2.13 21.32
N HIS A 242 26.75 2.79 21.23
CA HIS A 242 25.51 2.22 21.78
C HIS A 242 24.87 1.12 20.93
N LYS A 243 24.81 1.32 19.62
CA LYS A 243 24.11 0.35 18.79
C LYS A 243 24.96 -0.90 18.50
N THR A 244 26.26 -0.81 18.76
CA THR A 244 27.17 -1.90 18.37
C THR A 244 28.15 -2.35 19.45
N ALA A 245 28.82 -1.39 20.10
CA ALA A 245 29.96 -1.71 20.96
C ALA A 245 29.60 -2.57 22.18
N TYR A 246 28.48 -2.28 22.79
CA TYR A 246 28.06 -2.98 24.00
C TYR A 246 27.68 -4.47 23.81
N TYR A 247 26.92 -4.78 22.77
CA TYR A 247 26.50 -6.16 22.59
C TYR A 247 27.47 -6.98 21.75
N SER A 248 28.26 -6.31 20.93
CA SER A 248 29.20 -7.04 20.10
C SER A 248 30.52 -7.31 20.81
N PHE A 249 30.86 -6.45 21.76
CA PHE A 249 32.18 -6.56 22.41
C PHE A 249 32.12 -6.68 23.91
N PHE A 250 31.48 -5.73 24.57
CA PHE A 250 31.45 -5.71 26.03
C PHE A 250 30.76 -6.96 26.56
N LEU A 251 29.63 -7.30 25.93
CA LEU A 251 28.78 -8.35 26.41
C LEU A 251 29.45 -9.72 26.34
N PRO A 252 29.95 -10.10 25.16
CA PRO A 252 30.62 -11.39 25.11
C PRO A 252 31.83 -11.48 26.02
N ILE A 253 32.66 -10.44 26.04
CA ILE A 253 33.85 -10.48 26.90
C ILE A 253 33.49 -10.60 28.38
N VAL A 254 32.53 -9.80 28.83
CA VAL A 254 32.13 -9.81 30.23
C VAL A 254 31.55 -11.16 30.63
N CYS A 255 30.83 -11.77 29.71
CA CYS A 255 30.25 -13.07 29.94
C CYS A 255 31.36 -14.08 30.25
N GLY A 256 32.41 -14.08 29.43
CA GLY A 256 33.51 -15.02 29.63
C GLY A 256 34.12 -14.77 31.01
N MET A 257 34.38 -13.50 31.28
CA MET A 257 34.98 -13.08 32.52
C MET A 257 34.11 -13.49 33.72
N LEU A 258 32.83 -13.18 33.67
CA LEU A 258 31.93 -13.50 34.76
C LEU A 258 31.94 -15.00 35.03
N LEU A 259 31.86 -15.78 33.96
CA LEU A 259 31.79 -17.21 34.12
C LEU A 259 33.08 -17.82 34.66
N ALA A 260 34.22 -17.21 34.31
CA ALA A 260 35.51 -17.66 34.82
C ALA A 260 35.81 -17.16 36.23
N GLY A 261 35.02 -16.22 36.72
CA GLY A 261 34.99 -15.90 38.13
C GLY A 261 35.77 -14.67 38.52
N ILE A 262 36.06 -13.80 37.56
CA ILE A 262 36.60 -12.50 37.88
C ILE A 262 35.53 -11.65 38.56
N ALA A 263 35.84 -11.16 39.74
CA ALA A 263 34.86 -10.46 40.56
C ALA A 263 34.41 -9.16 39.90
N VAL A 264 33.11 -8.91 39.97
CA VAL A 264 32.50 -7.75 39.35
C VAL A 264 33.17 -6.42 39.70
N ASP A 265 33.94 -6.40 40.80
CA ASP A 265 34.55 -5.16 41.29
C ASP A 265 35.95 -4.89 40.77
N ASN A 266 36.57 -5.90 40.15
CA ASN A 266 37.91 -5.77 39.55
C ASN A 266 37.98 -4.64 38.51
N LEU A 267 38.99 -3.79 38.66
CA LEU A 267 39.13 -2.60 37.82
C LEU A 267 39.32 -2.97 36.34
N ILE A 268 39.54 -4.26 36.08
CA ILE A 268 39.71 -4.74 34.72
C ILE A 268 38.47 -4.51 33.86
N TYR A 269 37.30 -4.65 34.47
CA TYR A 269 36.04 -4.43 33.77
C TYR A 269 35.90 -3.06 33.10
N LYS A 270 36.37 -2.03 33.78
CA LYS A 270 36.34 -0.66 33.22
C LYS A 270 37.28 -0.57 32.04
N LYS A 271 38.38 -1.31 32.07
CA LYS A 271 39.34 -1.27 30.98
C LYS A 271 38.74 -1.97 29.75
N ILE A 272 38.05 -3.07 30.01
CA ILE A 272 37.41 -3.84 28.98
C ILE A 272 36.26 -3.03 28.36
N GLU A 273 35.59 -2.23 29.19
CA GLU A 273 34.57 -1.34 28.66
C GLU A 273 35.13 -0.31 27.68
N ASP A 274 36.29 0.27 28.00
CA ASP A 274 36.87 1.30 27.13
C ASP A 274 37.36 0.67 25.84
N ILE A 275 37.98 -0.50 25.96
CA ILE A 275 38.46 -1.23 24.80
C ILE A 275 37.29 -1.62 23.90
N SER A 276 36.18 -2.02 24.53
CA SER A 276 35.00 -2.34 23.78
C SER A 276 34.46 -1.19 22.93
N MET A 277 34.45 0.01 23.51
CA MET A 277 34.03 1.19 22.76
C MET A 277 34.93 1.41 21.53
N LEU A 278 36.25 1.29 21.73
CA LEU A 278 37.16 1.53 20.64
C LEU A 278 36.90 0.54 19.51
N MET A 279 36.57 -0.69 19.87
CA MET A 279 36.48 -1.78 18.91
C MET A 279 35.17 -1.72 18.17
N GLY A 280 34.12 -1.34 18.90
CA GLY A 280 32.80 -1.19 18.30
C GLY A 280 32.79 -0.08 17.27
N GLU A 281 33.43 1.04 17.61
CA GLU A 281 33.58 2.17 16.69
C GLU A 281 34.38 1.69 15.49
N TYR A 282 35.44 0.94 15.76
CA TYR A 282 36.26 0.37 14.70
C TYR A 282 35.40 -0.56 13.81
N PHE A 283 34.59 -1.38 14.46
CA PHE A 283 33.80 -2.36 13.76
C PHE A 283 32.72 -1.70 12.92
N GLN A 284 32.04 -0.72 13.50
CA GLN A 284 30.92 -0.12 12.79
C GLN A 284 31.37 0.73 11.62
N ILE A 285 32.47 1.47 11.80
CA ILE A 285 33.05 2.21 10.69
C ILE A 285 33.39 1.30 9.52
N HIS A 286 33.89 0.11 9.82
CA HIS A 286 34.13 -0.88 8.79
C HIS A 286 32.85 -1.40 8.17
N ASP A 287 31.83 -1.61 9.00
CA ASP A 287 30.50 -1.95 8.44
C ASP A 287 30.00 -0.85 7.50
N ASP A 288 30.14 0.40 7.89
CA ASP A 288 29.72 1.51 7.05
C ASP A 288 30.45 1.51 5.71
N TYR A 289 31.75 1.18 5.77
CA TYR A 289 32.61 1.17 4.60
C TYR A 289 32.18 0.05 3.68
N LEU A 290 31.73 -1.06 4.25
CA LEU A 290 31.33 -2.19 3.42
C LEU A 290 30.05 -1.86 2.67
N ASP A 291 29.21 -1.01 3.26
CA ASP A 291 27.94 -0.67 2.65
C ASP A 291 28.11 -0.10 1.23
N ILE A 292 29.13 0.75 1.06
CA ILE A 292 29.42 1.33 -0.24
C ILE A 292 30.35 0.43 -1.03
N PHE A 293 31.39 -0.08 -0.37
CA PHE A 293 32.54 -0.64 -1.10
C PHE A 293 32.62 -2.15 -1.09
N GLY A 294 31.80 -2.79 -0.27
CA GLY A 294 31.84 -4.26 -0.16
C GLY A 294 31.17 -4.94 -1.34
N ASP A 295 31.35 -6.27 -1.43
CA ASP A 295 30.68 -7.06 -2.46
C ASP A 295 29.60 -7.97 -1.84
N SER A 296 28.35 -7.79 -2.23
CA SER A 296 27.25 -8.31 -1.43
C SER A 296 27.22 -9.83 -1.40
N THR A 297 27.94 -10.46 -2.33
CA THR A 297 28.05 -11.92 -2.34
C THR A 297 29.01 -12.38 -1.25
N LYS A 298 29.77 -11.45 -0.71
CA LYS A 298 30.68 -11.75 0.38
C LYS A 298 30.17 -11.26 1.75
N THR A 299 29.56 -10.08 1.77
CA THR A 299 28.87 -9.58 2.96
C THR A 299 27.57 -10.33 3.27
N GLY A 300 26.90 -10.80 2.22
CA GLY A 300 25.58 -11.40 2.37
C GLY A 300 24.41 -10.43 2.48
N LYS A 301 24.65 -9.15 2.23
CA LYS A 301 23.59 -8.16 2.37
C LYS A 301 23.78 -7.03 1.40
N VAL A 302 22.71 -6.28 1.18
CA VAL A 302 22.69 -5.22 0.16
C VAL A 302 22.84 -3.83 0.81
N GLY A 303 23.78 -3.04 0.29
CA GLY A 303 24.00 -1.67 0.81
C GLY A 303 22.79 -0.77 0.64
N SER A 304 22.59 0.15 1.58
CA SER A 304 21.31 0.85 1.74
C SER A 304 21.42 2.11 2.61
N ASP A 305 22.63 2.42 3.09
CA ASP A 305 22.79 3.55 4.04
C ASP A 305 22.40 4.90 3.44
N ILE A 306 22.70 5.08 2.16
CA ILE A 306 22.49 6.36 1.50
C ILE A 306 21.00 6.66 1.30
N GLN A 307 20.31 5.73 0.64
CA GLN A 307 18.87 5.82 0.48
C GLN A 307 18.06 5.73 1.78
N ASN A 308 18.61 5.11 2.84
CA ASN A 308 17.94 5.12 4.15
C ASN A 308 18.27 6.30 5.04
N ASN A 309 19.06 7.25 4.51
CA ASN A 309 19.32 8.52 5.18
C ASN A 309 20.08 8.31 6.47
N LYS A 310 21.09 7.46 6.44
CA LYS A 310 21.78 7.12 7.68
C LYS A 310 22.95 8.07 7.90
N LEU A 311 23.18 8.43 9.17
CA LEU A 311 24.43 9.06 9.57
C LEU A 311 25.61 8.07 9.60
N THR A 312 26.42 8.06 8.56
CA THR A 312 27.53 7.10 8.43
C THR A 312 28.91 7.77 8.47
N TRP A 313 29.94 6.96 8.62
CA TRP A 313 31.29 7.48 8.62
C TRP A 313 31.66 8.15 7.30
N PRO A 314 31.47 7.46 6.17
CA PRO A 314 31.66 8.05 4.85
C PRO A 314 30.97 9.40 4.66
N LEU A 315 29.71 9.51 5.08
CA LEU A 315 29.00 10.79 5.04
C LEU A 315 29.72 11.86 5.84
N ILE A 316 30.11 11.54 7.06
CA ILE A 316 30.74 12.53 7.87
C ILE A 316 32.09 12.94 7.30
N LYS A 317 32.87 11.97 6.83
CA LYS A 317 34.19 12.24 6.31
C LYS A 317 34.11 13.11 5.05
N THR A 318 33.23 12.73 4.12
CA THR A 318 33.02 13.47 2.90
C THR A 318 32.65 14.90 3.25
N PHE A 319 31.70 15.04 4.18
CA PHE A 319 31.22 16.35 4.57
C PHE A 319 32.33 17.21 5.19
N GLU A 320 33.28 16.56 5.86
CA GLU A 320 34.36 17.28 6.48
C GLU A 320 35.34 17.75 5.41
N LEU A 321 35.43 17.00 4.32
CA LEU A 321 36.43 17.25 3.29
C LEU A 321 35.97 18.19 2.17
N CYS A 322 34.68 18.16 1.86
CA CYS A 322 34.23 18.60 0.54
C CYS A 322 33.98 20.11 0.47
N SER A 323 34.01 20.62 -0.75
CA SER A 323 33.61 22.00 -1.06
C SER A 323 32.16 22.33 -0.67
N GLU A 324 31.88 23.61 -0.55
CA GLU A 324 30.57 24.06 -0.14
C GLU A 324 29.47 23.71 -1.14
N PRO A 325 29.76 23.77 -2.45
CA PRO A 325 28.74 23.34 -3.40
C PRO A 325 28.44 21.84 -3.29
N ASP A 326 29.45 21.07 -2.91
CA ASP A 326 29.29 19.64 -2.83
C ASP A 326 28.48 19.27 -1.57
N LYS A 327 28.58 20.11 -0.54
CA LYS A 327 27.68 20.00 0.60
C LYS A 327 26.23 20.18 0.21
N ILE A 328 25.95 21.16 -0.65
CA ILE A 328 24.61 21.41 -1.15
C ILE A 328 24.14 20.23 -1.97
N LYS A 329 25.04 19.69 -2.77
CA LYS A 329 24.73 18.52 -3.58
C LYS A 329 24.37 17.30 -2.72
N ILE A 330 25.03 17.14 -1.58
CA ILE A 330 24.74 16.01 -0.70
C ILE A 330 23.33 16.13 -0.08
N VAL A 331 23.08 17.30 0.49
CA VAL A 331 21.77 17.65 1.03
C VAL A 331 20.67 17.34 0.03
N LYS A 332 20.92 17.61 -1.24
CA LYS A 332 19.85 17.52 -2.23
C LYS A 332 19.65 16.11 -2.73
N ASN A 333 20.65 15.26 -2.47
CA ASN A 333 20.70 13.93 -3.07
C ASN A 333 20.69 12.76 -2.08
N TYR A 334 21.02 13.03 -0.82
CA TYR A 334 21.15 11.96 0.16
C TYR A 334 19.74 11.60 0.57
N GLY A 335 19.47 10.31 0.75
CA GLY A 335 18.34 9.90 1.56
C GLY A 335 17.12 9.77 0.68
N LYS A 336 17.37 9.49 -0.59
CA LYS A 336 16.30 9.38 -1.56
C LYS A 336 16.35 8.01 -2.24
N ASN A 337 15.23 7.31 -2.24
CA ASN A 337 15.19 6.01 -2.88
C ASN A 337 15.04 6.19 -4.39
N ASN A 338 16.16 6.41 -5.06
CA ASN A 338 16.17 7.06 -6.36
C ASN A 338 17.55 6.94 -7.01
N LEU A 339 17.62 6.31 -8.17
CA LEU A 339 18.89 5.82 -8.70
C LEU A 339 19.90 6.93 -8.98
N ALA A 340 19.47 7.97 -9.68
CA ALA A 340 20.41 9.03 -10.02
C ALA A 340 20.93 9.72 -8.77
N CYS A 341 20.06 9.91 -7.78
CA CYS A 341 20.46 10.51 -6.52
C CYS A 341 21.59 9.70 -5.83
N VAL A 342 21.39 8.40 -5.66
CA VAL A 342 22.39 7.59 -4.97
C VAL A 342 23.72 7.60 -5.71
N LYS A 343 23.66 7.68 -7.03
CA LYS A 343 24.87 7.67 -7.85
C LYS A 343 25.69 8.93 -7.64
N VAL A 344 25.02 10.05 -7.38
CA VAL A 344 25.72 11.31 -7.09
C VAL A 344 26.53 11.21 -5.79
N ILE A 345 25.88 10.66 -4.77
CA ILE A 345 26.55 10.45 -3.50
C ILE A 345 27.69 9.44 -3.62
N ASP A 346 27.46 8.41 -4.42
CA ASP A 346 28.49 7.42 -4.67
C ASP A 346 29.73 8.08 -5.30
N SER A 347 29.51 8.95 -6.28
CA SER A 347 30.60 9.49 -7.07
C SER A 347 31.35 10.55 -6.27
N LEU A 348 30.68 11.12 -5.29
CA LEU A 348 31.33 11.96 -4.28
C LEU A 348 32.23 11.14 -3.36
N TYR A 349 31.82 9.92 -3.04
CA TYR A 349 32.66 9.13 -2.18
C TYR A 349 33.92 8.74 -2.94
N GLU A 350 33.81 8.46 -4.20
CA GLU A 350 34.97 8.22 -4.94
C GLU A 350 35.78 9.45 -5.15
N GLN A 351 35.11 10.54 -5.45
CA GLN A 351 35.83 11.79 -5.70
C GLN A 351 36.72 12.23 -4.53
N TYR A 352 36.22 12.06 -3.31
CA TYR A 352 36.97 12.47 -2.14
C TYR A 352 37.69 11.28 -1.48
N LYS A 353 37.84 10.22 -2.22
CA LYS A 353 38.81 9.26 -1.87
C LYS A 353 38.53 8.68 -0.54
N ILE A 354 37.30 8.30 -0.32
CA ILE A 354 36.88 7.79 0.98
C ILE A 354 37.54 6.45 1.28
N ARG A 355 37.74 5.63 0.24
CA ARG A 355 38.50 4.40 0.39
C ARG A 355 39.81 4.69 1.12
N LYS A 356 40.57 5.62 0.58
CA LYS A 356 41.90 5.89 1.10
C LYS A 356 41.85 6.41 2.53
N HIS A 357 40.84 7.23 2.82
CA HIS A 357 40.70 7.80 4.15
C HIS A 357 40.31 6.73 5.15
N TYR A 358 39.49 5.77 4.72
CA TYR A 358 39.22 4.63 5.57
C TYR A 358 40.50 3.89 5.90
N GLU A 359 41.26 3.50 4.87
CA GLU A 359 42.44 2.67 5.07
C GLU A 359 43.34 3.37 6.07
N SER A 360 43.27 4.69 6.03
CA SER A 360 44.07 5.53 6.89
C SER A 360 43.51 5.62 8.30
N TYR A 361 42.18 5.64 8.42
CA TYR A 361 41.53 5.52 9.73
C TYR A 361 41.81 4.16 10.39
N GLU A 362 41.74 3.09 9.59
CA GLU A 362 41.82 1.71 10.07
C GLU A 362 43.12 1.49 10.82
N LYS A 363 44.20 2.09 10.31
CA LYS A 363 45.56 1.83 10.79
C LYS A 363 45.84 2.56 12.13
N ALA A 364 45.45 3.83 12.18
CA ALA A 364 45.52 4.61 13.41
C ALA A 364 44.69 4.01 14.53
N GLN A 365 43.43 3.64 14.21
CA GLN A 365 42.53 3.06 15.20
C GLN A 365 43.01 1.71 15.69
N LYS A 366 43.55 0.89 14.79
CA LYS A 366 44.12 -0.38 15.17
C LYS A 366 45.25 -0.20 16.19
N ALA A 367 46.12 0.78 15.93
CA ALA A 367 47.22 1.06 16.85
C ALA A 367 46.71 1.52 18.22
N LYS A 368 45.74 2.39 18.19
CA LYS A 368 45.17 2.89 19.39
C LYS A 368 44.51 1.80 20.22
N ILE A 369 43.92 0.83 19.56
CA ILE A 369 43.32 -0.32 20.23
C ILE A 369 44.36 -1.25 20.84
N LEU A 370 45.33 -1.66 20.01
CA LEU A 370 46.46 -2.46 20.45
C LEU A 370 47.13 -1.82 21.66
N SER A 371 47.21 -0.50 21.64
CA SER A 371 47.91 0.21 22.69
C SER A 371 47.08 0.20 23.98
N ALA A 372 45.76 0.20 23.84
CA ALA A 372 44.90 0.03 25.01
C ALA A 372 44.94 -1.41 25.52
N ILE A 373 45.05 -2.36 24.58
CA ILE A 373 45.10 -3.77 24.94
C ILE A 373 46.31 -4.04 25.82
N ASN A 374 47.42 -3.38 25.50
CA ASN A 374 48.67 -3.69 26.18
C ASN A 374 48.71 -3.14 27.60
N GLU A 375 47.69 -2.35 27.93
CA GLU A 375 47.55 -1.78 29.27
C GLU A 375 46.62 -2.61 30.16
N LEU A 376 46.12 -3.72 29.63
CA LEU A 376 45.31 -4.65 30.42
C LEU A 376 46.08 -5.32 31.55
N HIS A 377 47.30 -5.74 31.25
CA HIS A 377 48.08 -6.57 32.19
C HIS A 377 47.35 -7.88 32.48
N HIS A 378 46.98 -8.58 31.42
CA HIS A 378 46.44 -9.92 31.54
C HIS A 378 46.71 -10.65 30.24
N GLU A 379 47.71 -11.53 30.28
CA GLU A 379 48.25 -12.12 29.06
C GLU A 379 47.19 -12.84 28.25
N GLY A 380 46.30 -13.54 28.94
CA GLY A 380 45.28 -14.37 28.30
C GLY A 380 44.26 -13.56 27.53
N ILE A 381 43.73 -12.53 28.17
CA ILE A 381 42.74 -11.67 27.57
C ILE A 381 43.38 -10.83 26.47
N GLU A 382 44.60 -10.37 26.70
CA GLU A 382 45.29 -9.55 25.71
C GLU A 382 45.49 -10.35 24.42
N TYR A 383 45.85 -11.62 24.58
CA TYR A 383 45.98 -12.48 23.40
C TYR A 383 44.66 -12.59 22.63
N VAL A 384 43.59 -12.96 23.32
CA VAL A 384 42.31 -13.17 22.66
C VAL A 384 41.86 -11.91 21.94
N LEU A 385 42.07 -10.74 22.55
CA LEU A 385 41.67 -9.49 21.91
C LEU A 385 42.54 -9.17 20.71
N LYS A 386 43.82 -9.52 20.76
CA LYS A 386 44.68 -9.35 19.58
C LYS A 386 44.23 -10.31 18.49
N TYR A 387 43.95 -11.55 18.88
CA TYR A 387 43.45 -12.53 17.95
C TYR A 387 42.16 -12.03 17.28
N LEU A 388 41.18 -11.68 18.10
CA LEU A 388 39.96 -11.10 17.62
C LEU A 388 40.21 -10.02 16.57
N LEU A 389 41.09 -9.09 16.90
CA LEU A 389 41.40 -7.99 16.00
C LEU A 389 41.81 -8.48 14.60
N GLU A 390 42.67 -9.50 14.56
CA GLU A 390 43.12 -10.04 13.27
C GLU A 390 41.94 -10.56 12.46
N ILE A 391 41.12 -11.41 13.06
CA ILE A 391 40.11 -12.15 12.32
C ILE A 391 38.71 -11.53 12.39
N LEU A 392 38.64 -10.21 12.57
CA LEU A 392 37.38 -9.54 12.87
C LEU A 392 36.52 -9.39 11.61
N PHE A 393 37.19 -9.31 10.46
CA PHE A 393 36.52 -9.09 9.20
C PHE A 393 36.49 -10.37 8.38
N LEU B 34 -4.76 2.14 46.07
CA LEU B 34 -5.76 2.11 44.97
C LEU B 34 -5.72 3.40 44.18
N ALA B 35 -5.68 4.53 44.89
CA ALA B 35 -5.31 5.80 44.30
C ALA B 35 -3.87 6.12 44.68
N PHE B 36 -3.39 5.46 45.72
CA PHE B 36 -1.97 5.45 46.07
C PHE B 36 -1.13 4.90 44.92
N PHE B 37 -1.71 3.95 44.18
CA PHE B 37 -0.99 3.27 43.13
C PHE B 37 -0.74 4.20 41.94
N ARG B 38 -1.72 5.02 41.60
CA ARG B 38 -1.59 5.92 40.47
C ARG B 38 -0.62 7.06 40.76
N ASN B 39 -0.50 7.42 42.03
CA ASN B 39 0.42 8.48 42.45
C ASN B 39 1.88 8.08 42.29
N MET B 40 2.16 6.78 42.35
CA MET B 40 3.53 6.31 42.41
C MET B 40 4.16 6.25 41.03
N TYR B 41 3.35 6.45 40.00
CA TYR B 41 3.76 6.20 38.62
C TYR B 41 5.00 7.00 38.25
N ASP B 42 4.91 8.32 38.46
CA ASP B 42 5.98 9.27 38.25
C ASP B 42 7.33 8.74 38.77
N LYS B 43 7.32 8.22 39.99
CA LYS B 43 8.55 7.79 40.65
C LYS B 43 9.21 6.68 39.85
N TYR B 44 8.40 5.72 39.38
CA TYR B 44 8.98 4.58 38.65
C TYR B 44 9.39 4.97 37.26
N ARG B 45 8.61 5.82 36.62
CA ARG B 45 8.94 6.29 35.30
C ARG B 45 10.26 7.05 35.36
N ASP B 46 10.39 7.95 36.32
CA ASP B 46 11.58 8.79 36.41
C ASP B 46 12.80 7.99 36.83
N ALA B 47 12.58 6.93 37.62
CA ALA B 47 13.70 6.12 38.06
C ALA B 47 14.35 5.51 36.83
N PHE B 48 13.53 5.08 35.88
CA PHE B 48 14.06 4.50 34.66
C PHE B 48 14.61 5.58 33.74
N LEU B 49 13.86 6.65 33.54
CA LEU B 49 14.36 7.76 32.77
C LEU B 49 15.72 8.25 33.29
N SER B 50 15.92 8.12 34.59
CA SER B 50 17.11 8.67 35.21
C SER B 50 18.29 7.77 34.83
N HIS B 51 17.99 6.49 34.68
CA HIS B 51 19.00 5.51 34.33
C HIS B 51 19.51 5.75 32.90
N LEU B 52 18.60 5.96 31.95
CA LEU B 52 18.96 6.30 30.59
C LEU B 52 19.88 7.52 30.57
N ASN B 53 19.60 8.45 31.48
CA ASN B 53 20.22 9.75 31.46
C ASN B 53 21.63 9.70 32.07
N GLU B 54 22.01 8.55 32.64
CA GLU B 54 23.39 8.28 33.07
C GLU B 54 24.29 7.83 31.91
N TYR B 55 23.68 7.53 30.77
CA TYR B 55 24.41 7.05 29.61
C TYR B 55 25.42 8.09 29.12
N SER B 56 26.51 7.61 28.55
CA SER B 56 27.59 8.47 28.07
C SER B 56 27.21 9.04 26.71
N LEU B 57 26.40 10.10 26.73
CA LEU B 57 25.97 10.74 25.49
C LEU B 57 26.16 12.24 25.63
N GLU B 58 26.06 12.95 24.50
CA GLU B 58 26.18 14.39 24.49
C GLU B 58 24.96 15.07 25.12
N GLU B 59 25.15 16.20 25.78
CA GLU B 59 24.07 16.74 26.60
C GLU B 59 22.78 16.98 25.79
N GLU B 60 22.91 17.48 24.58
CA GLU B 60 21.73 17.77 23.75
C GLU B 60 21.01 16.49 23.28
N ILE B 61 21.77 15.42 23.12
CA ILE B 61 21.20 14.13 22.77
C ILE B 61 20.45 13.51 23.95
N LYS B 62 21.03 13.62 25.15
CA LYS B 62 20.32 13.33 26.40
C LYS B 62 18.96 14.01 26.49
N GLU B 63 18.92 15.30 26.18
CA GLU B 63 17.69 16.08 26.24
C GLU B 63 16.63 15.50 25.30
N HIS B 64 17.03 15.12 24.09
CA HIS B 64 16.10 14.51 23.12
C HIS B 64 15.60 13.13 23.57
N ILE B 65 16.50 12.33 24.12
CA ILE B 65 16.18 10.98 24.61
C ILE B 65 15.12 11.12 25.70
N SER B 66 15.32 12.07 26.59
CA SER B 66 14.43 12.23 27.72
C SER B 66 13.04 12.51 27.23
N LYS B 67 12.96 13.46 26.32
CA LYS B 67 11.70 14.03 25.88
C LYS B 67 10.91 12.95 25.12
N TYR B 68 11.62 12.12 24.35
CA TYR B 68 10.97 11.05 23.60
C TYR B 68 10.45 9.96 24.55
N TYR B 69 11.31 9.54 25.49
CA TYR B 69 11.00 8.37 26.27
C TYR B 69 10.01 8.64 27.40
N LYS B 70 9.98 9.88 27.87
CA LYS B 70 8.94 10.31 28.77
C LYS B 70 7.56 10.23 28.12
N LEU B 71 7.49 10.61 26.85
CA LEU B 71 6.23 10.55 26.14
C LEU B 71 5.84 9.11 25.83
N LEU B 72 6.83 8.29 25.48
CA LEU B 72 6.60 6.88 25.27
C LEU B 72 5.86 6.26 26.45
N PHE B 73 6.37 6.53 27.66
CA PHE B 73 5.79 5.97 28.86
C PHE B 73 4.42 6.58 29.15
N ASP B 74 4.33 7.90 29.11
CA ASP B 74 3.07 8.60 29.46
C ASP B 74 1.98 8.20 28.48
N TYR B 75 2.32 8.23 27.19
CA TYR B 75 1.31 7.99 26.17
C TYR B 75 0.73 6.59 26.32
N ASN B 76 1.55 5.62 26.69
CA ASN B 76 1.12 4.23 26.63
C ASN B 76 0.84 3.58 27.98
N CYS B 77 1.46 4.08 29.05
CA CYS B 77 1.24 3.48 30.37
C CYS B 77 0.03 4.06 31.13
N LEU B 78 -0.45 5.20 30.67
CA LEU B 78 -1.52 5.91 31.35
C LEU B 78 -2.87 5.72 30.65
N GLY B 79 -3.96 5.92 31.39
CA GLY B 79 -5.30 5.93 30.83
C GLY B 79 -6.00 4.59 30.84
N GLY B 80 -5.35 3.56 31.38
CA GLY B 80 -5.95 2.22 31.44
C GLY B 80 -6.77 2.02 32.71
N LYS B 81 -7.42 0.87 32.82
CA LYS B 81 -8.24 0.58 34.00
C LYS B 81 -7.36 0.12 35.15
N ASN B 82 -6.17 -0.40 34.81
CA ASN B 82 -5.16 -0.77 35.80
C ASN B 82 -5.57 -2.00 36.62
N ASN B 83 -6.44 -2.81 36.05
CA ASN B 83 -6.83 -4.05 36.70
C ASN B 83 -5.65 -4.94 37.13
N ARG B 84 -4.73 -5.19 36.21
CA ARG B 84 -3.62 -6.08 36.54
C ARG B 84 -2.74 -5.51 37.67
N GLY B 85 -2.48 -4.19 37.62
CA GLY B 85 -1.69 -3.52 38.66
C GLY B 85 -2.34 -3.52 40.03
N ILE B 86 -3.63 -3.22 40.06
CA ILE B 86 -4.36 -3.22 41.30
C ILE B 86 -4.45 -4.65 41.85
N LEU B 87 -4.44 -5.63 40.95
CA LEU B 87 -4.55 -7.00 41.39
C LEU B 87 -3.31 -7.38 42.19
N VAL B 88 -2.16 -6.83 41.81
CA VAL B 88 -0.94 -7.06 42.58
C VAL B 88 -1.00 -6.43 43.98
N ILE B 89 -1.37 -5.15 44.02
CA ILE B 89 -1.55 -4.43 45.26
C ILE B 89 -2.43 -5.22 46.20
N LEU B 90 -3.62 -5.59 45.72
CA LEU B 90 -4.61 -6.18 46.60
C LEU B 90 -4.15 -7.54 47.09
N ILE B 91 -3.56 -8.35 46.21
CA ILE B 91 -3.10 -9.67 46.63
C ILE B 91 -2.03 -9.49 47.69
N TYR B 92 -1.09 -8.59 47.42
CA TYR B 92 -0.06 -8.29 48.41
C TYR B 92 -0.65 -8.01 49.77
N GLU B 93 -1.60 -7.07 49.82
CA GLU B 93 -2.23 -6.70 51.07
C GLU B 93 -2.89 -7.88 51.78
N TYR B 94 -3.68 -8.67 51.07
CA TYR B 94 -4.62 -9.58 51.71
C TYR B 94 -4.13 -11.02 51.91
N VAL B 95 -2.94 -11.32 51.43
CA VAL B 95 -2.14 -12.43 52.01
C VAL B 95 -1.61 -12.05 53.40
N LYS B 96 -1.17 -10.78 53.51
CA LYS B 96 -0.39 -10.24 54.63
C LYS B 96 -1.27 -9.92 55.86
N ASN B 97 -0.63 -9.54 56.95
CA ASN B 97 -1.24 -8.69 57.98
C ASN B 97 -0.08 -7.85 58.46
N ARG B 98 -0.28 -6.53 58.41
CA ARG B 98 0.79 -5.63 58.05
C ARG B 98 1.87 -5.48 59.12
N ILE B 100 2.35 -3.46 57.09
CA ILE B 100 3.06 -3.13 55.86
C ILE B 100 3.49 -1.66 55.86
N ASN B 101 4.81 -1.46 55.93
CA ASN B 101 5.39 -0.12 55.95
C ASN B 101 5.66 0.45 54.56
N SER B 102 6.05 1.71 54.53
CA SER B 102 5.98 2.49 53.31
C SER B 102 6.96 1.98 52.26
N SER B 103 8.00 1.31 52.72
CA SER B 103 9.00 0.78 51.82
C SER B 103 8.69 -0.61 51.29
N GLU B 104 7.91 -1.39 52.04
CA GLU B 104 7.28 -2.57 51.49
C GLU B 104 6.29 -2.25 50.36
N TRP B 105 5.48 -1.20 50.54
CA TRP B 105 4.54 -0.77 49.53
C TRP B 105 5.25 -0.27 48.27
N GLU B 106 6.42 0.32 48.46
CA GLU B 106 7.17 0.86 47.35
C GLU B 106 7.62 -0.27 46.43
N LYS B 107 7.88 -1.42 47.04
CA LYS B 107 8.27 -2.60 46.29
C LYS B 107 7.09 -3.20 45.57
N ALA B 108 5.94 -3.28 46.25
CA ALA B 108 4.72 -3.78 45.61
C ALA B 108 4.23 -2.86 44.47
N ALA B 109 4.20 -1.55 44.72
CA ALA B 109 3.77 -0.60 43.71
C ALA B 109 4.65 -0.74 42.48
N CYS B 110 5.93 -1.04 42.70
CA CYS B 110 6.84 -1.18 41.58
C CYS B 110 6.40 -2.35 40.67
N LEU B 111 6.13 -3.50 41.28
CA LEU B 111 5.68 -4.69 40.56
C LEU B 111 4.36 -4.41 39.87
N ALA B 112 3.48 -3.69 40.55
CA ALA B 112 2.22 -3.25 39.96
C ALA B 112 2.42 -2.39 38.71
N TRP B 113 3.28 -1.40 38.78
CA TRP B 113 3.56 -0.62 37.59
C TRP B 113 4.28 -1.41 36.49
N CYS B 114 5.08 -2.39 36.88
CA CYS B 114 5.75 -3.24 35.91
C CYS B 114 4.77 -4.07 35.10
N ILE B 115 3.66 -4.49 35.70
CA ILE B 115 2.67 -5.20 34.91
C ILE B 115 1.98 -4.24 33.95
N GLU B 116 1.81 -2.99 34.38
CA GLU B 116 1.16 -2.00 33.56
C GLU B 116 2.05 -1.52 32.42
N ILE B 117 3.35 -1.52 32.66
CA ILE B 117 4.32 -1.32 31.58
C ILE B 117 4.30 -2.48 30.59
N LEU B 118 4.16 -3.69 31.12
CA LEU B 118 4.12 -4.87 30.28
C LEU B 118 2.85 -4.84 29.42
N GLN B 119 1.77 -4.34 30.01
CA GLN B 119 0.51 -4.26 29.26
C GLN B 119 0.64 -3.21 28.18
N ALA B 120 1.32 -2.11 28.50
CA ALA B 120 1.60 -1.08 27.51
C ALA B 120 2.39 -1.65 26.30
N ALA B 121 3.44 -2.41 26.59
CA ALA B 121 4.28 -2.96 25.54
C ALA B 121 3.46 -3.93 24.67
N PHE B 122 2.67 -4.79 25.33
CA PHE B 122 1.90 -5.81 24.60
C PHE B 122 0.94 -5.11 23.66
N LEU B 123 0.38 -3.99 24.12
CA LEU B 123 -0.64 -3.28 23.39
C LEU B 123 -0.03 -2.56 22.18
N VAL B 124 1.10 -1.88 22.38
CA VAL B 124 1.77 -1.26 21.27
C VAL B 124 2.09 -2.31 20.20
N ALA B 125 2.55 -3.47 20.63
CA ALA B 125 2.85 -4.53 19.71
C ALA B 125 1.58 -5.10 19.10
N ASP B 126 0.55 -5.35 19.91
CA ASP B 126 -0.72 -5.88 19.37
C ASP B 126 -1.27 -5.01 18.23
N ASP B 127 -1.26 -3.70 18.47
CA ASP B 127 -1.86 -2.78 17.56
C ASP B 127 -1.08 -2.74 16.25
N ILE B 128 0.22 -2.99 16.32
CA ILE B 128 0.93 -3.17 15.08
C ILE B 128 0.42 -4.42 14.38
N MET B 129 0.36 -5.52 15.12
CA MET B 129 -0.02 -6.79 14.53
C MET B 129 -1.46 -6.81 14.01
N ASP B 130 -2.34 -6.04 14.67
CA ASP B 130 -3.76 -6.11 14.42
C ASP B 130 -4.23 -4.84 13.66
N LYS B 131 -3.29 -4.08 13.12
CA LYS B 131 -3.60 -2.88 12.34
C LYS B 131 -4.61 -2.04 13.07
N GLY B 132 -4.30 -1.74 14.32
CA GLY B 132 -5.18 -0.94 15.16
C GLY B 132 -5.33 0.49 14.68
N GLU B 133 -6.41 1.13 15.09
CA GLU B 133 -6.64 2.51 14.75
C GLU B 133 -6.63 3.36 16.01
N MET B 134 -7.15 2.81 17.09
CA MET B 134 -7.46 3.58 18.28
C MET B 134 -7.21 2.70 19.48
N ARG B 135 -6.61 3.29 20.51
CA ARG B 135 -6.30 2.60 21.74
C ARG B 135 -6.48 3.56 22.91
N ARG B 136 -7.39 3.21 23.84
CA ARG B 136 -7.72 4.05 24.97
C ARG B 136 -8.19 5.44 24.51
N ASN B 137 -8.90 5.47 23.40
CA ASN B 137 -9.48 6.69 22.85
C ASN B 137 -8.47 7.64 22.21
N LYS B 138 -7.29 7.15 21.89
CA LYS B 138 -6.39 7.93 21.05
C LYS B 138 -5.71 7.06 20.01
N TYR B 139 -5.02 7.73 19.10
CA TYR B 139 -4.30 7.06 18.05
C TYR B 139 -3.32 6.04 18.64
N CYS B 140 -3.28 4.85 18.06
CA CYS B 140 -2.20 3.91 18.36
C CYS B 140 -0.81 4.49 18.11
N TRP B 141 0.07 4.29 19.08
CA TRP B 141 1.44 4.82 19.03
C TRP B 141 2.12 4.67 17.66
N TYR B 142 2.00 3.48 17.06
CA TYR B 142 2.66 3.19 15.80
C TYR B 142 2.13 4.00 14.62
N LEU B 143 0.99 4.66 14.78
CA LEU B 143 0.43 5.42 13.68
C LEU B 143 0.97 6.83 13.57
N LEU B 144 1.51 7.32 14.67
CA LEU B 144 2.05 8.67 14.74
C LEU B 144 3.20 8.83 13.76
N LYS B 145 3.19 9.92 13.00
CA LYS B 145 4.20 10.15 11.98
C LYS B 145 5.57 10.42 12.53
N ASP B 146 5.63 10.90 13.77
CA ASP B 146 6.91 11.05 14.45
C ASP B 146 7.47 9.72 14.92
N VAL B 147 6.62 8.68 14.93
CA VAL B 147 6.97 7.41 15.53
C VAL B 147 7.12 6.38 14.42
N GLU B 148 6.00 5.97 13.83
CA GLU B 148 5.94 4.90 12.83
C GLU B 148 6.30 3.51 13.38
N THR B 149 6.15 2.49 12.52
CA THR B 149 6.35 1.11 12.95
C THR B 149 7.78 0.91 13.44
N LYS B 150 8.76 1.54 12.79
CA LYS B 150 10.14 1.26 13.07
C LYS B 150 10.54 1.78 14.44
N ASN B 151 9.87 2.82 14.92
CA ASN B 151 10.07 3.27 16.30
C ASN B 151 9.30 2.46 17.33
N ALA B 152 8.11 2.03 16.96
CA ALA B 152 7.18 1.38 17.89
C ALA B 152 7.71 0.01 18.26
N VAL B 153 8.29 -0.67 17.27
CA VAL B 153 8.87 -1.96 17.46
C VAL B 153 10.05 -1.86 18.40
N ASN B 154 10.93 -0.91 18.15
CA ASN B 154 12.05 -0.60 19.04
C ASN B 154 11.58 -0.18 20.42
N ASP B 155 10.50 0.60 20.48
CA ASP B 155 9.92 1.06 21.75
C ASP B 155 9.32 -0.04 22.64
N VAL B 156 8.81 -1.08 21.99
CA VAL B 156 8.30 -2.23 22.72
C VAL B 156 9.36 -3.00 23.51
N LEU B 157 10.50 -3.27 22.87
CA LEU B 157 11.58 -3.99 23.53
C LEU B 157 12.13 -3.12 24.66
N LEU B 158 12.21 -1.82 24.38
CA LEU B 158 12.59 -0.86 25.40
C LEU B 158 11.64 -0.94 26.58
N LEU B 159 10.34 -0.79 26.34
CA LEU B 159 9.40 -0.87 27.46
C LEU B 159 9.60 -2.20 28.18
N TYR B 160 9.78 -3.27 27.42
CA TYR B 160 9.99 -4.58 28.03
C TYR B 160 11.17 -4.59 28.99
N ASN B 161 12.34 -4.16 28.52
CA ASN B 161 13.50 -4.22 29.35
C ASN B 161 13.45 -3.27 30.53
N SER B 162 12.71 -2.18 30.41
CA SER B 162 12.62 -1.21 31.50
C SER B 162 12.04 -1.87 32.75
N ILE B 163 11.15 -2.83 32.53
CA ILE B 163 10.59 -3.60 33.62
C ILE B 163 11.69 -4.21 34.48
N TYR B 164 12.61 -4.93 33.85
CA TYR B 164 13.62 -5.63 34.60
C TYR B 164 14.63 -4.67 35.26
N LYS B 165 14.86 -3.52 34.64
CA LYS B 165 15.67 -2.51 35.29
C LYS B 165 14.97 -1.98 36.54
N LEU B 166 13.65 -1.81 36.47
CA LEU B 166 12.91 -1.37 37.63
C LEU B 166 12.88 -2.41 38.75
N ILE B 167 12.75 -3.68 38.38
CA ILE B 167 12.73 -4.72 39.39
C ILE B 167 14.08 -4.82 40.11
N GLU B 168 15.16 -4.54 39.39
CA GLU B 168 16.50 -4.52 39.95
C GLU B 168 16.72 -3.34 40.89
N ILE B 169 16.29 -2.17 40.47
CA ILE B 169 16.40 -1.00 41.33
C ILE B 169 15.69 -1.21 42.66
N TYR B 170 14.52 -1.87 42.66
CA TYR B 170 13.67 -1.89 43.86
C TYR B 170 13.67 -3.22 44.64
N LEU B 171 14.17 -4.29 44.01
CA LEU B 171 14.03 -5.63 44.57
C LEU B 171 15.33 -6.48 44.47
N ARG B 172 16.43 -5.87 44.04
CA ARG B 172 17.68 -6.64 43.91
C ARG B 172 18.13 -7.36 45.19
N ASN B 173 17.63 -6.92 46.34
CA ASN B 173 18.04 -7.51 47.63
C ASN B 173 16.98 -8.37 48.31
N GLU B 174 15.77 -8.36 47.78
CA GLU B 174 14.73 -9.25 48.24
C GLU B 174 15.11 -10.67 47.88
N SER B 175 14.74 -11.63 48.71
CA SER B 175 15.05 -13.01 48.42
C SER B 175 14.16 -13.58 47.31
N CYS B 176 12.97 -12.99 47.14
CA CYS B 176 12.05 -13.41 46.09
C CYS B 176 12.48 -12.89 44.69
N TYR B 177 13.48 -12.03 44.66
CA TYR B 177 13.95 -11.40 43.42
C TYR B 177 14.01 -12.31 42.18
N VAL B 178 14.74 -13.43 42.29
CA VAL B 178 15.00 -14.28 41.13
C VAL B 178 13.73 -14.97 40.61
N ASP B 179 12.80 -15.25 41.53
CA ASP B 179 11.54 -15.87 41.16
C ASP B 179 10.61 -14.86 40.48
N VAL B 180 10.56 -13.65 41.02
CA VAL B 180 9.79 -12.60 40.39
C VAL B 180 10.24 -12.47 38.93
N ILE B 181 11.53 -12.26 38.68
CA ILE B 181 11.90 -12.01 37.32
C ILE B 181 11.69 -13.21 36.40
N ALA B 182 11.74 -14.41 36.98
CA ALA B 182 11.37 -15.63 36.24
C ALA B 182 9.88 -15.65 35.88
N THR B 183 9.04 -15.11 36.77
CA THR B 183 7.59 -15.12 36.59
C THR B 183 7.17 -14.20 35.45
N PHE B 184 7.75 -13.00 35.40
CA PHE B 184 7.66 -12.14 34.23
C PHE B 184 8.17 -12.84 32.98
N ARG B 185 9.36 -13.42 33.05
CA ARG B 185 9.98 -13.99 31.85
C ARG B 185 9.09 -15.08 31.27
N ASP B 186 8.55 -15.93 32.16
CA ASP B 186 7.82 -17.12 31.75
C ASP B 186 6.40 -16.76 31.31
N ALA B 187 5.81 -15.76 31.95
CA ALA B 187 4.47 -15.34 31.56
C ALA B 187 4.56 -14.66 30.20
N THR B 188 5.67 -13.96 29.98
CA THR B 188 5.90 -13.35 28.70
C THR B 188 6.05 -14.40 27.61
N LEU B 189 6.82 -15.44 27.87
CA LEU B 189 7.03 -16.47 26.86
C LEU B 189 5.69 -17.09 26.46
N LYS B 190 4.79 -17.23 27.42
CA LYS B 190 3.52 -17.87 27.11
C LYS B 190 2.62 -16.93 26.29
N THR B 191 2.65 -15.66 26.64
CA THR B 191 1.95 -14.64 25.91
C THR B 191 2.38 -14.57 24.46
N ILE B 192 3.69 -14.67 24.21
CA ILE B 192 4.19 -14.62 22.85
C ILE B 192 3.68 -15.79 22.02
N ILE B 193 3.68 -16.98 22.61
CA ILE B 193 3.21 -18.16 21.92
C ILE B 193 1.72 -18.06 21.63
N GLY B 194 0.98 -17.50 22.60
CA GLY B 194 -0.42 -17.24 22.40
C GLY B 194 -0.68 -16.29 21.26
N GLN B 195 0.19 -15.29 21.15
CA GLN B 195 0.05 -14.27 20.14
C GLN B 195 0.36 -14.87 18.77
N HIS B 196 1.31 -15.80 18.73
CA HIS B 196 1.66 -16.49 17.49
C HIS B 196 0.48 -17.32 16.99
N LEU B 197 -0.16 -18.03 17.90
CA LEU B 197 -1.32 -18.83 17.52
C LEU B 197 -2.44 -17.91 17.08
N ASP B 198 -2.69 -16.86 17.87
CA ASP B 198 -3.79 -15.93 17.55
C ASP B 198 -3.64 -15.39 16.14
N THR B 199 -2.39 -15.33 15.68
CA THR B 199 -2.01 -14.64 14.47
C THR B 199 -1.91 -15.60 13.28
N ASN B 200 -1.69 -16.88 13.57
CA ASN B 200 -1.34 -17.85 12.53
C ASN B 200 -2.28 -19.06 12.38
N ILE B 201 -3.27 -19.15 13.26
CA ILE B 201 -4.07 -20.34 13.42
C ILE B 201 -4.85 -20.71 12.15
N PHE B 202 -5.14 -19.72 11.31
CA PHE B 202 -5.83 -19.97 10.03
C PHE B 202 -4.91 -19.90 8.81
N SER B 203 -3.61 -19.74 9.03
CA SER B 203 -2.69 -19.46 7.94
C SER B 203 -2.27 -20.76 7.25
N ASP B 204 -1.89 -20.68 5.98
CA ASP B 204 -1.46 -21.85 5.20
C ASP B 204 -0.40 -22.65 5.92
N LYS B 205 0.47 -21.95 6.65
CA LYS B 205 1.39 -22.59 7.58
C LYS B 205 0.73 -23.82 8.19
N TYR B 206 -0.52 -23.66 8.62
CA TYR B 206 -1.10 -24.52 9.64
C TYR B 206 -2.11 -25.46 9.00
N SER B 207 -2.64 -25.06 7.85
CA SER B 207 -3.55 -25.91 7.08
C SER B 207 -2.77 -26.90 6.22
N ASP B 208 -1.95 -26.36 5.33
CA ASP B 208 -1.02 -27.18 4.58
C ASP B 208 -0.07 -27.98 5.43
N ALA B 209 0.49 -27.34 6.44
CA ALA B 209 1.16 -28.05 7.54
C ALA B 209 2.11 -29.20 7.16
N HIS B 210 2.08 -29.59 5.90
CA HIS B 210 2.88 -30.70 5.44
C HIS B 210 3.68 -30.13 4.27
N ARG B 211 3.29 -28.93 3.85
CA ARG B 211 4.14 -28.11 3.01
C ARG B 211 4.82 -27.06 3.85
N GLU B 212 6.12 -27.27 4.02
CA GLU B 212 6.96 -26.47 4.86
C GLU B 212 6.96 -24.97 4.49
N ILE B 213 7.44 -24.14 5.40
CA ILE B 213 7.51 -22.70 5.16
C ILE B 213 8.48 -22.43 4.00
N ASP B 214 7.97 -21.84 2.93
CA ASP B 214 8.72 -21.63 1.66
C ASP B 214 9.66 -20.44 1.80
N VAL B 215 10.93 -20.71 2.08
CA VAL B 215 11.85 -19.62 2.39
C VAL B 215 12.29 -18.83 1.16
N ASN B 216 11.70 -19.16 0.02
CA ASN B 216 12.05 -18.52 -1.24
C ASN B 216 10.93 -17.68 -1.80
N ASN B 217 9.83 -17.62 -1.04
CA ASN B 217 8.67 -16.81 -1.41
C ASN B 217 8.55 -15.51 -0.61
N ILE B 218 8.83 -14.40 -1.28
CA ILE B 218 8.60 -13.08 -0.72
C ILE B 218 7.56 -12.33 -1.56
N ASN B 219 6.99 -13.01 -2.53
CA ASN B 219 6.33 -12.34 -3.65
C ASN B 219 4.84 -12.59 -3.66
N VAL B 220 4.44 -13.79 -3.23
CA VAL B 220 3.04 -14.23 -3.39
C VAL B 220 2.28 -14.26 -2.03
N PRO B 221 1.53 -13.18 -1.72
CA PRO B 221 1.05 -13.04 -0.36
C PRO B 221 -0.20 -13.87 -0.07
N GLU B 222 -0.16 -14.61 1.02
CA GLU B 222 -1.27 -15.46 1.40
C GLU B 222 -2.56 -14.63 1.58
N GLN B 223 -3.54 -14.82 0.69
CA GLN B 223 -4.87 -14.24 0.91
C GLN B 223 -5.74 -15.05 1.91
N PRO B 224 -6.12 -14.41 3.03
CA PRO B 224 -6.40 -15.18 4.22
C PRO B 224 -7.83 -15.73 4.24
N VAL B 225 -7.96 -17.01 4.58
CA VAL B 225 -9.23 -17.72 4.60
C VAL B 225 -9.29 -18.44 5.94
N ILE B 226 -10.49 -18.63 6.48
CA ILE B 226 -10.61 -19.49 7.67
C ILE B 226 -10.45 -20.98 7.35
N ASP B 227 -10.01 -21.72 8.36
CA ASP B 227 -9.87 -23.16 8.25
C ASP B 227 -10.81 -23.86 9.21
N ILE B 228 -11.76 -24.58 8.66
CA ILE B 228 -12.89 -25.11 9.42
C ILE B 228 -12.46 -26.09 10.53
N ASN B 229 -11.35 -26.79 10.33
CA ASN B 229 -10.85 -27.72 11.32
C ASN B 229 -10.42 -27.06 12.62
N MET B 230 -10.12 -25.77 12.57
CA MET B 230 -9.59 -25.07 13.74
C MET B 230 -10.70 -24.36 14.51
N ILE B 231 -11.92 -24.40 13.96
CA ILE B 231 -13.00 -23.66 14.57
C ILE B 231 -13.67 -24.49 15.68
N ASN B 232 -12.98 -24.63 16.80
CA ASN B 232 -13.49 -25.32 17.98
C ASN B 232 -12.90 -24.75 19.26
N PHE B 233 -13.57 -24.97 20.39
CA PHE B 233 -13.25 -24.27 21.63
C PHE B 233 -11.91 -24.72 22.18
N GLY B 234 -11.60 -26.00 21.97
CA GLY B 234 -10.34 -26.55 22.43
C GLY B 234 -9.19 -25.71 21.91
N VAL B 235 -9.27 -25.36 20.63
CA VAL B 235 -8.21 -24.59 20.01
C VAL B 235 -8.25 -23.16 20.53
N TYR B 236 -9.46 -22.60 20.57
CA TYR B 236 -9.67 -21.29 21.18
C TYR B 236 -9.03 -21.20 22.57
N LYS B 237 -9.31 -22.19 23.42
CA LYS B 237 -8.93 -22.11 24.82
C LYS B 237 -7.40 -22.10 24.90
N ASN B 238 -6.77 -22.99 24.15
CA ASN B 238 -5.34 -22.97 23.93
C ASN B 238 -4.84 -21.55 23.72
N ILE B 239 -5.50 -20.83 22.82
CA ILE B 239 -5.01 -19.54 22.33
C ILE B 239 -5.12 -18.48 23.42
N VAL B 240 -6.32 -18.39 24.02
CA VAL B 240 -6.63 -17.28 24.91
C VAL B 240 -6.03 -17.51 26.26
N ILE B 241 -5.82 -18.76 26.60
CA ILE B 241 -5.14 -19.03 27.85
C ILE B 241 -3.71 -18.49 27.78
N HIS B 242 -3.09 -18.62 26.62
CA HIS B 242 -1.71 -18.24 26.47
C HIS B 242 -1.51 -16.75 26.22
N LYS B 243 -2.37 -16.14 25.41
CA LYS B 243 -2.18 -14.76 25.01
C LYS B 243 -2.76 -13.81 26.06
N THR B 244 -3.55 -14.36 26.96
CA THR B 244 -4.26 -13.52 27.92
C THR B 244 -4.16 -13.90 29.39
N ALA B 245 -4.38 -15.17 29.72
CA ALA B 245 -4.59 -15.62 31.11
C ALA B 245 -3.33 -15.49 31.98
N TYR B 246 -2.19 -15.91 31.44
CA TYR B 246 -0.94 -15.91 32.21
C TYR B 246 -0.46 -14.55 32.65
N TYR B 247 -0.47 -13.58 31.74
CA TYR B 247 0.04 -12.25 32.09
C TYR B 247 -1.03 -11.38 32.77
N SER B 248 -2.30 -11.65 32.50
CA SER B 248 -3.34 -10.82 33.06
C SER B 248 -3.78 -11.27 34.43
N PHE B 249 -3.58 -12.55 34.74
CA PHE B 249 -4.07 -13.09 36.01
C PHE B 249 -3.02 -13.83 36.81
N PHE B 250 -2.45 -14.88 36.24
CA PHE B 250 -1.42 -15.58 36.94
C PHE B 250 -0.32 -14.62 37.41
N LEU B 251 0.12 -13.74 36.52
CA LEU B 251 1.33 -12.98 36.75
C LEU B 251 1.20 -12.04 37.95
N PRO B 252 0.19 -11.17 37.91
CA PRO B 252 -0.03 -10.21 39.00
C PRO B 252 -0.28 -10.91 40.34
N ILE B 253 -0.99 -12.02 40.31
CA ILE B 253 -1.29 -12.71 41.54
C ILE B 253 -0.02 -13.29 42.12
N VAL B 254 0.70 -14.03 41.30
CA VAL B 254 1.94 -14.66 41.76
C VAL B 254 2.94 -13.61 42.23
N CYS B 255 2.96 -12.46 41.55
CA CYS B 255 3.80 -11.36 42.02
C CYS B 255 3.51 -10.95 43.46
N GLY B 256 2.25 -10.65 43.74
CA GLY B 256 1.85 -10.28 45.09
C GLY B 256 2.21 -11.38 46.08
N MET B 257 1.98 -12.63 45.69
CA MET B 257 2.22 -13.78 46.57
C MET B 257 3.71 -13.96 46.86
N LEU B 258 4.54 -13.85 45.83
CA LEU B 258 5.98 -14.02 46.00
C LEU B 258 6.57 -12.96 46.91
N LEU B 259 6.13 -11.72 46.70
CA LEU B 259 6.60 -10.59 47.51
C LEU B 259 6.15 -10.69 48.98
N ALA B 260 4.94 -11.19 49.23
CA ALA B 260 4.44 -11.32 50.60
C ALA B 260 5.10 -12.49 51.34
N GLY B 261 5.65 -13.44 50.60
CA GLY B 261 6.45 -14.49 51.21
C GLY B 261 5.91 -15.91 51.17
N ILE B 262 4.90 -16.20 50.36
CA ILE B 262 4.46 -17.58 50.19
C ILE B 262 5.45 -18.37 49.32
N ALA B 263 5.87 -19.52 49.86
CA ALA B 263 6.95 -20.30 49.29
C ALA B 263 6.58 -20.94 47.93
N VAL B 264 7.54 -21.00 47.01
CA VAL B 264 7.26 -21.37 45.61
C VAL B 264 6.74 -22.82 45.48
N ASP B 265 6.86 -23.57 46.57
CA ASP B 265 6.43 -24.98 46.59
C ASP B 265 5.01 -25.18 47.13
N ASN B 266 4.43 -24.15 47.74
CA ASN B 266 3.08 -24.25 48.30
C ASN B 266 2.06 -24.67 47.22
N LEU B 267 1.18 -25.59 47.57
CA LEU B 267 0.29 -26.23 46.59
C LEU B 267 -0.80 -25.27 46.12
N ILE B 268 -0.87 -24.09 46.74
CA ILE B 268 -1.88 -23.10 46.36
C ILE B 268 -1.60 -22.47 45.00
N TYR B 269 -0.32 -22.36 44.64
CA TYR B 269 0.08 -21.81 43.34
C TYR B 269 -0.59 -22.54 42.19
N LYS B 270 -0.65 -23.86 42.28
CA LYS B 270 -1.26 -24.67 41.23
C LYS B 270 -2.77 -24.43 41.19
N LYS B 271 -3.35 -24.05 42.32
CA LYS B 271 -4.77 -23.72 42.33
C LYS B 271 -4.97 -22.33 41.74
N ILE B 272 -4.07 -21.42 42.09
CA ILE B 272 -4.10 -20.10 41.49
C ILE B 272 -3.91 -20.18 39.97
N GLU B 273 -3.03 -21.06 39.50
CA GLU B 273 -2.88 -21.23 38.06
C GLU B 273 -4.21 -21.58 37.39
N ASP B 274 -4.93 -22.57 37.93
CA ASP B 274 -6.18 -23.07 37.32
C ASP B 274 -7.28 -22.00 37.33
N ILE B 275 -7.34 -21.24 38.41
CA ILE B 275 -8.32 -20.17 38.47
C ILE B 275 -8.00 -19.08 37.44
N SER B 276 -6.70 -18.79 37.29
CA SER B 276 -6.22 -17.84 36.28
C SER B 276 -6.63 -18.24 34.86
N MET B 277 -6.45 -19.51 34.50
CA MET B 277 -6.92 -20.04 33.22
C MET B 277 -8.40 -19.75 33.00
N LEU B 278 -9.21 -19.97 34.03
CA LEU B 278 -10.65 -19.75 33.95
C LEU B 278 -11.00 -18.29 33.77
N MET B 279 -10.26 -17.42 34.45
CA MET B 279 -10.53 -16.00 34.44
C MET B 279 -10.08 -15.35 33.15
N GLY B 280 -9.00 -15.86 32.58
CA GLY B 280 -8.47 -15.35 31.32
C GLY B 280 -9.39 -15.71 30.17
N GLU B 281 -9.75 -17.00 30.11
CA GLU B 281 -10.79 -17.43 29.22
C GLU B 281 -12.01 -16.52 29.32
N TYR B 282 -12.52 -16.39 30.53
CA TYR B 282 -13.66 -15.50 30.79
C TYR B 282 -13.37 -14.07 30.32
N PHE B 283 -12.17 -13.58 30.56
CA PHE B 283 -11.86 -12.23 30.18
C PHE B 283 -11.86 -12.07 28.65
N GLN B 284 -11.18 -12.99 27.96
CA GLN B 284 -10.98 -12.82 26.50
C GLN B 284 -12.28 -12.94 25.74
N ILE B 285 -13.11 -13.90 26.15
CA ILE B 285 -14.39 -14.09 25.51
C ILE B 285 -15.23 -12.82 25.59
N HIS B 286 -15.14 -12.15 26.73
CA HIS B 286 -15.74 -10.85 26.86
C HIS B 286 -15.12 -9.83 25.91
N ASP B 287 -13.81 -9.88 25.75
CA ASP B 287 -13.12 -8.96 24.86
C ASP B 287 -13.60 -9.21 23.42
N ASP B 288 -13.70 -10.47 23.05
CA ASP B 288 -14.20 -10.84 21.72
C ASP B 288 -15.62 -10.27 21.55
N TYR B 289 -16.45 -10.47 22.58
CA TYR B 289 -17.80 -9.90 22.58
C TYR B 289 -17.78 -8.38 22.35
N LEU B 290 -16.84 -7.67 22.98
CA LEU B 290 -16.73 -6.22 22.80
C LEU B 290 -16.37 -5.82 21.37
N ASP B 291 -15.51 -6.60 20.74
CA ASP B 291 -15.09 -6.32 19.37
C ASP B 291 -16.29 -6.07 18.44
N ILE B 292 -17.31 -6.95 18.50
CA ILE B 292 -18.50 -6.77 17.66
C ILE B 292 -19.59 -5.90 18.27
N PHE B 293 -19.88 -6.09 19.55
CA PHE B 293 -21.03 -5.44 20.20
C PHE B 293 -20.68 -4.22 21.05
N GLY B 294 -19.40 -3.96 21.25
CA GLY B 294 -18.99 -2.85 22.11
C GLY B 294 -19.21 -1.51 21.44
N ASP B 295 -19.22 -0.45 22.24
CA ASP B 295 -19.24 0.91 21.72
C ASP B 295 -17.87 1.56 21.91
N SER B 296 -17.28 1.98 20.80
CA SER B 296 -15.86 2.20 20.75
C SER B 296 -15.45 3.47 21.50
N THR B 297 -16.40 4.34 21.79
CA THR B 297 -16.10 5.49 22.64
C THR B 297 -16.00 5.08 24.10
N LYS B 298 -16.57 3.92 24.42
CA LYS B 298 -16.45 3.34 25.75
C LYS B 298 -15.27 2.38 25.88
N THR B 299 -15.07 1.55 24.86
CA THR B 299 -13.95 0.61 24.88
C THR B 299 -12.63 1.29 24.54
N GLY B 300 -12.71 2.37 23.75
CA GLY B 300 -11.52 3.14 23.43
C GLY B 300 -10.76 2.58 22.25
N LYS B 301 -11.37 1.65 21.54
CA LYS B 301 -10.73 0.99 20.41
C LYS B 301 -11.74 0.55 19.35
N VAL B 302 -11.28 0.36 18.13
CA VAL B 302 -12.14 -0.02 17.02
C VAL B 302 -12.12 -1.53 16.76
N GLY B 303 -13.27 -2.17 16.71
CA GLY B 303 -13.30 -3.61 16.43
C GLY B 303 -12.58 -3.96 15.15
N SER B 304 -12.14 -5.21 15.02
CA SER B 304 -11.42 -5.61 13.81
C SER B 304 -11.16 -7.12 13.65
N ASP B 305 -11.77 -7.93 14.51
CA ASP B 305 -11.54 -9.38 14.51
C ASP B 305 -11.99 -10.05 13.21
N ILE B 306 -13.20 -9.71 12.75
CA ILE B 306 -13.72 -10.29 11.52
C ILE B 306 -12.80 -10.02 10.33
N GLN B 307 -12.35 -8.79 10.19
CA GLN B 307 -11.56 -8.45 9.03
C GLN B 307 -10.10 -8.87 9.15
N ASN B 308 -9.63 -9.10 10.38
CA ASN B 308 -8.28 -9.60 10.62
C ASN B 308 -8.25 -11.11 10.70
N ASN B 309 -9.39 -11.74 10.44
CA ASN B 309 -9.43 -13.20 10.33
C ASN B 309 -9.15 -13.92 11.65
N LYS B 310 -9.69 -13.41 12.75
CA LYS B 310 -9.35 -13.93 14.05
C LYS B 310 -10.27 -15.07 14.46
N LEU B 311 -9.71 -16.09 15.11
CA LEU B 311 -10.50 -17.17 15.69
C LEU B 311 -11.13 -16.74 17.02
N THR B 312 -12.37 -16.27 16.96
CA THR B 312 -13.03 -15.64 18.11
C THR B 312 -14.15 -16.51 18.67
N TRP B 313 -14.61 -16.16 19.87
CA TRP B 313 -15.71 -16.90 20.49
C TRP B 313 -17.03 -16.80 19.69
N PRO B 314 -17.42 -15.58 19.29
CA PRO B 314 -18.56 -15.39 18.40
C PRO B 314 -18.47 -16.24 17.13
N LEU B 315 -17.30 -16.27 16.51
CA LEU B 315 -17.14 -17.07 15.32
C LEU B 315 -17.44 -18.54 15.62
N ILE B 316 -16.95 -19.05 16.75
CA ILE B 316 -17.06 -20.47 17.01
C ILE B 316 -18.50 -20.82 17.41
N LYS B 317 -19.10 -19.99 18.26
CA LYS B 317 -20.49 -20.19 18.65
C LYS B 317 -21.43 -20.21 17.45
N THR B 318 -21.34 -19.21 16.57
CA THR B 318 -22.12 -19.16 15.34
C THR B 318 -21.92 -20.42 14.53
N PHE B 319 -20.66 -20.83 14.39
CA PHE B 319 -20.32 -21.92 13.49
C PHE B 319 -20.86 -23.24 14.01
N GLU B 320 -21.04 -23.31 15.32
CA GLU B 320 -21.54 -24.50 15.98
C GLU B 320 -23.08 -24.54 15.93
N LEU B 321 -23.70 -23.39 15.70
CA LEU B 321 -25.15 -23.28 15.74
C LEU B 321 -25.80 -23.22 14.35
N CYS B 322 -25.06 -22.77 13.36
CA CYS B 322 -25.69 -22.22 12.16
C CYS B 322 -25.90 -23.32 11.14
N SER B 323 -26.73 -23.03 10.14
CA SER B 323 -27.00 -23.95 9.05
C SER B 323 -25.81 -24.14 8.11
N GLU B 324 -25.86 -25.22 7.34
CA GLU B 324 -24.80 -25.55 6.42
C GLU B 324 -24.56 -24.45 5.39
N PRO B 325 -25.62 -23.92 4.78
CA PRO B 325 -25.39 -22.82 3.84
C PRO B 325 -24.79 -21.60 4.56
N ASP B 326 -25.11 -21.42 5.83
CA ASP B 326 -24.64 -20.25 6.55
C ASP B 326 -23.15 -20.39 6.88
N LYS B 327 -22.72 -21.64 7.00
CA LYS B 327 -21.31 -21.95 7.12
C LYS B 327 -20.56 -21.48 5.90
N ILE B 328 -21.07 -21.81 4.73
CA ILE B 328 -20.40 -21.48 3.49
C ILE B 328 -20.32 -19.97 3.40
N LYS B 329 -21.38 -19.30 3.85
CA LYS B 329 -21.47 -17.85 3.70
C LYS B 329 -20.36 -17.23 4.57
N ILE B 330 -20.07 -17.87 5.70
CA ILE B 330 -19.03 -17.40 6.60
C ILE B 330 -17.63 -17.58 6.00
N VAL B 331 -17.36 -18.78 5.49
CA VAL B 331 -16.16 -19.03 4.70
C VAL B 331 -15.89 -18.04 3.58
N LYS B 332 -16.93 -17.56 2.90
CA LYS B 332 -16.71 -16.63 1.81
C LYS B 332 -16.38 -15.23 2.31
N ASN B 333 -16.90 -14.86 3.47
CA ASN B 333 -17.02 -13.46 3.81
C ASN B 333 -16.08 -13.05 4.95
N TYR B 334 -15.66 -14.04 5.73
CA TYR B 334 -14.85 -13.79 6.94
C TYR B 334 -13.38 -13.58 6.59
N GLY B 335 -12.79 -12.52 7.13
CA GLY B 335 -11.36 -12.28 6.97
C GLY B 335 -11.07 -11.41 5.76
N LYS B 336 -12.03 -10.60 5.33
CA LYS B 336 -11.81 -9.64 4.25
C LYS B 336 -12.01 -8.23 4.77
N ASN B 337 -11.01 -7.38 4.58
CA ASN B 337 -11.15 -5.95 4.91
C ASN B 337 -12.07 -5.25 3.92
N ASN B 338 -13.38 -5.36 4.13
CA ASN B 338 -14.33 -5.17 3.05
C ASN B 338 -15.73 -5.05 3.61
N LEU B 339 -16.29 -3.84 3.56
CA LEU B 339 -17.44 -3.51 4.39
C LEU B 339 -18.61 -4.48 4.21
N ALA B 340 -18.94 -4.83 2.96
CA ALA B 340 -20.08 -5.71 2.69
C ALA B 340 -19.87 -7.08 3.32
N CYS B 341 -18.64 -7.58 3.23
CA CYS B 341 -18.30 -8.88 3.81
C CYS B 341 -18.44 -8.87 5.32
N VAL B 342 -17.83 -7.90 5.98
CA VAL B 342 -18.04 -7.72 7.41
C VAL B 342 -19.51 -7.70 7.79
N LYS B 343 -20.33 -6.89 7.10
CA LYS B 343 -21.78 -6.78 7.38
C LYS B 343 -22.49 -8.14 7.39
N VAL B 344 -22.06 -9.00 6.48
CA VAL B 344 -22.65 -10.32 6.35
C VAL B 344 -22.43 -11.10 7.64
N ILE B 345 -21.18 -11.15 8.07
CA ILE B 345 -20.81 -11.84 9.28
C ILE B 345 -21.50 -11.21 10.48
N ASP B 346 -21.44 -9.91 10.57
CA ASP B 346 -22.08 -9.22 11.64
C ASP B 346 -23.57 -9.50 11.67
N SER B 347 -24.23 -9.58 10.53
CA SER B 347 -25.68 -9.77 10.50
C SER B 347 -26.04 -11.22 10.76
N LEU B 348 -25.07 -12.11 10.56
CA LEU B 348 -25.18 -13.47 11.09
C LEU B 348 -25.12 -13.55 12.62
N TYR B 349 -24.32 -12.70 13.24
CA TYR B 349 -24.17 -12.74 14.69
C TYR B 349 -25.49 -12.30 15.34
N GLU B 350 -26.15 -11.34 14.71
CA GLU B 350 -27.45 -10.86 15.08
C GLU B 350 -28.60 -11.84 14.80
N GLN B 351 -28.49 -12.59 13.76
CA GLN B 351 -29.48 -13.60 13.40
C GLN B 351 -29.45 -14.82 14.32
N TYR B 352 -28.27 -15.25 14.74
CA TYR B 352 -28.13 -16.34 15.68
C TYR B 352 -28.01 -15.87 17.14
N LYS B 353 -28.26 -14.61 17.32
CA LYS B 353 -28.35 -14.03 18.62
C LYS B 353 -27.17 -14.34 19.53
N ILE B 354 -26.01 -13.98 19.08
CA ILE B 354 -24.77 -14.25 19.78
C ILE B 354 -24.68 -13.55 21.15
N ARG B 355 -25.24 -12.35 21.24
CA ARG B 355 -25.45 -11.68 22.52
C ARG B 355 -25.99 -12.62 23.58
N LYS B 356 -27.21 -13.07 23.39
CA LYS B 356 -27.81 -13.96 24.34
C LYS B 356 -26.89 -15.09 24.68
N HIS B 357 -26.33 -15.74 23.71
CA HIS B 357 -25.43 -16.84 23.99
C HIS B 357 -24.29 -16.41 24.90
N TYR B 358 -23.75 -15.22 24.65
CA TYR B 358 -22.73 -14.68 25.52
C TYR B 358 -23.23 -14.57 26.95
N GLU B 359 -24.37 -13.89 27.13
CA GLU B 359 -24.94 -13.68 28.45
C GLU B 359 -25.03 -14.99 29.18
N SER B 360 -25.42 -16.01 28.43
CA SER B 360 -25.59 -17.32 29.03
C SER B 360 -24.26 -17.99 29.35
N TYR B 361 -23.22 -17.66 28.58
CA TYR B 361 -21.88 -18.13 28.91
C TYR B 361 -21.37 -17.42 30.15
N GLU B 362 -21.57 -16.11 30.20
CA GLU B 362 -21.00 -15.28 31.24
C GLU B 362 -21.45 -15.77 32.62
N LYS B 363 -22.67 -16.29 32.68
CA LYS B 363 -23.26 -16.64 33.96
C LYS B 363 -22.75 -17.98 34.45
N ALA B 364 -22.58 -18.90 33.50
CA ALA B 364 -22.10 -20.25 33.81
C ALA B 364 -20.62 -20.26 34.16
N GLN B 365 -19.82 -19.52 33.39
CA GLN B 365 -18.39 -19.40 33.67
C GLN B 365 -18.12 -18.69 35.00
N LYS B 366 -18.92 -17.67 35.30
CA LYS B 366 -18.74 -16.95 36.54
C LYS B 366 -18.93 -17.89 37.73
N ALA B 367 -19.97 -18.70 37.66
CA ALA B 367 -20.24 -19.66 38.70
C ALA B 367 -19.10 -20.66 38.79
N LYS B 368 -18.68 -21.19 37.65
CA LYS B 368 -17.56 -22.12 37.62
C LYS B 368 -16.31 -21.49 38.29
N ILE B 369 -16.17 -20.17 38.18
CA ILE B 369 -15.00 -19.47 38.74
C ILE B 369 -15.14 -19.23 40.25
N LEU B 370 -16.31 -18.75 40.66
CA LEU B 370 -16.64 -18.64 42.06
C LEU B 370 -16.45 -19.98 42.77
N SER B 371 -16.86 -21.04 42.11
CA SER B 371 -16.80 -22.36 42.70
C SER B 371 -15.36 -22.80 42.95
N ALA B 372 -14.47 -22.42 42.04
CA ALA B 372 -13.06 -22.77 42.16
C ALA B 372 -12.41 -21.91 43.24
N ILE B 373 -12.82 -20.64 43.31
CA ILE B 373 -12.26 -19.69 44.25
C ILE B 373 -12.52 -20.20 45.67
N ASN B 374 -13.67 -20.83 45.85
CA ASN B 374 -14.10 -21.29 47.16
C ASN B 374 -13.41 -22.55 47.62
N GLU B 375 -12.66 -23.19 46.72
CA GLU B 375 -11.81 -24.31 47.07
C GLU B 375 -10.35 -23.92 47.33
N LEU B 376 -10.08 -22.62 47.34
CA LEU B 376 -8.75 -22.12 47.73
C LEU B 376 -8.39 -22.41 49.20
N HIS B 377 -9.35 -22.20 50.09
CA HIS B 377 -9.07 -22.14 51.54
C HIS B 377 -8.07 -21.06 51.88
N HIS B 378 -8.39 -19.82 51.51
CA HIS B 378 -7.59 -18.67 51.87
C HIS B 378 -8.43 -17.38 51.80
N GLU B 379 -8.93 -16.95 52.94
CA GLU B 379 -9.92 -15.88 52.98
C GLU B 379 -9.49 -14.59 52.25
N GLY B 380 -8.25 -14.16 52.48
CA GLY B 380 -7.76 -12.93 51.87
C GLY B 380 -7.78 -12.98 50.36
N ILE B 381 -7.16 -14.02 49.79
CA ILE B 381 -7.04 -14.19 48.35
C ILE B 381 -8.41 -14.38 47.73
N GLU B 382 -9.19 -15.29 48.32
CA GLU B 382 -10.58 -15.51 47.94
C GLU B 382 -11.35 -14.21 47.90
N TYR B 383 -11.19 -13.37 48.91
CA TYR B 383 -11.84 -12.06 48.91
C TYR B 383 -11.42 -11.24 47.70
N VAL B 384 -10.10 -11.18 47.46
CA VAL B 384 -9.57 -10.31 46.42
C VAL B 384 -10.00 -10.79 45.03
N LEU B 385 -10.03 -12.11 44.83
CA LEU B 385 -10.44 -12.66 43.55
C LEU B 385 -11.93 -12.42 43.27
N LYS B 386 -12.76 -12.54 44.32
CA LYS B 386 -14.19 -12.25 44.18
C LYS B 386 -14.42 -10.76 43.91
N TYR B 387 -13.59 -9.91 44.50
CA TYR B 387 -13.72 -8.50 44.25
C TYR B 387 -13.30 -8.23 42.80
N LEU B 388 -12.23 -8.89 42.37
CA LEU B 388 -11.73 -8.71 41.03
C LEU B 388 -12.80 -9.09 40.02
N LEU B 389 -13.54 -10.15 40.35
CA LEU B 389 -14.55 -10.66 39.44
C LEU B 389 -15.65 -9.64 39.23
N GLU B 390 -16.04 -8.95 40.29
CA GLU B 390 -17.06 -7.89 40.22
C GLU B 390 -16.66 -6.72 39.32
N ILE B 391 -15.41 -6.28 39.43
CA ILE B 391 -15.04 -5.04 38.80
C ILE B 391 -14.18 -5.26 37.57
N LEU B 392 -14.25 -6.46 36.99
CA LEU B 392 -13.37 -6.83 35.90
C LEU B 392 -13.62 -5.98 34.65
N PHE B 393 -14.89 -5.76 34.33
CA PHE B 393 -15.24 -5.08 33.09
C PHE B 393 -15.40 -3.58 33.32
N THR B 394 -15.62 -3.22 34.58
CA THR B 394 -15.89 -1.83 34.93
C THR B 394 -14.61 -1.13 35.41
N GLY B 395 -13.75 -1.87 36.11
CA GLY B 395 -12.56 -1.29 36.72
C GLY B 395 -12.78 -0.63 38.07
N VAL B 396 -11.78 0.11 38.51
CA VAL B 396 -11.82 0.76 39.83
C VAL B 396 -11.76 -0.28 40.94
N LEU C 34 4.70 29.84 -35.42
CA LEU C 34 5.70 29.11 -34.59
C LEU C 34 5.74 29.66 -33.17
N ALA C 35 5.65 30.98 -33.05
CA ALA C 35 5.26 31.60 -31.79
C ALA C 35 3.82 32.08 -31.87
N PHE C 36 3.31 32.21 -33.09
CA PHE C 36 1.89 32.39 -33.35
C PHE C 36 1.10 31.24 -32.72
N PHE C 37 1.67 30.05 -32.77
CA PHE C 37 0.97 28.86 -32.32
C PHE C 37 0.74 28.91 -30.82
N ARG C 38 1.75 29.31 -30.07
CA ARG C 38 1.66 29.33 -28.62
C ARG C 38 0.69 30.38 -28.11
N ASN C 39 0.48 31.43 -28.92
CA ASN C 39 -0.43 32.50 -28.58
C ASN C 39 -1.89 32.07 -28.68
N MET C 40 -2.13 31.04 -29.49
CA MET C 40 -3.49 30.69 -29.88
C MET C 40 -4.14 29.80 -28.85
N TYR C 41 -3.33 29.25 -27.96
CA TYR C 41 -3.76 28.29 -26.96
C TYR C 41 -4.99 28.76 -26.18
N ASP C 42 -4.86 29.90 -25.51
CA ASP C 42 -5.98 30.52 -24.80
C ASP C 42 -7.31 30.36 -25.55
N LYS C 43 -7.31 30.73 -26.82
CA LYS C 43 -8.52 30.77 -27.64
C LYS C 43 -9.22 29.42 -27.59
N TYR C 44 -8.43 28.35 -27.79
CA TYR C 44 -8.99 27.00 -27.94
C TYR C 44 -9.41 26.45 -26.57
N ARG C 45 -8.59 26.71 -25.57
CA ARG C 45 -8.93 26.29 -24.22
C ARG C 45 -10.25 26.95 -23.80
N ASP C 46 -10.38 28.22 -24.13
CA ASP C 46 -11.52 29.00 -23.67
C ASP C 46 -12.76 28.65 -24.49
N ALA C 47 -12.55 28.31 -25.76
CA ALA C 47 -13.67 27.92 -26.58
C ALA C 47 -14.28 26.62 -26.02
N PHE C 48 -13.44 25.71 -25.54
CA PHE C 48 -13.96 24.54 -24.85
C PHE C 48 -14.58 24.82 -23.49
N LEU C 49 -13.89 25.58 -22.65
CA LEU C 49 -14.40 25.89 -21.32
C LEU C 49 -15.72 26.63 -21.43
N SER C 50 -15.85 27.44 -22.46
CA SER C 50 -17.09 28.15 -22.69
C SER C 50 -18.23 27.20 -23.06
N HIS C 51 -17.92 26.13 -23.79
CA HIS C 51 -18.91 25.08 -24.06
C HIS C 51 -19.42 24.42 -22.78
N LEU C 52 -18.52 24.12 -21.85
CA LEU C 52 -18.88 23.49 -20.56
C LEU C 52 -19.83 24.39 -19.79
N ASN C 53 -19.60 25.69 -19.98
CA ASN C 53 -20.22 26.71 -19.18
C ASN C 53 -21.64 27.03 -19.65
N GLU C 54 -22.04 26.48 -20.79
CA GLU C 54 -23.44 26.52 -21.24
C GLU C 54 -24.27 25.39 -20.63
N TYR C 55 -23.62 24.46 -19.93
CA TYR C 55 -24.35 23.37 -19.27
C TYR C 55 -25.37 23.93 -18.29
N SER C 56 -26.39 23.14 -18.00
CA SER C 56 -27.52 23.57 -17.17
C SER C 56 -27.19 23.28 -15.72
N LEU C 57 -26.23 24.00 -15.17
CA LEU C 57 -25.81 23.81 -13.79
C LEU C 57 -26.02 25.08 -12.97
N GLU C 58 -26.08 24.91 -11.65
CA GLU C 58 -26.15 26.03 -10.72
C GLU C 58 -24.89 26.89 -10.75
N GLU C 59 -25.08 28.21 -10.67
CA GLU C 59 -24.01 29.14 -10.98
C GLU C 59 -22.76 28.85 -10.15
N GLU C 60 -22.92 28.53 -8.86
CA GLU C 60 -21.76 28.24 -8.01
C GLU C 60 -20.97 27.02 -8.46
N ILE C 61 -21.69 25.98 -8.86
CA ILE C 61 -21.08 24.81 -9.44
C ILE C 61 -20.34 25.12 -10.75
N LYS C 62 -20.95 25.92 -11.61
CA LYS C 62 -20.28 26.29 -12.86
C LYS C 62 -18.92 26.87 -12.53
N GLU C 63 -18.87 27.69 -11.48
CA GLU C 63 -17.64 28.42 -11.14
C GLU C 63 -16.52 27.47 -10.68
N HIS C 64 -16.89 26.45 -9.91
CA HIS C 64 -15.96 25.39 -9.54
C HIS C 64 -15.51 24.52 -10.71
N ILE C 65 -16.46 24.14 -11.56
CA ILE C 65 -16.14 23.43 -12.81
C ILE C 65 -15.03 24.18 -13.57
N SER C 66 -15.30 25.45 -13.86
CA SER C 66 -14.38 26.30 -14.62
C SER C 66 -12.99 26.37 -13.99
N LYS C 67 -12.93 26.55 -12.68
CA LYS C 67 -11.65 26.60 -11.97
C LYS C 67 -10.84 25.30 -12.12
N TYR C 68 -11.51 24.15 -12.02
CA TYR C 68 -10.82 22.86 -12.12
C TYR C 68 -10.32 22.55 -13.53
N TYR C 69 -11.17 22.78 -14.54
CA TYR C 69 -10.86 22.34 -15.89
C TYR C 69 -9.88 23.30 -16.59
N LYS C 70 -9.93 24.56 -16.19
CA LYS C 70 -8.87 25.48 -16.61
C LYS C 70 -7.48 24.97 -16.18
N LEU C 71 -7.36 24.54 -14.92
CA LEU C 71 -6.10 24.01 -14.41
C LEU C 71 -5.73 22.68 -15.03
N LEU C 72 -6.71 21.81 -15.25
CA LEU C 72 -6.43 20.56 -15.97
C LEU C 72 -5.75 20.82 -17.31
N PHE C 73 -6.28 21.79 -18.07
CA PHE C 73 -5.73 22.13 -19.39
C PHE C 73 -4.36 22.81 -19.27
N ASP C 74 -4.29 23.83 -18.44
CA ASP C 74 -3.03 24.55 -18.24
C ASP C 74 -1.92 23.64 -17.74
N TYR C 75 -2.24 22.81 -16.74
CA TYR C 75 -1.21 22.03 -16.09
C TYR C 75 -0.62 21.01 -17.04
N ASN C 76 -1.46 20.49 -17.94
CA ASN C 76 -1.07 19.32 -18.72
C ASN C 76 -0.80 19.62 -20.19
N CYS C 77 -1.43 20.65 -20.75
CA CYS C 77 -1.18 21.01 -22.17
C CYS C 77 0.01 21.94 -22.37
N LEU C 78 0.40 22.66 -21.32
CA LEU C 78 1.51 23.62 -21.38
C LEU C 78 2.86 23.01 -20.95
N GLY C 79 3.97 23.54 -21.47
CA GLY C 79 5.30 23.18 -20.98
C GLY C 79 6.05 22.25 -21.92
N GLY C 80 5.35 21.78 -22.97
CA GLY C 80 5.91 20.81 -23.88
C GLY C 80 6.69 21.50 -24.98
N LYS C 81 7.47 20.73 -25.73
CA LYS C 81 8.26 21.28 -26.84
C LYS C 81 7.35 21.54 -28.04
N ASN C 82 6.19 20.88 -28.05
CA ASN C 82 5.15 21.11 -29.07
C ASN C 82 5.55 20.70 -30.49
N ASN C 83 6.47 19.76 -30.62
CA ASN C 83 6.83 19.22 -31.93
C ASN C 83 5.67 18.77 -32.78
N ARG C 84 4.77 17.97 -32.21
CA ARG C 84 3.63 17.46 -32.96
C ARG C 84 2.77 18.59 -33.50
N GLY C 85 2.44 19.54 -32.62
CA GLY C 85 1.66 20.72 -32.98
C GLY C 85 2.30 21.55 -34.07
N ILE C 86 3.60 21.78 -33.94
CA ILE C 86 4.32 22.60 -34.90
C ILE C 86 4.38 21.89 -36.24
N LEU C 87 4.44 20.57 -36.18
CA LEU C 87 4.51 19.76 -37.38
C LEU C 87 3.23 19.94 -38.22
N VAL C 88 2.10 20.16 -37.56
CA VAL C 88 0.84 20.35 -38.27
C VAL C 88 0.87 21.71 -38.97
N ILE C 89 1.14 22.77 -38.21
CA ILE C 89 1.33 24.10 -38.77
C ILE C 89 2.23 24.01 -40.01
N LEU C 90 3.40 23.38 -39.87
CA LEU C 90 4.42 23.50 -40.91
C LEU C 90 4.01 22.73 -42.16
N ILE C 91 3.58 21.49 -41.97
CA ILE C 91 3.06 20.73 -43.09
C ILE C 91 2.00 21.53 -43.83
N TYR C 92 1.06 22.12 -43.09
CA TYR C 92 0.00 22.91 -43.70
C TYR C 92 0.55 24.07 -44.53
N GLU C 93 1.53 24.78 -43.98
CA GLU C 93 2.07 25.94 -44.67
C GLU C 93 2.76 25.55 -45.98
N TYR C 94 3.52 24.45 -45.97
CA TYR C 94 4.46 24.18 -47.03
C TYR C 94 3.90 23.25 -48.10
N VAL C 95 2.70 22.73 -47.87
CA VAL C 95 1.94 22.05 -48.91
C VAL C 95 1.21 23.09 -49.76
N LYS C 96 0.79 24.17 -49.11
CA LYS C 96 0.00 25.24 -49.71
C LYS C 96 0.85 26.21 -50.54
N ILE C 100 -2.05 32.30 -47.18
CA ILE C 100 -2.88 31.76 -46.09
C ILE C 100 -3.43 32.86 -45.17
N ASN C 101 -4.75 32.96 -45.12
CA ASN C 101 -5.41 34.02 -44.39
C ASN C 101 -5.69 33.63 -42.96
N SER C 102 -5.99 34.62 -42.13
CA SER C 102 -6.04 34.40 -40.70
C SER C 102 -6.95 33.21 -40.33
N SER C 103 -8.04 33.05 -41.07
CA SER C 103 -9.07 32.09 -40.66
C SER C 103 -8.70 30.67 -41.08
N GLU C 104 -7.84 30.57 -42.08
CA GLU C 104 -7.22 29.30 -42.44
C GLU C 104 -6.20 28.87 -41.40
N TRP C 105 -5.47 29.84 -40.88
CA TRP C 105 -4.57 29.60 -39.77
C TRP C 105 -5.33 29.18 -38.54
N GLU C 106 -6.49 29.80 -38.32
CA GLU C 106 -7.28 29.48 -37.15
C GLU C 106 -7.64 27.99 -37.14
N LYS C 107 -7.93 27.45 -38.32
CA LYS C 107 -8.24 26.03 -38.46
C LYS C 107 -7.01 25.14 -38.26
N ALA C 108 -5.92 25.44 -38.96
CA ALA C 108 -4.64 24.77 -38.70
C ALA C 108 -4.23 24.75 -37.22
N ALA C 109 -4.29 25.90 -36.56
CA ALA C 109 -3.77 25.99 -35.21
C ALA C 109 -4.66 25.15 -34.31
N CYS C 110 -5.95 25.10 -34.65
CA CYS C 110 -6.87 24.29 -33.90
C CYS C 110 -6.43 22.82 -33.94
N LEU C 111 -6.09 22.35 -35.13
CA LEU C 111 -5.68 20.98 -35.23
C LEU C 111 -4.36 20.78 -34.48
N ALA C 112 -3.49 21.78 -34.55
CA ALA C 112 -2.22 21.70 -33.88
C ALA C 112 -2.45 21.50 -32.39
N TRP C 113 -3.25 22.38 -31.80
CA TRP C 113 -3.51 22.30 -30.38
C TRP C 113 -4.27 21.05 -30.02
N CYS C 114 -4.97 20.49 -30.98
CA CYS C 114 -5.68 19.25 -30.74
C CYS C 114 -4.71 18.08 -30.56
N ILE C 115 -3.63 18.05 -31.34
CA ILE C 115 -2.64 17.00 -31.15
C ILE C 115 -2.00 17.15 -29.78
N GLU C 116 -1.83 18.39 -29.34
CA GLU C 116 -1.14 18.66 -28.10
C GLU C 116 -2.04 18.27 -26.94
N ILE C 117 -3.34 18.48 -27.11
CA ILE C 117 -4.29 18.09 -26.08
C ILE C 117 -4.31 16.56 -25.96
N LEU C 118 -4.16 15.90 -27.10
CA LEU C 118 -4.08 14.45 -27.16
C LEU C 118 -2.82 13.95 -26.47
N GLN C 119 -1.71 14.60 -26.77
CA GLN C 119 -0.46 14.29 -26.12
C GLN C 119 -0.59 14.49 -24.60
N ALA C 120 -1.26 15.54 -24.17
CA ALA C 120 -1.52 15.72 -22.75
C ALA C 120 -2.31 14.55 -22.15
N ALA C 121 -3.34 14.07 -22.86
CA ALA C 121 -4.16 13.01 -22.30
C ALA C 121 -3.40 11.69 -22.30
N PHE C 122 -2.67 11.45 -23.38
CA PHE C 122 -1.79 10.31 -23.44
C PHE C 122 -0.79 10.26 -22.28
N LEU C 123 -0.20 11.41 -21.97
CA LEU C 123 0.78 11.52 -20.88
C LEU C 123 0.18 11.35 -19.47
N VAL C 124 -1.03 11.83 -19.26
CA VAL C 124 -1.65 11.72 -17.97
C VAL C 124 -1.98 10.25 -17.68
N ALA C 125 -2.47 9.56 -18.71
CA ALA C 125 -2.73 8.13 -18.61
C ALA C 125 -1.43 7.34 -18.44
N ASP C 126 -0.44 7.62 -19.27
CA ASP C 126 0.80 6.85 -19.24
C ASP C 126 1.45 6.89 -17.87
N ASP C 127 1.44 8.06 -17.24
CA ASP C 127 2.03 8.22 -15.92
C ASP C 127 1.27 7.41 -14.86
N ILE C 128 -0.04 7.29 -15.02
CA ILE C 128 -0.79 6.41 -14.13
C ILE C 128 -0.31 4.97 -14.36
N MET C 129 -0.12 4.62 -15.62
CA MET C 129 0.24 3.26 -15.99
C MET C 129 1.71 2.92 -15.60
N ASP C 130 2.57 3.94 -15.63
CA ASP C 130 3.99 3.73 -15.49
C ASP C 130 4.41 4.22 -14.11
N LYS C 131 3.45 4.48 -13.24
CA LYS C 131 3.80 5.05 -11.92
C LYS C 131 4.82 6.18 -12.05
N GLY C 132 4.47 7.23 -12.79
CA GLY C 132 5.37 8.34 -12.97
C GLY C 132 5.49 9.19 -11.72
N GLU C 133 6.61 9.88 -11.59
CA GLU C 133 6.83 10.78 -10.46
C GLU C 133 6.79 12.21 -10.93
N MET C 134 7.28 12.44 -12.14
CA MET C 134 7.56 13.79 -12.58
C MET C 134 7.25 13.85 -14.07
N ARG C 135 6.50 14.87 -14.47
CA ARG C 135 6.26 15.12 -15.87
C ARG C 135 6.52 16.56 -16.17
N ARG C 136 7.34 16.84 -17.18
CA ARG C 136 7.67 18.21 -17.54
C ARG C 136 8.10 19.02 -16.32
N ASN C 137 8.91 18.35 -15.48
CA ASN C 137 9.54 18.96 -14.33
C ASN C 137 8.56 19.27 -13.21
N LYS C 138 7.34 18.77 -13.34
CA LYS C 138 6.39 18.87 -12.23
C LYS C 138 5.74 17.56 -11.87
N TYR C 139 5.08 17.53 -10.73
CA TYR C 139 4.38 16.33 -10.30
C TYR C 139 3.40 15.90 -11.36
N CYS C 140 3.39 14.59 -11.64
CA CYS C 140 2.32 13.98 -12.45
C CYS C 140 0.93 14.25 -11.85
N TRP C 141 0.03 14.73 -12.70
CA TRP C 141 -1.33 15.09 -12.35
C TRP C 141 -1.97 14.14 -11.34
N TYR C 142 -1.81 12.84 -11.56
CA TYR C 142 -2.54 11.85 -10.77
C TYR C 142 -1.99 11.75 -9.37
N LEU C 143 -0.82 12.32 -9.12
CA LEU C 143 -0.28 12.30 -7.76
C LEU C 143 -0.91 13.35 -6.86
N LEU C 144 -1.39 14.43 -7.46
CA LEU C 144 -1.89 15.52 -6.66
C LEU C 144 -2.98 15.00 -5.73
N LYS C 145 -2.96 15.41 -4.47
CA LYS C 145 -3.95 14.95 -3.50
C LYS C 145 -5.31 15.47 -3.82
N ASP C 146 -5.39 16.57 -4.54
CA ASP C 146 -6.69 17.13 -4.92
C ASP C 146 -7.27 16.41 -6.12
N VAL C 147 -6.43 15.59 -6.75
CA VAL C 147 -6.81 14.96 -7.99
C VAL C 147 -6.97 13.46 -7.80
N GLU C 148 -5.85 12.77 -7.55
CA GLU C 148 -5.82 11.30 -7.44
C GLU C 148 -6.19 10.58 -8.74
N THR C 149 -5.99 9.26 -8.72
CA THR C 149 -6.16 8.43 -9.89
C THR C 149 -7.58 8.55 -10.40
N LYS C 150 -8.53 8.59 -9.46
CA LYS C 150 -9.93 8.62 -9.82
C LYS C 150 -10.30 9.83 -10.66
N ASN C 151 -9.78 11.01 -10.34
CA ASN C 151 -10.01 12.15 -11.20
C ASN C 151 -9.19 12.11 -12.49
N ALA C 152 -7.93 11.73 -12.37
CA ALA C 152 -7.04 11.75 -13.51
C ALA C 152 -7.64 10.91 -14.64
N VAL C 153 -8.18 9.76 -14.29
CA VAL C 153 -8.74 8.83 -15.25
C VAL C 153 -9.94 9.48 -15.95
N ASN C 154 -10.79 10.14 -15.17
CA ASN C 154 -11.93 10.90 -15.68
C ASN C 154 -11.44 12.07 -16.53
N ASP C 155 -10.35 12.70 -16.09
CA ASP C 155 -9.85 13.88 -16.78
C ASP C 155 -9.35 13.55 -18.18
N VAL C 156 -8.79 12.33 -18.31
CA VAL C 156 -8.24 11.87 -19.57
C VAL C 156 -9.32 11.84 -20.63
N LEU C 157 -10.48 11.26 -20.31
CA LEU C 157 -11.55 11.05 -21.28
C LEU C 157 -12.07 12.43 -21.62
N LEU C 158 -12.12 13.28 -20.60
CA LEU C 158 -12.53 14.63 -20.87
C LEU C 158 -11.63 15.29 -21.88
N LEU C 159 -10.33 15.28 -21.61
CA LEU C 159 -9.38 15.91 -22.52
C LEU C 159 -9.56 15.33 -23.91
N TYR C 160 -9.78 14.01 -23.97
CA TYR C 160 -9.90 13.32 -25.25
C TYR C 160 -11.11 13.84 -26.04
N ASN C 161 -12.23 13.99 -25.33
CA ASN C 161 -13.44 14.39 -25.99
C ASN C 161 -13.47 15.86 -26.34
N SER C 162 -12.63 16.64 -25.65
CA SER C 162 -12.55 18.08 -25.92
C SER C 162 -11.99 18.35 -27.30
N ILE C 163 -11.10 17.46 -27.73
CA ILE C 163 -10.55 17.51 -29.07
C ILE C 163 -11.65 17.58 -30.13
N TYR C 164 -12.61 16.67 -30.03
CA TYR C 164 -13.59 16.53 -31.08
C TYR C 164 -14.61 17.67 -31.05
N LYS C 165 -14.81 18.25 -29.86
CA LYS C 165 -15.65 19.44 -29.75
C LYS C 165 -14.94 20.65 -30.38
N LEU C 166 -13.64 20.78 -30.13
CA LEU C 166 -12.90 21.83 -30.79
C LEU C 166 -12.95 21.71 -32.32
N ILE C 167 -12.78 20.48 -32.81
CA ILE C 167 -12.75 20.23 -34.25
C ILE C 167 -14.13 20.49 -34.86
N GLU C 168 -15.18 20.20 -34.13
CA GLU C 168 -16.50 20.59 -34.57
C GLU C 168 -16.57 22.11 -34.66
N ILE C 169 -16.14 22.79 -33.60
CA ILE C 169 -16.37 24.21 -33.51
C ILE C 169 -15.70 24.93 -34.68
N TYR C 170 -14.52 24.47 -35.09
CA TYR C 170 -13.69 25.22 -36.05
C TYR C 170 -13.65 24.60 -37.44
N LEU C 171 -14.20 23.40 -37.58
CA LEU C 171 -14.04 22.69 -38.84
C LEU C 171 -15.31 21.97 -39.29
N ARG C 172 -16.42 22.17 -38.58
CA ARG C 172 -17.65 21.43 -38.91
C ARG C 172 -18.13 21.63 -40.36
N ASN C 173 -17.62 22.67 -41.03
CA ASN C 173 -18.05 22.98 -42.39
C ASN C 173 -17.02 22.67 -43.46
N GLU C 174 -15.79 22.37 -43.04
CA GLU C 174 -14.76 21.94 -44.00
C GLU C 174 -15.10 20.58 -44.57
N SER C 175 -14.75 20.36 -45.83
CA SER C 175 -15.05 19.08 -46.46
C SER C 175 -14.11 17.97 -45.99
N CYS C 176 -12.93 18.33 -45.52
CA CYS C 176 -12.03 17.35 -44.88
C CYS C 176 -12.51 16.91 -43.51
N TYR C 177 -13.60 17.52 -43.03
CA TYR C 177 -14.04 17.36 -41.63
C TYR C 177 -14.08 15.91 -41.18
N VAL C 178 -14.80 15.06 -41.90
CA VAL C 178 -15.01 13.69 -41.47
C VAL C 178 -13.70 12.88 -41.48
N ASP C 179 -12.78 13.24 -42.37
CA ASP C 179 -11.52 12.49 -42.53
C ASP C 179 -10.57 12.87 -41.42
N VAL C 180 -10.59 14.15 -41.04
CA VAL C 180 -9.80 14.58 -39.89
C VAL C 180 -10.22 13.80 -38.65
N ILE C 181 -11.50 13.87 -38.28
CA ILE C 181 -11.89 13.11 -37.09
C ILE C 181 -11.58 11.64 -37.19
N ALA C 182 -11.67 11.07 -38.39
CA ALA C 182 -11.36 9.65 -38.55
C ALA C 182 -9.88 9.42 -38.33
N THR C 183 -9.06 10.39 -38.68
CA THR C 183 -7.63 10.24 -38.49
C THR C 183 -7.24 10.22 -37.01
N PHE C 184 -7.78 11.14 -36.23
CA PHE C 184 -7.61 11.10 -34.79
C PHE C 184 -8.08 9.78 -34.19
N ARG C 185 -9.32 9.40 -34.50
CA ARG C 185 -9.91 8.19 -34.00
C ARG C 185 -9.02 6.98 -34.28
N ASP C 186 -8.53 6.87 -35.51
CA ASP C 186 -7.78 5.69 -35.87
C ASP C 186 -6.40 5.71 -35.24
N ALA C 187 -5.76 6.87 -35.26
CA ALA C 187 -4.46 6.99 -34.63
C ALA C 187 -4.56 6.58 -33.14
N THR C 188 -5.66 6.96 -32.51
CA THR C 188 -5.82 6.71 -31.09
C THR C 188 -6.00 5.23 -30.84
N LEU C 189 -6.85 4.60 -31.65
CA LEU C 189 -7.01 3.16 -31.57
C LEU C 189 -5.66 2.46 -31.67
N LYS C 190 -4.85 2.89 -32.62
CA LYS C 190 -3.57 2.27 -32.81
C LYS C 190 -2.70 2.46 -31.59
N THR C 191 -2.71 3.68 -31.05
CA THR C 191 -1.91 4.03 -29.87
C THR C 191 -2.31 3.22 -28.64
N ILE C 192 -3.61 3.02 -28.44
CA ILE C 192 -4.09 2.19 -27.34
C ILE C 192 -3.62 0.75 -27.42
N ILE C 193 -3.57 0.21 -28.63
CA ILE C 193 -3.08 -1.13 -28.83
C ILE C 193 -1.58 -1.23 -28.52
N GLY C 194 -0.80 -0.23 -28.94
CA GLY C 194 0.62 -0.22 -28.64
C GLY C 194 0.86 -0.15 -27.14
N GLN C 195 0.13 0.74 -26.46
CA GLN C 195 0.16 0.80 -25.00
C GLN C 195 -0.21 -0.54 -24.36
N HIS C 196 -1.27 -1.16 -24.84
CA HIS C 196 -1.58 -2.50 -24.37
C HIS C 196 -0.36 -3.43 -24.46
N LEU C 197 0.23 -3.49 -25.65
CA LEU C 197 1.41 -4.32 -25.85
C LEU C 197 2.53 -3.92 -24.91
N ASP C 198 2.80 -2.61 -24.79
CA ASP C 198 3.92 -2.12 -24.00
C ASP C 198 3.72 -2.55 -22.55
N THR C 199 2.47 -2.77 -22.18
CA THR C 199 2.12 -2.98 -20.78
C THR C 199 2.09 -4.47 -20.41
N ASN C 200 1.90 -5.33 -21.41
CA ASN C 200 1.58 -6.73 -21.18
C ASN C 200 2.51 -7.74 -21.85
N ILE C 201 3.44 -7.25 -22.67
CA ILE C 201 4.28 -8.06 -23.55
C ILE C 201 5.05 -9.15 -22.80
N PHE C 202 5.35 -8.90 -21.52
CA PHE C 202 6.05 -9.87 -20.68
C PHE C 202 5.14 -10.59 -19.66
N SER C 203 3.85 -10.24 -19.63
CA SER C 203 2.94 -10.78 -18.63
C SER C 203 2.56 -12.24 -18.93
N ASP C 204 2.07 -12.94 -17.91
CA ASP C 204 1.68 -14.36 -18.06
C ASP C 204 0.63 -14.55 -19.13
N LYS C 205 -0.29 -13.59 -19.21
CA LYS C 205 -1.17 -13.49 -20.36
C LYS C 205 -0.50 -14.09 -21.58
N TYR C 206 0.72 -13.65 -21.86
CA TYR C 206 1.29 -13.69 -23.21
C TYR C 206 2.32 -14.80 -23.32
N SER C 207 2.64 -15.41 -22.17
CA SER C 207 3.54 -16.56 -22.13
C SER C 207 2.76 -17.87 -22.18
N GLU C 212 -5.24 -18.93 -20.85
CA GLU C 212 -6.50 -18.20 -20.69
C GLU C 212 -6.53 -17.32 -19.43
N ILE C 213 -6.97 -16.06 -19.59
CA ILE C 213 -7.18 -15.15 -18.46
C ILE C 213 -8.11 -15.79 -17.42
N ASP C 214 -7.70 -15.74 -16.16
CA ASP C 214 -8.43 -16.40 -15.07
C ASP C 214 -9.44 -15.48 -14.37
N VAL C 215 -10.69 -15.49 -14.85
CA VAL C 215 -11.66 -14.51 -14.39
C VAL C 215 -12.09 -14.73 -12.94
N ASN C 216 -11.37 -15.57 -12.22
CA ASN C 216 -11.73 -15.85 -10.82
C ASN C 216 -10.65 -15.47 -9.85
N ASN C 217 -9.52 -15.01 -10.38
CA ASN C 217 -8.36 -14.66 -9.55
C ASN C 217 -8.25 -13.15 -9.35
N ILE C 218 -8.62 -12.68 -8.16
CA ILE C 218 -8.41 -11.29 -7.79
C ILE C 218 -7.37 -11.11 -6.69
N ASN C 219 -6.67 -12.19 -6.37
CA ASN C 219 -6.02 -12.36 -5.06
C ASN C 219 -4.53 -12.62 -5.16
N VAL C 220 -4.12 -13.20 -6.28
CA VAL C 220 -2.72 -13.62 -6.47
C VAL C 220 -2.07 -12.78 -7.59
N PRO C 221 -1.32 -11.72 -7.21
CA PRO C 221 -0.80 -10.76 -8.17
C PRO C 221 0.45 -11.26 -8.88
N GLU C 222 0.54 -10.97 -10.17
CA GLU C 222 1.59 -11.51 -11.02
C GLU C 222 2.93 -10.82 -10.73
N GLN C 223 3.87 -11.54 -10.11
CA GLN C 223 5.21 -10.99 -9.86
C GLN C 223 6.11 -11.01 -11.11
N PRO C 224 6.45 -9.83 -11.63
CA PRO C 224 6.71 -9.70 -13.07
C PRO C 224 8.13 -10.14 -13.43
N VAL C 225 8.25 -10.83 -14.55
CA VAL C 225 9.50 -11.41 -15.00
C VAL C 225 9.57 -11.15 -16.49
N ILE C 226 10.77 -11.13 -17.06
CA ILE C 226 10.87 -10.98 -18.51
C ILE C 226 10.72 -12.33 -19.17
N ASP C 227 10.28 -12.29 -20.43
CA ASP C 227 10.13 -13.50 -21.23
C ASP C 227 11.04 -13.41 -22.46
N ILE C 228 12.02 -14.30 -22.51
CA ILE C 228 13.14 -14.16 -23.44
C ILE C 228 12.66 -14.24 -24.88
N ASN C 229 11.50 -14.85 -25.10
CA ASN C 229 11.02 -15.08 -26.45
C ASN C 229 10.56 -13.80 -27.06
N MET C 230 10.23 -12.84 -26.20
CA MET C 230 9.68 -11.58 -26.65
C MET C 230 10.76 -10.52 -26.78
N ILE C 231 12.00 -10.90 -26.48
CA ILE C 231 13.10 -9.94 -26.53
C ILE C 231 13.73 -9.93 -27.91
N ASN C 232 13.03 -9.36 -28.89
CA ASN C 232 13.60 -9.11 -30.22
C ASN C 232 13.04 -7.85 -30.87
N PHE C 233 13.71 -7.37 -31.91
CA PHE C 233 13.38 -6.07 -32.50
C PHE C 233 12.08 -6.09 -33.28
N GLY C 234 11.75 -7.25 -33.84
CA GLY C 234 10.49 -7.44 -34.53
C GLY C 234 9.32 -7.11 -33.62
N VAL C 235 9.38 -7.62 -32.38
CA VAL C 235 8.33 -7.38 -31.40
C VAL C 235 8.38 -5.95 -30.87
N TYR C 236 9.59 -5.45 -30.65
CA TYR C 236 9.79 -4.06 -30.33
C TYR C 236 9.20 -3.08 -31.34
N LYS C 237 9.44 -3.30 -32.63
CA LYS C 237 8.90 -2.44 -33.70
C LYS C 237 7.37 -2.48 -33.75
N ASN C 238 6.80 -3.63 -33.43
CA ASN C 238 5.35 -3.73 -33.32
C ASN C 238 4.84 -2.76 -32.25
N ILE C 239 5.57 -2.69 -31.14
CA ILE C 239 5.10 -1.95 -29.99
C ILE C 239 5.24 -0.45 -30.21
N VAL C 240 6.41 -0.01 -30.69
CA VAL C 240 6.73 1.41 -30.70
C VAL C 240 6.07 2.15 -31.86
N ILE C 241 5.95 1.47 -32.98
CA ILE C 241 5.20 1.98 -34.12
C ILE C 241 3.76 2.25 -33.70
N HIS C 242 3.16 1.32 -32.95
CA HIS C 242 1.77 1.54 -32.53
C HIS C 242 1.59 2.58 -31.46
N LYS C 243 2.45 2.58 -30.45
CA LYS C 243 2.24 3.41 -29.29
C LYS C 243 2.80 4.80 -29.53
N THR C 244 3.62 4.96 -30.56
CA THR C 244 4.29 6.24 -30.77
C THR C 244 4.19 6.84 -32.15
N ALA C 245 4.37 6.04 -33.20
CA ALA C 245 4.58 6.59 -34.53
C ALA C 245 3.32 7.16 -35.17
N TYR C 246 2.18 6.51 -34.97
CA TYR C 246 0.93 6.99 -35.56
C TYR C 246 0.44 8.33 -35.02
N TYR C 247 0.47 8.53 -33.70
CA TYR C 247 -0.08 9.74 -33.13
C TYR C 247 0.97 10.84 -33.08
N SER C 248 2.25 10.47 -33.10
CA SER C 248 3.34 11.44 -33.05
C SER C 248 3.76 11.96 -34.40
N PHE C 249 3.58 11.15 -35.44
CA PHE C 249 4.02 11.54 -36.78
C PHE C 249 2.93 11.46 -37.85
N PHE C 250 2.28 10.31 -37.96
CA PHE C 250 1.28 10.14 -39.01
C PHE C 250 0.16 11.15 -38.84
N LEU C 251 -0.40 11.17 -37.64
CA LEU C 251 -1.52 12.04 -37.32
C LEU C 251 -1.28 13.50 -37.70
N PRO C 252 -0.20 14.11 -37.16
CA PRO C 252 -0.03 15.53 -37.44
C PRO C 252 0.18 15.80 -38.94
N ILE C 253 1.07 15.03 -39.56
CA ILE C 253 1.33 15.24 -40.96
C ILE C 253 0.04 15.13 -41.78
N VAL C 254 -0.65 13.99 -41.62
CA VAL C 254 -1.92 13.82 -42.31
C VAL C 254 -2.86 14.97 -42.09
N CYS C 255 -2.99 15.40 -40.83
CA CYS C 255 -3.83 16.54 -40.51
C CYS C 255 -3.51 17.72 -41.42
N GLY C 256 -2.22 18.04 -41.51
CA GLY C 256 -1.79 19.22 -42.25
C GLY C 256 -2.11 19.04 -43.71
N MET C 257 -1.94 17.82 -44.19
CA MET C 257 -2.17 17.50 -45.58
C MET C 257 -3.66 17.56 -45.86
N LEU C 258 -4.46 16.88 -45.04
CA LEU C 258 -5.91 16.92 -45.26
C LEU C 258 -6.38 18.36 -45.35
N LEU C 259 -5.98 19.17 -44.39
CA LEU C 259 -6.54 20.53 -44.28
C LEU C 259 -6.17 21.37 -45.51
N ALA C 260 -4.96 21.14 -46.04
CA ALA C 260 -4.49 21.80 -47.25
C ALA C 260 -5.15 21.23 -48.52
N GLY C 261 -5.71 20.03 -48.41
CA GLY C 261 -6.67 19.55 -49.42
C GLY C 261 -6.10 18.48 -50.35
N ILE C 262 -5.08 17.77 -49.90
CA ILE C 262 -4.55 16.67 -50.69
C ILE C 262 -5.45 15.44 -50.57
N ALA C 263 -5.92 14.94 -51.71
CA ALA C 263 -7.03 14.01 -51.73
C ALA C 263 -6.62 12.67 -51.09
N VAL C 264 -7.50 12.12 -50.27
CA VAL C 264 -7.20 10.94 -49.46
C VAL C 264 -6.69 9.76 -50.30
N ASP C 265 -6.84 9.86 -51.63
CA ASP C 265 -6.47 8.75 -52.51
C ASP C 265 -5.07 8.91 -53.10
N ASN C 266 -4.48 10.09 -52.94
CA ASN C 266 -3.11 10.31 -53.41
C ASN C 266 -2.10 9.30 -52.83
N LEU C 267 -1.19 8.84 -53.68
CA LEU C 267 -0.23 7.79 -53.31
C LEU C 267 0.84 8.30 -52.33
N ILE C 268 0.80 9.60 -52.05
CA ILE C 268 1.72 10.18 -51.10
C ILE C 268 1.46 9.74 -49.63
N TYR C 269 0.20 9.45 -49.30
CA TYR C 269 -0.18 9.13 -47.92
C TYR C 269 0.47 7.84 -47.45
N LYS C 270 0.63 6.90 -48.37
CA LYS C 270 1.22 5.62 -48.03
C LYS C 270 2.71 5.77 -47.83
N LYS C 271 3.30 6.67 -48.60
CA LYS C 271 4.68 7.07 -48.38
C LYS C 271 4.87 7.73 -47.01
N ILE C 272 3.93 8.58 -46.66
CA ILE C 272 3.98 9.28 -45.38
C ILE C 272 3.83 8.28 -44.22
N GLU C 273 3.01 7.26 -44.45
CA GLU C 273 2.81 6.26 -43.42
C GLU C 273 4.11 5.51 -43.12
N ASP C 274 4.85 5.16 -44.18
CA ASP C 274 6.11 4.43 -43.99
C ASP C 274 7.17 5.28 -43.31
N ILE C 275 7.27 6.54 -43.73
CA ILE C 275 8.24 7.44 -43.14
C ILE C 275 7.88 7.66 -41.67
N SER C 276 6.59 7.84 -41.41
CA SER C 276 6.10 7.95 -40.05
C SER C 276 6.55 6.79 -39.15
N MET C 277 6.49 5.56 -39.66
CA MET C 277 6.90 4.38 -38.90
C MET C 277 8.38 4.47 -38.54
N LEU C 278 9.17 4.93 -39.50
CA LEU C 278 10.61 4.99 -39.34
C LEU C 278 10.93 6.05 -38.29
N MET C 279 10.20 7.17 -38.33
CA MET C 279 10.48 8.29 -37.45
C MET C 279 10.03 7.95 -36.05
N GLY C 280 8.95 7.18 -35.95
CA GLY C 280 8.42 6.78 -34.65
C GLY C 280 9.36 5.83 -33.93
N GLU C 281 9.80 4.79 -34.62
CA GLU C 281 10.86 3.92 -34.12
C GLU C 281 12.06 4.73 -33.71
N TYR C 282 12.50 5.61 -34.61
CA TYR C 282 13.64 6.47 -34.35
C TYR C 282 13.43 7.25 -33.04
N PHE C 283 12.25 7.85 -32.91
CA PHE C 283 11.92 8.67 -31.78
C PHE C 283 11.85 7.89 -30.45
N GLN C 284 11.25 6.70 -30.49
CA GLN C 284 11.02 5.95 -29.27
C GLN C 284 12.31 5.33 -28.76
N ILE C 285 13.19 4.97 -29.68
CA ILE C 285 14.46 4.39 -29.31
C ILE C 285 15.29 5.43 -28.58
N HIS C 286 15.19 6.67 -29.03
CA HIS C 286 15.79 7.78 -28.34
C HIS C 286 15.15 8.02 -26.97
N ASP C 287 13.81 7.98 -26.91
CA ASP C 287 13.11 7.99 -25.63
C ASP C 287 13.66 6.94 -24.67
N ASP C 288 13.77 5.71 -25.15
CA ASP C 288 14.29 4.62 -24.31
C ASP C 288 15.70 4.96 -23.83
N TYR C 289 16.50 5.54 -24.72
CA TYR C 289 17.86 5.95 -24.39
C TYR C 289 17.84 7.01 -23.32
N LEU C 290 16.89 7.92 -23.40
CA LEU C 290 16.80 9.01 -22.42
C LEU C 290 16.48 8.52 -21.03
N ASP C 291 15.83 7.36 -20.94
CA ASP C 291 15.31 6.84 -19.68
C ASP C 291 16.42 6.37 -18.74
N ILE C 292 17.42 5.67 -19.28
CA ILE C 292 18.62 5.34 -18.51
C ILE C 292 19.75 6.37 -18.54
N PHE C 293 19.99 7.02 -19.69
CA PHE C 293 21.18 7.90 -19.87
C PHE C 293 20.93 9.40 -19.70
N GLY C 294 19.67 9.81 -19.74
CA GLY C 294 19.35 11.22 -19.77
C GLY C 294 19.44 11.83 -18.38
N ASP C 295 19.41 13.14 -18.32
CA ASP C 295 19.40 13.85 -17.05
C ASP C 295 18.00 14.41 -16.83
N SER C 296 17.40 14.06 -15.70
CA SER C 296 15.98 14.25 -15.51
C SER C 296 15.54 15.71 -15.30
N THR C 297 16.47 16.59 -14.94
CA THR C 297 16.17 18.01 -14.98
C THR C 297 16.06 18.52 -16.42
N LYS C 298 16.59 17.76 -17.37
CA LYS C 298 16.53 18.16 -18.76
C LYS C 298 15.35 17.49 -19.48
N THR C 299 15.08 16.23 -19.13
CA THR C 299 13.97 15.52 -19.72
C THR C 299 12.63 15.86 -19.02
N GLY C 300 12.71 16.30 -17.78
CA GLY C 300 11.53 16.67 -17.02
C GLY C 300 10.85 15.47 -16.39
N LYS C 301 11.50 14.31 -16.43
CA LYS C 301 10.88 13.09 -15.92
C LYS C 301 11.90 12.09 -15.37
N VAL C 302 11.44 11.18 -14.51
CA VAL C 302 12.31 10.23 -13.83
C VAL C 302 12.24 8.84 -14.48
N GLY C 303 13.39 8.32 -14.89
CA GLY C 303 13.39 7.06 -15.61
C GLY C 303 12.84 5.93 -14.77
N SER C 304 12.52 4.80 -15.39
CA SER C 304 11.70 3.78 -14.74
C SER C 304 11.45 2.54 -15.60
N ASP C 305 11.97 2.51 -16.83
CA ASP C 305 11.74 1.38 -17.72
C ASP C 305 12.22 0.07 -17.10
N ILE C 306 13.35 0.11 -16.42
CA ILE C 306 13.93 -1.10 -15.88
C ILE C 306 13.06 -1.69 -14.78
N GLN C 307 12.63 -0.85 -13.86
CA GLN C 307 11.85 -1.34 -12.74
C GLN C 307 10.37 -1.56 -13.12
N ASN C 308 9.91 -0.92 -14.17
CA ASN C 308 8.59 -1.21 -14.72
C ASN C 308 8.56 -2.40 -15.67
N ASN C 309 9.71 -3.05 -15.88
CA ASN C 309 9.73 -4.30 -16.66
C ASN C 309 9.34 -4.07 -18.12
N LYS C 310 9.90 -3.03 -18.74
CA LYS C 310 9.52 -2.66 -20.10
C LYS C 310 10.45 -3.31 -21.11
N LEU C 311 9.92 -3.53 -22.31
CA LEU C 311 10.73 -4.08 -23.40
C LEU C 311 11.38 -2.94 -24.16
N THR C 312 12.63 -2.62 -23.84
CA THR C 312 13.23 -1.40 -24.36
C THR C 312 14.31 -1.72 -25.40
N TRP C 313 14.79 -0.71 -26.11
CA TRP C 313 15.84 -0.92 -27.08
C TRP C 313 17.14 -1.33 -26.39
N PRO C 314 17.52 -0.62 -25.32
CA PRO C 314 18.68 -0.98 -24.51
C PRO C 314 18.61 -2.41 -24.03
N LEU C 315 17.44 -2.86 -23.62
CA LEU C 315 17.28 -4.22 -23.13
C LEU C 315 17.59 -5.20 -24.23
N ILE C 316 17.12 -4.89 -25.43
CA ILE C 316 17.21 -5.81 -26.56
C ILE C 316 18.61 -5.84 -27.12
N LYS C 317 19.23 -4.66 -27.20
CA LYS C 317 20.59 -4.55 -27.70
C LYS C 317 21.58 -5.26 -26.78
N THR C 318 21.49 -5.01 -25.48
CA THR C 318 22.29 -5.75 -24.51
C THR C 318 22.10 -7.26 -24.67
N PHE C 319 20.84 -7.69 -24.69
CA PHE C 319 20.51 -9.11 -24.69
C PHE C 319 21.06 -9.76 -25.95
N GLU C 320 21.20 -8.95 -26.99
CA GLU C 320 21.67 -9.46 -28.26
C GLU C 320 23.18 -9.54 -28.23
N LEU C 321 23.80 -8.75 -27.37
CA LEU C 321 25.25 -8.66 -27.34
C LEU C 321 25.89 -9.56 -26.28
N CYS C 322 25.19 -9.77 -25.17
CA CYS C 322 25.86 -10.14 -23.92
C CYS C 322 26.07 -11.64 -23.78
N SER C 323 26.85 -12.04 -22.77
CA SER C 323 27.19 -13.45 -22.57
C SER C 323 26.01 -14.21 -21.99
N GLU C 324 26.16 -15.53 -21.94
CA GLU C 324 25.10 -16.39 -21.44
C GLU C 324 24.84 -16.20 -19.94
N PRO C 325 25.90 -16.01 -19.13
CA PRO C 325 25.69 -15.76 -17.70
C PRO C 325 25.18 -14.34 -17.44
N ASP C 326 25.45 -13.42 -18.37
CA ASP C 326 24.94 -12.06 -18.25
C ASP C 326 23.45 -11.98 -18.58
N LYS C 327 22.98 -12.85 -19.48
CA LYS C 327 21.54 -13.03 -19.67
C LYS C 327 20.83 -13.47 -18.40
N ILE C 328 21.42 -14.42 -17.68
CA ILE C 328 20.82 -14.92 -16.44
C ILE C 328 20.72 -13.78 -15.43
N LYS C 329 21.73 -12.92 -15.45
CA LYS C 329 21.84 -11.86 -14.47
C LYS C 329 20.77 -10.82 -14.74
N ILE C 330 20.48 -10.59 -16.01
CA ILE C 330 19.39 -9.73 -16.37
C ILE C 330 18.05 -10.32 -15.96
N VAL C 331 17.83 -11.60 -16.26
CA VAL C 331 16.53 -12.19 -15.96
C VAL C 331 16.25 -12.05 -14.47
N LYS C 332 17.30 -12.15 -13.65
CA LYS C 332 17.12 -12.21 -12.21
C LYS C 332 16.95 -10.82 -11.64
N ASN C 333 17.36 -9.80 -12.39
CA ASN C 333 17.47 -8.45 -11.87
C ASN C 333 16.53 -7.41 -12.52
N TYR C 334 15.98 -7.75 -13.68
CA TYR C 334 15.18 -6.79 -14.44
C TYR C 334 13.77 -6.72 -13.87
N GLY C 335 13.17 -5.53 -13.85
CA GLY C 335 11.75 -5.41 -13.53
C GLY C 335 11.47 -5.50 -12.04
N LYS C 336 12.49 -5.24 -11.22
CA LYS C 336 12.29 -5.12 -9.77
C LYS C 336 12.47 -3.67 -9.35
N ASN C 337 11.49 -3.15 -8.61
CA ASN C 337 11.59 -1.82 -8.02
C ASN C 337 12.45 -1.92 -6.79
N ASN C 338 13.76 -1.77 -6.98
CA ASN C 338 14.71 -2.25 -6.00
C ASN C 338 16.09 -1.80 -6.45
N LEU C 339 16.71 -0.97 -5.63
CA LEU C 339 17.86 -0.19 -6.06
C LEU C 339 19.06 -1.04 -6.54
N ALA C 340 19.51 -2.00 -5.72
CA ALA C 340 20.61 -2.86 -6.13
C ALA C 340 20.37 -3.48 -7.51
N CYS C 341 19.15 -3.95 -7.76
CA CYS C 341 18.87 -4.73 -8.96
C CYS C 341 18.92 -3.83 -10.19
N VAL C 342 18.39 -2.62 -10.06
CA VAL C 342 18.51 -1.63 -11.12
C VAL C 342 19.98 -1.32 -11.42
N LYS C 343 20.80 -1.18 -10.40
CA LYS C 343 22.22 -0.89 -10.65
C LYS C 343 22.82 -1.99 -11.48
N VAL C 344 22.41 -3.23 -11.25
CA VAL C 344 23.03 -4.32 -11.96
C VAL C 344 22.76 -4.16 -13.46
N ILE C 345 21.51 -3.91 -13.79
CA ILE C 345 21.16 -3.71 -15.18
C ILE C 345 21.89 -2.48 -15.68
N ASP C 346 21.88 -1.43 -14.92
CA ASP C 346 22.49 -0.21 -15.34
C ASP C 346 23.97 -0.37 -15.65
N SER C 347 24.70 -1.15 -14.87
CA SER C 347 26.13 -1.37 -15.14
C SER C 347 26.35 -2.34 -16.30
N LEU C 348 25.40 -3.25 -16.51
CA LEU C 348 25.40 -4.04 -17.74
C LEU C 348 25.31 -3.16 -18.99
N TYR C 349 24.55 -2.07 -18.91
CA TYR C 349 24.39 -1.19 -20.06
C TYR C 349 25.69 -0.45 -20.34
N GLU C 350 26.36 -0.01 -19.27
CA GLU C 350 27.68 0.61 -19.34
C GLU C 350 28.69 -0.39 -19.90
N GLN C 351 28.62 -1.62 -19.44
CA GLN C 351 29.61 -2.64 -19.79
C GLN C 351 29.59 -2.94 -21.29
N TYR C 352 28.39 -3.11 -21.84
CA TYR C 352 28.26 -3.42 -23.27
C TYR C 352 28.12 -2.16 -24.11
N LYS C 353 28.56 -1.05 -23.56
CA LYS C 353 28.58 0.22 -24.24
C LYS C 353 27.36 0.42 -25.07
N ILE C 354 26.24 0.62 -24.41
CA ILE C 354 24.97 0.76 -25.10
C ILE C 354 24.80 2.15 -25.68
N ARG C 355 25.30 3.14 -24.94
CA ARG C 355 25.49 4.48 -25.48
C ARG C 355 26.02 4.42 -26.91
N LYS C 356 27.22 3.86 -27.08
CA LYS C 356 27.88 3.90 -28.38
C LYS C 356 27.02 3.21 -29.42
N HIS C 357 26.38 2.11 -29.03
CA HIS C 357 25.54 1.39 -29.96
C HIS C 357 24.33 2.22 -30.37
N TYR C 358 23.87 3.07 -29.46
CA TYR C 358 22.78 3.98 -29.82
C TYR C 358 23.22 5.01 -30.85
N GLU C 359 24.28 5.75 -30.53
CA GLU C 359 24.85 6.68 -31.47
C GLU C 359 24.93 6.05 -32.88
N SER C 360 25.34 4.79 -32.91
CA SER C 360 25.56 4.11 -34.18
C SER C 360 24.21 3.79 -34.84
N TYR C 361 23.21 3.49 -34.01
CA TYR C 361 21.87 3.25 -34.53
C TYR C 361 21.27 4.56 -35.04
N GLU C 362 21.50 5.65 -34.31
CA GLU C 362 20.95 6.95 -34.68
C GLU C 362 21.42 7.39 -36.05
N LYS C 363 22.71 7.20 -36.32
CA LYS C 363 23.28 7.63 -37.58
C LYS C 363 22.71 6.86 -38.78
N ALA C 364 22.48 5.56 -38.62
CA ALA C 364 22.00 4.72 -39.72
C ALA C 364 20.50 4.90 -39.99
N GLN C 365 19.71 4.97 -38.92
CA GLN C 365 18.29 5.25 -39.01
C GLN C 365 18.03 6.60 -39.69
N LYS C 366 18.76 7.63 -39.29
CA LYS C 366 18.61 8.96 -39.89
C LYS C 366 18.82 8.91 -41.40
N ALA C 367 19.91 8.30 -41.82
CA ALA C 367 20.16 8.13 -43.23
C ALA C 367 18.98 7.39 -43.85
N LYS C 368 18.52 6.34 -43.22
CA LYS C 368 17.43 5.56 -43.75
C LYS C 368 16.18 6.40 -43.88
N ILE C 369 15.98 7.33 -42.99
CA ILE C 369 14.83 8.22 -43.04
C ILE C 369 14.99 9.29 -44.12
N LEU C 370 16.18 9.89 -44.18
CA LEU C 370 16.47 10.91 -45.17
C LEU C 370 16.30 10.32 -46.57
N SER C 371 16.74 9.08 -46.73
CA SER C 371 16.60 8.37 -48.00
C SER C 371 15.12 8.29 -48.41
N ALA C 372 14.26 7.92 -47.47
CA ALA C 372 12.86 7.75 -47.80
C ALA C 372 12.20 9.09 -48.06
N ILE C 373 12.56 10.09 -47.27
CA ILE C 373 12.02 11.45 -47.44
C ILE C 373 12.29 11.97 -48.86
N ASN C 374 13.45 11.63 -49.40
CA ASN C 374 13.85 12.13 -50.71
C ASN C 374 13.08 11.48 -51.86
N GLU C 375 12.29 10.46 -51.54
CA GLU C 375 11.50 9.78 -52.56
C GLU C 375 10.07 10.31 -52.62
N LEU C 376 9.75 11.26 -51.75
CA LEU C 376 8.42 11.85 -51.69
C LEU C 376 8.05 12.63 -52.95
N HIS C 377 9.05 13.23 -53.59
CA HIS C 377 8.80 14.03 -54.77
C HIS C 377 7.88 15.19 -54.44
N HIS C 378 8.11 15.80 -53.27
CA HIS C 378 7.42 17.02 -52.85
C HIS C 378 8.35 17.89 -52.01
N GLU C 379 8.84 18.97 -52.62
CA GLU C 379 9.84 19.83 -52.00
C GLU C 379 9.40 20.39 -50.66
N GLY C 380 8.15 20.85 -50.58
CA GLY C 380 7.62 21.42 -49.35
C GLY C 380 7.64 20.45 -48.19
N ILE C 381 7.04 19.29 -48.38
CA ILE C 381 6.96 18.30 -47.30
C ILE C 381 8.34 17.79 -46.95
N GLU C 382 9.18 17.60 -47.96
CA GLU C 382 10.52 17.06 -47.77
C GLU C 382 11.34 18.01 -46.89
N TYR C 383 11.24 19.31 -47.19
CA TYR C 383 11.90 20.30 -46.37
C TYR C 383 11.41 20.17 -44.94
N VAL C 384 10.09 20.18 -44.74
CA VAL C 384 9.56 20.20 -43.38
C VAL C 384 9.98 18.97 -42.60
N LEU C 385 9.87 17.80 -43.23
CA LEU C 385 10.28 16.56 -42.57
C LEU C 385 11.76 16.56 -42.22
N LYS C 386 12.60 17.12 -43.08
CA LYS C 386 14.03 17.19 -42.80
C LYS C 386 14.31 18.20 -41.68
N TYR C 387 13.55 19.30 -41.69
CA TYR C 387 13.64 20.27 -40.60
C TYR C 387 13.22 19.61 -39.29
N LEU C 388 12.18 18.79 -39.33
CA LEU C 388 11.68 18.12 -38.13
C LEU C 388 12.72 17.16 -37.54
N LEU C 389 13.35 16.39 -38.42
CA LEU C 389 14.43 15.50 -38.02
C LEU C 389 15.56 16.18 -37.22
N GLU C 390 15.95 17.37 -37.65
CA GLU C 390 16.99 18.16 -36.96
C GLU C 390 16.58 18.60 -35.56
N ILE C 391 15.38 19.12 -35.41
CA ILE C 391 14.96 19.69 -34.14
C ILE C 391 14.05 18.74 -33.36
N LEU C 392 14.24 17.45 -33.56
CA LEU C 392 13.35 16.46 -32.97
C LEU C 392 13.63 16.27 -31.49
N PHE C 393 14.89 16.44 -31.11
CA PHE C 393 15.30 16.16 -29.74
C PHE C 393 15.38 17.43 -28.90
N THR C 394 15.17 18.57 -29.53
CA THR C 394 15.37 19.86 -28.87
C THR C 394 14.11 20.72 -28.86
N GLY C 395 13.30 20.61 -29.92
CA GLY C 395 12.14 21.49 -30.09
C GLY C 395 12.47 22.82 -30.75
N VAL C 396 11.57 23.78 -30.60
CA VAL C 396 11.72 25.11 -31.21
C VAL C 396 11.44 25.04 -32.71
N LEU D 34 -35.79 -7.58 -30.17
CA LEU D 34 -35.83 -7.68 -28.69
C LEU D 34 -35.03 -8.88 -28.20
N ALA D 35 -35.20 -10.02 -28.88
CA ALA D 35 -34.22 -11.10 -28.81
C ALA D 35 -33.35 -11.11 -30.07
N PHE D 36 -33.86 -10.48 -31.13
CA PHE D 36 -33.06 -10.20 -32.32
C PHE D 36 -31.82 -9.40 -31.96
N PHE D 37 -31.94 -8.61 -30.89
CA PHE D 37 -30.88 -7.68 -30.52
C PHE D 37 -29.72 -8.43 -29.88
N ARG D 38 -30.03 -9.38 -29.03
CA ARG D 38 -29.00 -10.12 -28.32
C ARG D 38 -28.25 -11.06 -29.24
N ASN D 39 -28.86 -11.40 -30.37
CA ASN D 39 -28.22 -12.26 -31.34
C ASN D 39 -27.14 -11.54 -32.12
N MET D 40 -27.33 -10.25 -32.34
CA MET D 40 -26.50 -9.49 -33.25
C MET D 40 -25.16 -9.13 -32.63
N TYR D 41 -25.01 -9.41 -31.35
CA TYR D 41 -23.87 -8.95 -30.56
C TYR D 41 -22.55 -9.39 -31.19
N ASP D 42 -22.38 -10.71 -31.30
CA ASP D 42 -21.22 -11.30 -31.97
C ASP D 42 -20.81 -10.50 -33.20
N LYS D 43 -21.76 -10.34 -34.13
CA LYS D 43 -21.48 -9.65 -35.38
C LYS D 43 -20.71 -8.33 -35.11
N TYR D 44 -21.18 -7.55 -34.14
CA TYR D 44 -20.60 -6.22 -33.88
C TYR D 44 -19.31 -6.31 -33.11
N ARG D 45 -19.27 -7.22 -32.15
CA ARG D 45 -18.03 -7.60 -31.52
C ARG D 45 -16.99 -8.01 -32.57
N ASP D 46 -17.32 -8.97 -33.42
CA ASP D 46 -16.32 -9.48 -34.34
C ASP D 46 -15.90 -8.43 -35.39
N ALA D 47 -16.83 -7.58 -35.79
CA ALA D 47 -16.52 -6.53 -36.74
C ALA D 47 -15.37 -5.66 -36.23
N PHE D 48 -15.42 -5.36 -34.93
CA PHE D 48 -14.36 -4.58 -34.33
C PHE D 48 -13.10 -5.40 -34.12
N LEU D 49 -13.25 -6.61 -33.58
CA LEU D 49 -12.09 -7.45 -33.41
C LEU D 49 -11.37 -7.63 -34.74
N SER D 50 -12.13 -7.61 -35.83
CA SER D 50 -11.59 -7.91 -37.14
C SER D 50 -10.76 -6.74 -37.63
N HIS D 51 -11.13 -5.56 -37.17
CA HIS D 51 -10.41 -4.34 -37.47
C HIS D 51 -9.03 -4.37 -36.81
N LEU D 52 -9.03 -4.78 -35.54
CA LEU D 52 -7.80 -4.90 -34.77
C LEU D 52 -6.85 -5.85 -35.48
N ASN D 53 -7.43 -6.86 -36.12
CA ASN D 53 -6.68 -7.98 -36.62
C ASN D 53 -6.07 -7.64 -37.97
N GLU D 54 -6.41 -6.49 -38.52
CA GLU D 54 -5.80 -5.99 -39.73
C GLU D 54 -4.51 -5.21 -39.44
N TYR D 55 -4.24 -4.96 -38.17
CA TYR D 55 -3.05 -4.21 -37.78
C TYR D 55 -1.81 -4.95 -38.25
N SER D 56 -0.74 -4.19 -38.48
CA SER D 56 0.53 -4.74 -38.91
C SER D 56 1.29 -5.31 -37.70
N LEU D 57 0.98 -6.54 -37.32
CA LEU D 57 1.59 -7.12 -36.13
C LEU D 57 2.01 -8.56 -36.45
N GLU D 58 3.00 -9.06 -35.71
CA GLU D 58 3.38 -10.47 -35.82
C GLU D 58 2.21 -11.39 -35.42
N GLU D 59 2.09 -12.53 -36.10
CA GLU D 59 0.90 -13.36 -35.98
C GLU D 59 0.65 -13.86 -34.56
N GLU D 60 1.72 -14.20 -33.84
CA GLU D 60 1.53 -14.72 -32.50
C GLU D 60 0.98 -13.62 -31.61
N ILE D 61 1.33 -12.37 -31.95
CA ILE D 61 0.89 -11.21 -31.20
C ILE D 61 -0.59 -10.88 -31.44
N LYS D 62 -0.98 -10.93 -32.72
CA LYS D 62 -2.38 -10.83 -33.10
C LYS D 62 -3.26 -11.86 -32.38
N GLU D 63 -2.76 -13.10 -32.24
CA GLU D 63 -3.52 -14.12 -31.53
C GLU D 63 -3.79 -13.71 -30.10
N HIS D 64 -2.79 -13.19 -29.43
CA HIS D 64 -2.93 -12.75 -28.06
C HIS D 64 -3.90 -11.56 -27.94
N ILE D 65 -3.76 -10.60 -28.86
CA ILE D 65 -4.62 -9.41 -28.88
C ILE D 65 -6.07 -9.90 -28.97
N SER D 66 -6.32 -10.77 -29.95
CA SER D 66 -7.65 -11.32 -30.15
C SER D 66 -8.19 -11.93 -28.88
N LYS D 67 -7.39 -12.78 -28.24
CA LYS D 67 -7.84 -13.49 -27.06
C LYS D 67 -8.17 -12.51 -25.93
N TYR D 68 -7.36 -11.47 -25.81
CA TYR D 68 -7.56 -10.50 -24.73
C TYR D 68 -8.82 -9.64 -24.96
N TYR D 69 -9.03 -9.21 -26.19
CA TYR D 69 -10.03 -8.20 -26.43
C TYR D 69 -11.42 -8.79 -26.63
N LYS D 70 -11.48 -10.06 -26.99
CA LYS D 70 -12.75 -10.77 -27.06
C LYS D 70 -13.29 -10.99 -25.63
N LEU D 71 -12.38 -11.26 -24.70
CA LEU D 71 -12.76 -11.40 -23.31
C LEU D 71 -13.19 -10.06 -22.72
N LEU D 72 -12.44 -9.01 -23.04
CA LEU D 72 -12.79 -7.67 -22.60
C LEU D 72 -14.24 -7.35 -22.89
N PHE D 73 -14.64 -7.58 -24.15
CA PHE D 73 -15.99 -7.31 -24.61
C PHE D 73 -17.03 -8.29 -24.01
N ASP D 74 -16.79 -9.61 -24.16
CA ASP D 74 -17.70 -10.58 -23.58
C ASP D 74 -17.98 -10.32 -22.10
N TYR D 75 -16.92 -10.01 -21.35
CA TYR D 75 -17.02 -10.00 -19.90
C TYR D 75 -17.80 -8.77 -19.43
N ASN D 76 -17.68 -7.68 -20.18
CA ASN D 76 -18.22 -6.40 -19.74
C ASN D 76 -19.42 -5.91 -20.52
N CYS D 77 -19.63 -6.44 -21.73
CA CYS D 77 -20.79 -6.02 -22.51
C CYS D 77 -22.02 -6.91 -22.30
N LEU D 78 -21.81 -8.07 -21.68
CA LEU D 78 -22.85 -9.10 -21.61
C LEU D 78 -23.41 -9.19 -20.19
N GLY D 79 -24.65 -9.62 -20.06
CA GLY D 79 -25.23 -9.86 -18.73
C GLY D 79 -26.06 -8.72 -18.18
N GLY D 80 -26.12 -7.59 -18.90
CA GLY D 80 -26.96 -6.49 -18.46
C GLY D 80 -28.44 -6.67 -18.79
N LYS D 81 -29.25 -5.70 -18.39
CA LYS D 81 -30.66 -5.70 -18.77
C LYS D 81 -30.87 -5.13 -20.18
N ASN D 82 -29.89 -4.39 -20.69
CA ASN D 82 -29.94 -3.86 -22.05
C ASN D 82 -31.10 -2.89 -22.32
N ASN D 83 -31.61 -2.24 -21.28
CA ASN D 83 -32.60 -1.18 -21.46
C ASN D 83 -32.19 -0.11 -22.46
N ARG D 84 -30.99 0.44 -22.30
CA ARG D 84 -30.51 1.47 -23.19
C ARG D 84 -30.53 1.03 -24.64
N GLY D 85 -30.09 -0.18 -24.90
CA GLY D 85 -30.02 -0.69 -26.25
C GLY D 85 -31.38 -0.92 -26.85
N ILE D 86 -32.26 -1.55 -26.08
CA ILE D 86 -33.59 -1.88 -26.52
C ILE D 86 -34.39 -0.61 -26.73
N LEU D 87 -34.04 0.42 -25.96
CA LEU D 87 -34.69 1.72 -26.14
C LEU D 87 -34.42 2.26 -27.55
N VAL D 88 -33.17 2.15 -28.00
CA VAL D 88 -32.83 2.58 -29.35
C VAL D 88 -33.67 1.82 -30.38
N ILE D 89 -33.75 0.49 -30.21
CA ILE D 89 -34.45 -0.35 -31.15
C ILE D 89 -35.89 0.11 -31.21
N LEU D 90 -36.57 0.09 -30.06
CA LEU D 90 -37.99 0.43 -30.02
C LEU D 90 -38.29 1.82 -30.57
N ILE D 91 -37.51 2.82 -30.17
CA ILE D 91 -37.70 4.14 -30.76
C ILE D 91 -37.63 4.07 -32.28
N TYR D 92 -36.59 3.44 -32.81
CA TYR D 92 -36.46 3.33 -34.25
C TYR D 92 -37.73 2.78 -34.89
N GLU D 93 -38.21 1.68 -34.34
CA GLU D 93 -39.36 0.96 -34.90
C GLU D 93 -40.67 1.77 -34.91
N TYR D 94 -40.94 2.49 -33.82
CA TYR D 94 -42.22 3.16 -33.70
C TYR D 94 -42.19 4.59 -34.20
N VAL D 95 -41.01 5.08 -34.58
CA VAL D 95 -40.94 6.32 -35.34
C VAL D 95 -41.20 6.08 -36.83
N LYS D 96 -40.75 4.91 -37.31
CA LYS D 96 -40.96 4.50 -38.70
C LYS D 96 -42.34 3.86 -38.89
N ASN D 97 -42.66 3.52 -40.15
CA ASN D 97 -43.78 2.59 -40.42
C ASN D 97 -43.30 1.19 -40.85
N ARG D 98 -43.32 0.26 -39.89
CA ARG D 98 -42.32 -0.82 -39.79
C ARG D 98 -42.46 -1.86 -40.90
N ILE D 100 -39.58 -2.00 -42.20
CA ILE D 100 -38.14 -2.02 -41.89
C ILE D 100 -37.44 -3.30 -42.35
N ASN D 101 -36.54 -3.14 -43.32
CA ASN D 101 -35.79 -4.27 -43.86
C ASN D 101 -34.57 -4.65 -43.00
N SER D 102 -33.94 -5.76 -43.35
CA SER D 102 -32.88 -6.36 -42.55
C SER D 102 -31.72 -5.40 -42.34
N SER D 103 -31.38 -4.65 -43.39
CA SER D 103 -30.18 -3.81 -43.43
C SER D 103 -30.38 -2.57 -42.58
N GLU D 104 -31.63 -2.20 -42.40
CA GLU D 104 -31.97 -1.05 -41.60
C GLU D 104 -31.86 -1.43 -40.12
N TRP D 105 -32.25 -2.66 -39.80
CA TRP D 105 -32.09 -3.20 -38.47
C TRP D 105 -30.62 -3.36 -38.16
N GLU D 106 -29.83 -3.65 -39.17
CA GLU D 106 -28.42 -3.81 -38.97
C GLU D 106 -27.83 -2.50 -38.44
N LYS D 107 -28.27 -1.38 -39.02
CA LYS D 107 -27.80 -0.08 -38.57
C LYS D 107 -28.29 0.28 -37.16
N ALA D 108 -29.56 -0.01 -36.87
CA ALA D 108 -30.12 0.28 -35.56
C ALA D 108 -29.48 -0.57 -34.48
N ALA D 109 -29.48 -1.87 -34.70
CA ALA D 109 -28.84 -2.78 -33.77
C ALA D 109 -27.37 -2.41 -33.54
N CYS D 110 -26.73 -1.81 -34.54
CA CYS D 110 -25.37 -1.37 -34.32
C CYS D 110 -25.35 -0.27 -33.26
N LEU D 111 -26.16 0.76 -33.44
CA LEU D 111 -26.23 1.87 -32.50
C LEU D 111 -26.65 1.36 -31.10
N ALA D 112 -27.60 0.44 -31.07
CA ALA D 112 -27.99 -0.14 -29.78
C ALA D 112 -26.78 -0.76 -29.06
N TRP D 113 -26.06 -1.65 -29.74
CA TRP D 113 -24.87 -2.25 -29.15
C TRP D 113 -23.83 -1.21 -28.75
N CYS D 114 -23.77 -0.11 -29.48
CA CYS D 114 -22.84 0.95 -29.16
C CYS D 114 -23.16 1.61 -27.83
N ILE D 115 -24.45 1.82 -27.55
CA ILE D 115 -24.82 2.31 -26.24
C ILE D 115 -24.43 1.31 -25.15
N GLU D 116 -24.58 0.03 -25.44
CA GLU D 116 -24.29 -0.99 -24.46
C GLU D 116 -22.79 -1.13 -24.22
N ILE D 117 -22.00 -0.81 -25.24
CA ILE D 117 -20.57 -0.84 -25.12
C ILE D 117 -20.17 0.39 -24.28
N LEU D 118 -20.88 1.48 -24.49
CA LEU D 118 -20.61 2.71 -23.79
C LEU D 118 -20.93 2.47 -22.33
N GLN D 119 -21.99 1.70 -22.08
CA GLN D 119 -22.40 1.43 -20.71
C GLN D 119 -21.34 0.55 -20.08
N ALA D 120 -20.87 -0.43 -20.84
CA ALA D 120 -19.82 -1.27 -20.36
C ALA D 120 -18.59 -0.44 -19.95
N ALA D 121 -18.22 0.52 -20.79
CA ALA D 121 -17.03 1.34 -20.54
C ALA D 121 -17.22 2.20 -19.28
N PHE D 122 -18.41 2.77 -19.15
CA PHE D 122 -18.72 3.65 -18.03
C PHE D 122 -18.69 2.85 -16.73
N LEU D 123 -19.12 1.60 -16.82
CA LEU D 123 -19.15 0.74 -15.65
C LEU D 123 -17.74 0.33 -15.19
N VAL D 124 -16.91 -0.04 -16.12
CA VAL D 124 -15.55 -0.41 -15.78
C VAL D 124 -14.86 0.77 -15.11
N ALA D 125 -15.06 1.97 -15.66
CA ALA D 125 -14.47 3.15 -15.06
C ALA D 125 -15.07 3.52 -13.69
N ASP D 126 -16.40 3.50 -13.59
CA ASP D 126 -17.06 3.78 -12.30
C ASP D 126 -16.55 2.85 -11.20
N ASP D 127 -16.48 1.56 -11.51
CA ASP D 127 -16.02 0.57 -10.54
C ASP D 127 -14.61 0.84 -10.06
N ILE D 128 -13.76 1.38 -10.93
CA ILE D 128 -12.47 1.81 -10.47
C ILE D 128 -12.63 2.96 -9.48
N MET D 129 -13.44 3.94 -9.86
CA MET D 129 -13.62 5.15 -9.06
C MET D 129 -14.39 4.92 -7.76
N ASP D 130 -15.30 3.95 -7.74
CA ASP D 130 -16.10 3.71 -6.55
C ASP D 130 -15.60 2.50 -5.76
N LYS D 131 -14.37 2.06 -6.07
CA LYS D 131 -13.84 0.82 -5.50
C LYS D 131 -14.87 -0.32 -5.48
N GLY D 132 -15.38 -0.66 -6.67
CA GLY D 132 -16.40 -1.71 -6.78
C GLY D 132 -15.88 -3.08 -6.39
N GLU D 133 -16.78 -3.98 -6.01
CA GLU D 133 -16.36 -5.34 -5.71
C GLU D 133 -17.00 -6.30 -6.66
N MET D 134 -18.25 -6.02 -7.01
CA MET D 134 -19.05 -6.94 -7.81
C MET D 134 -19.83 -6.12 -8.82
N ARG D 135 -19.90 -6.65 -10.03
CA ARG D 135 -20.67 -6.04 -11.10
C ARG D 135 -21.35 -7.13 -11.88
N ARG D 136 -22.67 -7.03 -12.05
CA ARG D 136 -23.45 -8.08 -12.71
C ARG D 136 -23.06 -9.45 -12.18
N ASN D 137 -22.92 -9.52 -10.85
CA ASN D 137 -22.74 -10.79 -10.13
C ASN D 137 -21.39 -11.41 -10.38
N LYS D 138 -20.46 -10.64 -10.91
CA LYS D 138 -19.09 -11.11 -10.98
C LYS D 138 -18.07 -10.04 -10.58
N TYR D 139 -16.83 -10.47 -10.33
CA TYR D 139 -15.75 -9.54 -10.02
C TYR D 139 -15.67 -8.41 -11.03
N CYS D 140 -15.56 -7.19 -10.52
CA CYS D 140 -15.15 -6.07 -11.38
C CYS D 140 -13.86 -6.36 -12.18
N TRP D 141 -13.93 -6.09 -13.48
CA TRP D 141 -12.80 -6.18 -14.39
C TRP D 141 -11.47 -5.74 -13.77
N TYR D 142 -11.42 -4.55 -13.17
CA TYR D 142 -10.16 -4.03 -12.65
C TYR D 142 -9.57 -4.89 -11.53
N LEU D 143 -10.41 -5.69 -10.89
CA LEU D 143 -9.94 -6.46 -9.74
C LEU D 143 -9.12 -7.67 -10.18
N LEU D 144 -9.35 -8.13 -11.41
CA LEU D 144 -8.74 -9.37 -11.90
C LEU D 144 -7.20 -9.29 -11.94
N LYS D 145 -6.52 -10.34 -11.52
CA LYS D 145 -5.07 -10.27 -11.39
C LYS D 145 -4.35 -10.22 -12.73
N ASP D 146 -4.98 -10.76 -13.76
CA ASP D 146 -4.44 -10.61 -15.11
C ASP D 146 -4.72 -9.24 -15.72
N VAL D 147 -5.59 -8.45 -15.12
CA VAL D 147 -6.01 -7.17 -15.70
C VAL D 147 -5.44 -5.98 -14.92
N GLU D 148 -5.99 -5.74 -13.73
CA GLU D 148 -5.55 -4.65 -12.84
C GLU D 148 -6.00 -3.29 -13.35
N THR D 149 -5.75 -2.25 -12.56
CA THR D 149 -6.18 -0.91 -12.91
C THR D 149 -5.48 -0.40 -14.16
N LYS D 150 -4.21 -0.67 -14.24
CA LYS D 150 -3.45 -0.48 -15.41
C LYS D 150 -4.22 -0.69 -16.68
N ASN D 151 -4.63 -1.93 -16.82
CA ASN D 151 -5.29 -2.37 -18.06
C ASN D 151 -6.71 -1.86 -18.12
N ALA D 152 -7.40 -1.86 -16.99
CA ALA D 152 -8.81 -1.46 -17.01
C ALA D 152 -8.94 -0.04 -17.57
N VAL D 153 -7.97 0.81 -17.23
CA VAL D 153 -8.00 2.19 -17.65
C VAL D 153 -7.80 2.26 -19.16
N ASN D 154 -6.79 1.51 -19.63
CA ASN D 154 -6.53 1.37 -21.05
C ASN D 154 -7.70 0.76 -21.81
N ASP D 155 -8.32 -0.26 -21.21
CA ASP D 155 -9.48 -0.94 -21.80
C ASP D 155 -10.70 -0.03 -21.95
N VAL D 156 -10.86 0.91 -21.03
CA VAL D 156 -12.03 1.78 -21.11
C VAL D 156 -11.93 2.70 -22.33
N LEU D 157 -10.74 3.23 -22.58
CA LEU D 157 -10.54 4.10 -23.73
C LEU D 157 -10.77 3.31 -25.01
N LEU D 158 -10.34 2.05 -24.99
CA LEU D 158 -10.50 1.23 -26.16
C LEU D 158 -11.98 1.00 -26.41
N LEU D 159 -12.67 0.57 -25.37
CA LEU D 159 -14.08 0.28 -25.52
C LEU D 159 -14.74 1.52 -26.10
N TYR D 160 -14.34 2.69 -25.56
CA TYR D 160 -14.94 3.95 -25.99
C TYR D 160 -14.68 4.23 -27.46
N ASN D 161 -13.45 4.01 -27.90
CA ASN D 161 -13.12 4.27 -29.29
C ASN D 161 -13.71 3.25 -30.24
N SER D 162 -14.00 2.05 -29.73
CA SER D 162 -14.53 0.98 -30.55
C SER D 162 -15.92 1.36 -31.06
N ILE D 163 -16.61 2.21 -30.30
CA ILE D 163 -17.95 2.63 -30.67
C ILE D 163 -17.94 3.41 -31.98
N TYR D 164 -17.02 4.35 -32.08
CA TYR D 164 -16.94 5.19 -33.25
C TYR D 164 -16.48 4.41 -34.47
N LYS D 165 -15.64 3.38 -34.24
CA LYS D 165 -15.24 2.49 -35.30
C LYS D 165 -16.43 1.68 -35.79
N LEU D 166 -17.30 1.25 -34.88
CA LEU D 166 -18.52 0.54 -35.29
C LEU D 166 -19.54 1.41 -36.07
N ILE D 167 -19.68 2.66 -35.63
CA ILE D 167 -20.59 3.60 -36.28
C ILE D 167 -20.09 3.96 -37.67
N GLU D 168 -18.77 4.02 -37.84
CA GLU D 168 -18.19 4.27 -39.14
C GLU D 168 -18.51 3.08 -40.04
N ILE D 169 -18.18 1.88 -39.56
CA ILE D 169 -18.32 0.68 -40.35
C ILE D 169 -19.75 0.53 -40.90
N TYR D 170 -20.75 0.91 -40.11
CA TYR D 170 -22.14 0.58 -40.45
C TYR D 170 -22.99 1.79 -40.89
N LEU D 171 -22.45 2.99 -40.79
CA LEU D 171 -23.26 4.17 -41.00
C LEU D 171 -22.48 5.31 -41.65
N ARG D 172 -21.23 5.05 -42.03
CA ARG D 172 -20.42 6.08 -42.67
C ARG D 172 -21.14 6.79 -43.83
N ASN D 173 -22.10 6.09 -44.43
CA ASN D 173 -22.83 6.62 -45.59
C ASN D 173 -24.24 7.14 -45.30
N GLU D 174 -24.72 6.94 -44.08
CA GLU D 174 -25.96 7.57 -43.66
C GLU D 174 -25.79 9.07 -43.52
N SER D 175 -26.81 9.82 -43.91
CA SER D 175 -26.72 11.27 -43.79
C SER D 175 -26.82 11.77 -42.34
N CYS D 176 -27.42 10.96 -41.47
CA CYS D 176 -27.39 11.24 -40.03
C CYS D 176 -26.04 10.95 -39.34
N TYR D 177 -25.08 10.42 -40.09
CA TYR D 177 -23.80 9.96 -39.51
C TYR D 177 -23.17 11.00 -38.58
N VAL D 178 -22.91 12.20 -39.11
CA VAL D 178 -22.22 13.24 -38.39
C VAL D 178 -22.99 13.65 -37.13
N ASP D 179 -24.31 13.56 -37.18
CA ASP D 179 -25.14 13.92 -36.01
C ASP D 179 -25.12 12.84 -34.93
N VAL D 180 -25.11 11.58 -35.37
CA VAL D 180 -25.08 10.47 -34.45
C VAL D 180 -23.77 10.49 -33.66
N ILE D 181 -22.64 10.70 -34.36
CA ILE D 181 -21.39 10.69 -33.64
C ILE D 181 -21.25 11.88 -32.72
N ALA D 182 -21.91 12.98 -33.08
CA ALA D 182 -21.93 14.16 -32.24
C ALA D 182 -22.79 13.94 -30.98
N THR D 183 -23.86 13.18 -31.12
CA THR D 183 -24.66 12.80 -29.99
C THR D 183 -23.95 11.89 -28.97
N PHE D 184 -23.10 10.99 -29.43
CA PHE D 184 -22.27 10.21 -28.51
C PHE D 184 -21.24 11.10 -27.83
N ARG D 185 -20.51 11.91 -28.60
CA ARG D 185 -19.53 12.79 -28.03
C ARG D 185 -20.18 13.65 -26.95
N ASP D 186 -21.26 14.35 -27.30
CA ASP D 186 -21.85 15.32 -26.39
C ASP D 186 -22.41 14.69 -25.13
N ALA D 187 -23.07 13.55 -25.31
CA ALA D 187 -23.62 12.84 -24.18
C ALA D 187 -22.51 12.38 -23.27
N THR D 188 -21.39 11.95 -23.84
CA THR D 188 -20.25 11.50 -23.05
C THR D 188 -19.64 12.65 -22.25
N LEU D 189 -19.41 13.77 -22.91
CA LEU D 189 -18.97 14.99 -22.22
C LEU D 189 -19.82 15.33 -21.00
N LYS D 190 -21.14 15.27 -21.15
CA LYS D 190 -22.03 15.55 -20.03
C LYS D 190 -21.91 14.52 -18.91
N THR D 191 -21.67 13.28 -19.31
CA THR D 191 -21.54 12.21 -18.37
C THR D 191 -20.27 12.38 -17.54
N ILE D 192 -19.20 12.81 -18.20
CA ILE D 192 -17.93 12.97 -17.52
C ILE D 192 -18.02 14.06 -16.47
N ILE D 193 -18.77 15.12 -16.79
CA ILE D 193 -18.95 16.26 -15.87
C ILE D 193 -19.80 15.84 -14.66
N GLY D 194 -20.84 15.04 -14.93
CA GLY D 194 -21.62 14.45 -13.88
C GLY D 194 -20.74 13.65 -12.94
N GLN D 195 -19.87 12.81 -13.51
CA GLN D 195 -19.06 11.88 -12.73
C GLN D 195 -18.05 12.68 -11.90
N HIS D 196 -17.49 13.73 -12.52
CA HIS D 196 -16.62 14.62 -11.79
C HIS D 196 -17.35 15.20 -10.59
N LEU D 197 -18.57 15.70 -10.82
CA LEU D 197 -19.35 16.21 -9.72
C LEU D 197 -19.60 15.12 -8.66
N ASP D 198 -19.96 13.93 -9.11
CA ASP D 198 -20.31 12.84 -8.19
C ASP D 198 -19.13 12.48 -7.30
N THR D 199 -17.94 12.78 -7.82
CA THR D 199 -16.70 12.36 -7.20
C THR D 199 -16.08 13.43 -6.28
N ASN D 200 -16.49 14.67 -6.47
CA ASN D 200 -15.83 15.81 -5.84
C ASN D 200 -16.73 16.80 -5.07
N ILE D 201 -18.03 16.58 -5.09
CA ILE D 201 -18.97 17.56 -4.57
C ILE D 201 -18.66 17.90 -3.11
N PHE D 202 -18.04 16.98 -2.38
CA PHE D 202 -17.80 17.16 -0.95
C PHE D 202 -16.32 17.47 -0.68
N SER D 203 -15.50 17.47 -1.71
CA SER D 203 -14.05 17.59 -1.52
C SER D 203 -13.67 19.03 -1.23
N ASP D 204 -12.52 19.22 -0.56
CA ASP D 204 -12.06 20.56 -0.17
C ASP D 204 -11.98 21.45 -1.41
N LYS D 205 -11.73 20.85 -2.57
CA LYS D 205 -11.79 21.59 -3.83
C LYS D 205 -12.95 22.56 -3.79
N TYR D 206 -14.12 22.07 -3.35
CA TYR D 206 -15.39 22.74 -3.58
C TYR D 206 -15.94 23.49 -2.36
N SER D 207 -15.33 23.25 -1.19
CA SER D 207 -15.73 23.95 0.02
C SER D 207 -14.92 25.25 0.14
N GLU D 212 -7.73 27.17 -3.80
CA GLU D 212 -7.02 26.74 -5.00
C GLU D 212 -6.47 25.31 -4.85
N ILE D 213 -6.48 24.55 -5.94
CA ILE D 213 -5.90 23.19 -5.93
C ILE D 213 -4.38 23.26 -5.72
N ASP D 214 -3.90 22.49 -4.75
CA ASP D 214 -2.50 22.58 -4.33
C ASP D 214 -1.60 21.68 -5.19
N VAL D 215 -0.97 22.28 -6.19
CA VAL D 215 -0.12 21.53 -7.09
C VAL D 215 1.22 21.13 -6.45
N ASN D 216 1.37 21.37 -5.15
CA ASN D 216 2.58 20.94 -4.45
C ASN D 216 2.32 19.90 -3.37
N ASN D 217 1.10 19.40 -3.33
CA ASN D 217 0.74 18.40 -2.34
C ASN D 217 0.52 17.01 -2.92
N ILE D 218 1.51 16.15 -2.77
CA ILE D 218 1.34 14.74 -3.10
C ILE D 218 1.44 13.84 -1.88
N ASN D 219 1.50 14.44 -0.69
CA ASN D 219 1.81 13.72 0.55
C ASN D 219 0.65 13.64 1.54
N VAL D 220 -0.16 14.70 1.60
CA VAL D 220 -1.21 14.80 2.60
C VAL D 220 -2.59 14.50 2.02
N PRO D 221 -3.12 13.29 2.25
CA PRO D 221 -4.37 12.90 1.60
C PRO D 221 -5.56 13.58 2.27
N GLU D 222 -6.58 13.89 1.48
CA GLU D 222 -7.78 14.54 1.98
C GLU D 222 -8.67 13.53 2.70
N GLN D 223 -8.87 13.72 4.02
CA GLN D 223 -9.79 12.84 4.75
C GLN D 223 -11.23 13.30 4.50
N PRO D 224 -12.03 12.42 3.87
CA PRO D 224 -13.32 12.82 3.31
C PRO D 224 -14.35 13.15 4.39
N VAL D 225 -15.03 14.27 4.21
CA VAL D 225 -16.13 14.69 5.09
C VAL D 225 -17.30 15.11 4.20
N ILE D 226 -18.50 15.21 4.78
CA ILE D 226 -19.59 15.84 4.04
C ILE D 226 -19.61 17.36 4.17
N ASP D 227 -20.20 18.03 3.19
CA ASP D 227 -20.30 19.49 3.22
C ASP D 227 -21.75 19.97 3.22
N ILE D 228 -22.24 20.39 4.38
CA ILE D 228 -23.67 20.55 4.60
C ILE D 228 -24.33 21.45 3.54
N ASN D 229 -23.56 22.40 3.03
CA ASN D 229 -24.05 23.35 2.04
C ASN D 229 -24.43 22.68 0.73
N MET D 230 -23.84 21.52 0.49
CA MET D 230 -24.03 20.82 -0.78
C MET D 230 -25.12 19.74 -0.67
N ILE D 231 -25.72 19.62 0.51
CA ILE D 231 -26.77 18.61 0.68
C ILE D 231 -28.13 19.23 0.38
N ASN D 232 -28.42 19.36 -0.91
CA ASN D 232 -29.75 19.73 -1.37
C ASN D 232 -30.05 19.14 -2.75
N PHE D 233 -31.33 19.13 -3.10
CA PHE D 233 -31.79 18.48 -4.34
C PHE D 233 -31.31 19.21 -5.55
N GLY D 234 -31.14 20.52 -5.41
CA GLY D 234 -30.75 21.34 -6.54
C GLY D 234 -29.40 20.87 -7.01
N VAL D 235 -28.50 20.66 -6.05
CA VAL D 235 -27.17 20.16 -6.38
C VAL D 235 -27.28 18.72 -6.88
N TYR D 236 -28.04 17.90 -6.15
CA TYR D 236 -28.23 16.49 -6.53
C TYR D 236 -28.71 16.30 -7.98
N LYS D 237 -29.69 17.12 -8.38
CA LYS D 237 -30.29 17.08 -9.72
C LYS D 237 -29.24 17.45 -10.78
N ASN D 238 -28.54 18.56 -10.56
CA ASN D 238 -27.33 18.86 -11.30
C ASN D 238 -26.46 17.63 -11.59
N ILE D 239 -26.18 16.84 -10.57
CA ILE D 239 -25.24 15.74 -10.70
C ILE D 239 -25.82 14.57 -11.49
N VAL D 240 -27.03 14.13 -11.16
CA VAL D 240 -27.58 12.89 -11.72
C VAL D 240 -28.12 13.08 -13.14
N ILE D 241 -28.64 14.25 -13.40
CA ILE D 241 -28.97 14.63 -14.76
C ILE D 241 -27.76 14.44 -15.68
N HIS D 242 -26.57 14.78 -15.18
CA HIS D 242 -25.39 14.76 -16.04
C HIS D 242 -24.74 13.37 -16.09
N LYS D 243 -24.55 12.77 -14.92
CA LYS D 243 -23.91 11.46 -14.86
C LYS D 243 -24.79 10.31 -15.37
N THR D 244 -26.09 10.54 -15.50
CA THR D 244 -27.02 9.47 -15.85
C THR D 244 -28.02 9.75 -16.97
N ALA D 245 -28.61 10.94 -16.99
CA ALA D 245 -29.80 11.14 -17.82
C ALA D 245 -29.44 11.17 -19.30
N TYR D 246 -28.29 11.78 -19.62
CA TYR D 246 -27.95 12.07 -21.01
C TYR D 246 -27.54 10.84 -21.80
N TYR D 247 -26.90 9.88 -21.13
CA TYR D 247 -26.41 8.70 -21.84
C TYR D 247 -27.36 7.53 -21.68
N SER D 248 -28.22 7.62 -20.67
CA SER D 248 -29.13 6.50 -20.43
C SER D 248 -30.45 6.65 -21.15
N PHE D 249 -30.81 7.89 -21.46
CA PHE D 249 -32.15 8.21 -21.97
C PHE D 249 -32.08 9.11 -23.20
N PHE D 250 -31.43 10.26 -23.10
CA PHE D 250 -31.31 11.14 -24.26
C PHE D 250 -30.64 10.44 -25.44
N LEU D 251 -29.44 9.93 -25.20
CA LEU D 251 -28.63 9.35 -26.26
C LEU D 251 -29.36 8.26 -27.04
N PRO D 252 -29.87 7.23 -26.33
CA PRO D 252 -30.56 6.16 -27.04
C PRO D 252 -31.79 6.63 -27.82
N ILE D 253 -32.59 7.51 -27.24
CA ILE D 253 -33.80 7.94 -27.92
C ILE D 253 -33.41 8.76 -29.12
N VAL D 254 -32.50 9.72 -28.92
CA VAL D 254 -32.06 10.56 -30.03
C VAL D 254 -31.48 9.74 -31.18
N CYS D 255 -30.78 8.66 -30.83
CA CYS D 255 -30.20 7.78 -31.83
C CYS D 255 -31.31 7.21 -32.68
N GLY D 256 -32.31 6.65 -32.02
CA GLY D 256 -33.44 6.07 -32.69
C GLY D 256 -34.08 7.08 -33.61
N MET D 257 -34.23 8.31 -33.10
CA MET D 257 -34.90 9.39 -33.83
C MET D 257 -34.05 9.85 -35.00
N LEU D 258 -32.75 10.04 -34.79
CA LEU D 258 -31.86 10.43 -35.89
C LEU D 258 -31.87 9.42 -37.04
N LEU D 259 -31.75 8.14 -36.69
CA LEU D 259 -31.69 7.09 -37.69
C LEU D 259 -32.99 7.05 -38.50
N ALA D 260 -34.10 7.29 -37.82
CA ALA D 260 -35.41 7.23 -38.47
C ALA D 260 -35.68 8.47 -39.32
N GLY D 261 -34.85 9.50 -39.16
CA GLY D 261 -34.86 10.64 -40.08
C GLY D 261 -35.65 11.87 -39.64
N ILE D 262 -35.95 11.96 -38.35
CA ILE D 262 -36.49 13.20 -37.79
C ILE D 262 -35.43 14.31 -37.79
N ALA D 263 -35.73 15.40 -38.47
CA ALA D 263 -34.75 16.47 -38.72
C ALA D 263 -34.24 17.15 -37.42
N VAL D 264 -32.96 17.50 -37.41
CA VAL D 264 -32.32 17.96 -36.18
C VAL D 264 -32.95 19.25 -35.61
N ASP D 265 -33.84 19.88 -36.37
CA ASP D 265 -34.45 21.15 -35.95
C ASP D 265 -35.87 21.01 -35.39
N ASN D 266 -36.46 19.83 -35.56
CA ASN D 266 -37.78 19.57 -34.98
C ASN D 266 -37.82 19.86 -33.47
N LEU D 267 -38.86 20.57 -33.04
CA LEU D 267 -38.95 20.99 -31.63
C LEU D 267 -39.08 19.80 -30.66
N ILE D 268 -39.30 18.61 -31.19
CA ILE D 268 -39.53 17.43 -30.37
C ILE D 268 -38.26 17.05 -29.57
N TYR D 269 -37.10 17.32 -30.15
CA TYR D 269 -35.84 16.98 -29.51
C TYR D 269 -35.70 17.66 -28.16
N LYS D 270 -36.09 18.93 -28.08
CA LYS D 270 -36.07 19.66 -26.82
C LYS D 270 -37.02 19.01 -25.81
N LYS D 271 -38.15 18.51 -26.29
CA LYS D 271 -39.14 17.88 -25.42
C LYS D 271 -38.55 16.57 -24.89
N ILE D 272 -37.76 15.92 -25.72
CA ILE D 272 -37.22 14.61 -25.40
C ILE D 272 -36.08 14.78 -24.40
N GLU D 273 -35.33 15.86 -24.57
CA GLU D 273 -34.33 16.23 -23.57
C GLU D 273 -34.93 16.46 -22.19
N ASP D 274 -35.99 17.27 -22.08
CA ASP D 274 -36.63 17.47 -20.77
C ASP D 274 -37.14 16.16 -20.20
N ILE D 275 -37.80 15.35 -21.02
CA ILE D 275 -38.32 14.09 -20.55
C ILE D 275 -37.19 13.18 -20.07
N SER D 276 -36.11 13.13 -20.85
CA SER D 276 -34.90 12.42 -20.44
C SER D 276 -34.40 12.85 -19.06
N MET D 277 -34.23 14.16 -18.87
CA MET D 277 -33.88 14.70 -17.55
C MET D 277 -34.73 14.06 -16.44
N LEU D 278 -36.04 14.03 -16.63
CA LEU D 278 -36.93 13.56 -15.58
C LEU D 278 -36.74 12.06 -15.35
N MET D 279 -36.48 11.34 -16.42
CA MET D 279 -36.32 9.90 -16.32
C MET D 279 -34.96 9.54 -15.71
N GLY D 280 -33.92 10.29 -16.04
CA GLY D 280 -32.62 10.11 -15.42
C GLY D 280 -32.66 10.34 -13.90
N GLU D 281 -33.24 11.46 -13.49
CA GLU D 281 -33.46 11.72 -12.08
C GLU D 281 -34.16 10.54 -11.46
N TYR D 282 -35.26 10.14 -12.10
CA TYR D 282 -36.08 9.06 -11.63
C TYR D 282 -35.24 7.80 -11.55
N PHE D 283 -34.42 7.58 -12.56
CA PHE D 283 -33.64 6.35 -12.62
C PHE D 283 -32.55 6.31 -11.56
N GLN D 284 -31.85 7.42 -11.36
CA GLN D 284 -30.76 7.46 -10.38
C GLN D 284 -31.28 7.41 -8.94
N ILE D 285 -32.38 8.11 -8.67
CA ILE D 285 -32.97 8.07 -7.34
C ILE D 285 -33.28 6.64 -6.92
N HIS D 286 -33.79 5.86 -7.87
CA HIS D 286 -34.02 4.44 -7.64
C HIS D 286 -32.71 3.64 -7.49
N ASP D 287 -31.67 4.01 -8.24
CA ASP D 287 -30.34 3.39 -8.05
C ASP D 287 -29.83 3.64 -6.63
N ASP D 288 -29.90 4.89 -6.20
CA ASP D 288 -29.55 5.21 -4.83
C ASP D 288 -30.35 4.37 -3.83
N TYR D 289 -31.63 4.20 -4.10
CA TYR D 289 -32.49 3.43 -3.20
C TYR D 289 -32.03 1.98 -3.09
N LEU D 290 -31.62 1.41 -4.21
CA LEU D 290 -31.15 0.02 -4.27
C LEU D 290 -29.88 -0.15 -3.47
N ASP D 291 -28.99 0.82 -3.57
CA ASP D 291 -27.76 0.79 -2.79
C ASP D 291 -28.00 0.31 -1.36
N ILE D 292 -29.00 0.87 -0.68
CA ILE D 292 -29.24 0.56 0.72
C ILE D 292 -30.22 -0.60 0.90
N PHE D 293 -31.30 -0.60 0.10
CA PHE D 293 -32.41 -1.55 0.30
C PHE D 293 -32.45 -2.70 -0.72
N GLY D 294 -31.57 -2.66 -1.70
CA GLY D 294 -31.55 -3.70 -2.74
C GLY D 294 -30.89 -4.96 -2.22
N ASP D 295 -31.16 -6.08 -2.90
CA ASP D 295 -30.53 -7.36 -2.57
C ASP D 295 -29.46 -7.70 -3.61
N SER D 296 -28.22 -7.76 -3.15
CA SER D 296 -27.11 -7.65 -4.08
C SER D 296 -27.10 -8.82 -5.05
N THR D 297 -27.76 -9.92 -4.67
CA THR D 297 -27.86 -11.07 -5.58
C THR D 297 -28.81 -10.76 -6.73
N LYS D 298 -29.67 -9.77 -6.54
CA LYS D 298 -30.57 -9.33 -7.60
C LYS D 298 -30.02 -8.16 -8.39
N THR D 299 -29.38 -7.22 -7.72
CA THR D 299 -28.78 -6.07 -8.43
C THR D 299 -27.44 -6.43 -9.07
N GLY D 300 -26.80 -7.47 -8.54
CA GLY D 300 -25.47 -7.88 -9.02
C GLY D 300 -24.29 -7.02 -8.56
N LYS D 301 -24.48 -6.25 -7.50
CA LYS D 301 -23.45 -5.34 -7.02
C LYS D 301 -23.58 -5.07 -5.53
N VAL D 302 -22.48 -4.57 -4.96
CA VAL D 302 -22.44 -4.36 -3.53
C VAL D 302 -22.64 -2.87 -3.20
N GLY D 303 -23.48 -2.60 -2.18
CA GLY D 303 -23.70 -1.23 -1.71
C GLY D 303 -22.46 -0.56 -1.15
N SER D 304 -22.34 0.76 -1.36
CA SER D 304 -21.07 1.45 -1.07
C SER D 304 -21.21 2.97 -0.95
N ASP D 305 -22.40 3.49 -1.20
CA ASP D 305 -22.58 4.95 -1.28
C ASP D 305 -22.20 5.66 0.03
N ILE D 306 -22.60 5.06 1.15
CA ILE D 306 -22.31 5.61 2.47
C ILE D 306 -20.82 5.73 2.80
N GLN D 307 -20.07 4.66 2.61
CA GLN D 307 -18.63 4.67 2.89
C GLN D 307 -17.83 5.45 1.86
N ASN D 308 -18.37 5.58 0.64
CA ASN D 308 -17.72 6.36 -0.41
C ASN D 308 -18.12 7.84 -0.40
N ASN D 309 -18.89 8.23 0.62
CA ASN D 309 -19.19 9.64 0.86
C ASN D 309 -19.97 10.25 -0.32
N LYS D 310 -20.98 9.53 -0.78
CA LYS D 310 -21.72 9.98 -1.94
C LYS D 310 -22.88 10.86 -1.54
N LEU D 311 -23.06 11.95 -2.27
CA LEU D 311 -24.29 12.72 -2.21
C LEU D 311 -25.42 11.95 -2.87
N THR D 312 -26.30 11.38 -2.06
CA THR D 312 -27.37 10.52 -2.54
C THR D 312 -28.75 11.07 -2.15
N TRP D 313 -29.80 10.50 -2.74
CA TRP D 313 -31.15 10.96 -2.44
C TRP D 313 -31.50 10.64 -0.97
N PRO D 314 -31.14 9.45 -0.50
CA PRO D 314 -31.42 9.10 0.90
C PRO D 314 -30.70 10.02 1.88
N LEU D 315 -29.49 10.42 1.56
CA LEU D 315 -28.75 11.27 2.47
C LEU D 315 -29.46 12.60 2.56
N ILE D 316 -29.92 13.10 1.42
CA ILE D 316 -30.55 14.40 1.38
C ILE D 316 -31.90 14.36 2.07
N LYS D 317 -32.69 13.33 1.76
CA LYS D 317 -34.02 13.22 2.38
C LYS D 317 -33.86 13.21 3.90
N THR D 318 -33.07 12.26 4.39
CA THR D 318 -32.86 12.13 5.84
C THR D 318 -32.44 13.43 6.49
N PHE D 319 -31.47 14.10 5.85
CA PHE D 319 -30.90 15.33 6.38
C PHE D 319 -31.98 16.42 6.45
N GLU D 320 -32.93 16.36 5.52
CA GLU D 320 -33.94 17.41 5.42
C GLU D 320 -34.99 17.14 6.50
N LEU D 321 -35.09 15.89 6.90
CA LEU D 321 -36.14 15.44 7.84
C LEU D 321 -35.69 15.43 9.30
N CYS D 322 -34.42 15.18 9.53
CA CYS D 322 -34.01 14.65 10.82
C CYS D 322 -33.73 15.76 11.83
N SER D 323 -33.64 15.36 13.09
CA SER D 323 -33.37 16.27 14.19
C SER D 323 -31.91 16.74 14.21
N GLU D 324 -31.67 17.85 14.90
CA GLU D 324 -30.41 18.57 14.79
C GLU D 324 -29.26 17.73 15.34
N PRO D 325 -29.54 16.93 16.38
CA PRO D 325 -28.58 15.96 16.89
C PRO D 325 -28.28 14.86 15.88
N ASP D 326 -29.30 14.45 15.13
CA ASP D 326 -29.11 13.39 14.16
C ASP D 326 -28.35 13.93 12.94
N LYS D 327 -28.48 15.23 12.69
CA LYS D 327 -27.63 15.88 11.73
C LYS D 327 -26.18 15.65 12.08
N ILE D 328 -25.84 15.98 13.34
CA ILE D 328 -24.46 15.87 13.84
C ILE D 328 -24.00 14.43 13.75
N LYS D 329 -24.90 13.50 14.06
CA LYS D 329 -24.57 12.08 13.97
C LYS D 329 -24.14 11.72 12.53
N ILE D 330 -24.84 12.27 11.55
CA ILE D 330 -24.57 11.94 10.16
C ILE D 330 -23.20 12.43 9.77
N VAL D 331 -22.94 13.71 10.04
CA VAL D 331 -21.63 14.31 9.79
C VAL D 331 -20.48 13.47 10.36
N LYS D 332 -20.70 12.84 11.51
CA LYS D 332 -19.61 12.16 12.20
C LYS D 332 -19.48 10.71 11.75
N ASN D 333 -20.50 10.21 11.05
CA ASN D 333 -20.53 8.79 10.64
C ASN D 333 -20.56 8.49 9.13
N TYR D 334 -20.74 9.52 8.31
CA TYR D 334 -20.91 9.29 6.89
C TYR D 334 -19.56 9.32 6.21
N GLY D 335 -19.34 8.42 5.26
CA GLY D 335 -18.14 8.44 4.45
C GLY D 335 -16.93 7.93 5.22
N LYS D 336 -17.17 6.99 6.13
CA LYS D 336 -16.09 6.24 6.76
C LYS D 336 -16.14 4.78 6.43
N ASN D 337 -15.02 4.21 5.97
CA ASN D 337 -14.96 2.76 5.74
C ASN D 337 -14.83 2.02 7.06
N ASN D 338 -15.95 1.91 7.76
CA ASN D 338 -15.98 1.53 9.17
C ASN D 338 -17.35 0.97 9.57
N LEU D 339 -17.41 -0.30 9.94
CA LEU D 339 -18.69 -1.00 10.06
C LEU D 339 -19.68 -0.28 10.97
N ALA D 340 -19.23 0.10 12.16
CA ALA D 340 -20.13 0.73 13.09
C ALA D 340 -20.68 2.04 12.55
N CYS D 341 -19.84 2.82 11.87
CA CYS D 341 -20.30 4.10 11.32
C CYS D 341 -21.38 3.91 10.26
N VAL D 342 -21.18 2.92 9.40
CA VAL D 342 -22.15 2.68 8.35
C VAL D 342 -23.48 2.31 8.96
N LYS D 343 -23.45 1.44 9.98
CA LYS D 343 -24.69 0.94 10.59
C LYS D 343 -25.48 2.12 11.16
N VAL D 344 -24.78 3.11 11.68
CA VAL D 344 -25.47 4.26 12.28
C VAL D 344 -26.33 4.95 11.22
N ILE D 345 -25.75 5.14 10.04
CA ILE D 345 -26.41 5.85 8.97
C ILE D 345 -27.51 4.96 8.50
N ASP D 346 -27.26 3.68 8.43
CA ASP D 346 -28.24 2.74 7.97
C ASP D 346 -29.44 2.78 8.81
N SER D 347 -29.20 2.90 10.10
CA SER D 347 -30.27 2.79 11.06
C SER D 347 -31.06 4.10 11.12
N LEU D 348 -30.41 5.20 10.70
CA LEU D 348 -31.10 6.47 10.54
C LEU D 348 -32.09 6.41 9.38
N TYR D 349 -31.65 5.82 8.27
CA TYR D 349 -32.52 5.65 7.10
C TYR D 349 -33.77 4.86 7.45
N GLU D 350 -33.64 3.90 8.34
CA GLU D 350 -34.75 3.11 8.78
C GLU D 350 -35.61 3.97 9.68
N GLN D 351 -34.98 4.68 10.55
CA GLN D 351 -35.68 5.48 11.54
C GLN D 351 -36.56 6.53 10.86
N TYR D 352 -35.99 7.24 9.90
CA TYR D 352 -36.74 8.24 9.15
C TYR D 352 -37.49 7.69 7.91
N LYS D 353 -37.58 6.40 7.78
CA LYS D 353 -38.56 5.82 6.93
C LYS D 353 -38.34 6.19 5.50
N ILE D 354 -37.14 6.05 5.07
CA ILE D 354 -36.75 6.50 3.75
C ILE D 354 -37.43 5.66 2.66
N ARG D 355 -37.65 4.37 2.95
CA ARG D 355 -38.37 3.50 2.03
C ARG D 355 -39.69 4.15 1.64
N LYS D 356 -40.51 4.48 2.64
CA LYS D 356 -41.83 5.04 2.39
C LYS D 356 -41.71 6.36 1.62
N HIS D 357 -40.73 7.18 1.99
CA HIS D 357 -40.51 8.43 1.29
C HIS D 357 -40.13 8.22 -0.18
N TYR D 358 -39.30 7.20 -0.45
CA TYR D 358 -39.01 6.82 -1.84
C TYR D 358 -40.29 6.41 -2.56
N GLU D 359 -41.02 5.45 -1.98
CA GLU D 359 -42.25 4.97 -2.59
C GLU D 359 -43.09 6.15 -3.02
N SER D 360 -43.09 7.16 -2.17
CA SER D 360 -43.96 8.30 -2.37
C SER D 360 -43.36 9.19 -3.45
N TYR D 361 -42.04 9.16 -3.58
CA TYR D 361 -41.39 9.97 -4.61
C TYR D 361 -41.61 9.33 -6.00
N GLU D 362 -41.40 8.02 -6.06
CA GLU D 362 -41.59 7.23 -7.27
C GLU D 362 -42.93 7.52 -7.93
N LYS D 363 -44.01 7.47 -7.14
CA LYS D 363 -45.35 7.73 -7.64
C LYS D 363 -45.48 9.14 -8.21
N ALA D 364 -44.99 10.14 -7.48
CA ALA D 364 -45.18 11.51 -7.91
C ALA D 364 -44.37 11.77 -9.18
N GLN D 365 -43.17 11.22 -9.23
CA GLN D 365 -42.27 11.48 -10.36
C GLN D 365 -42.75 10.74 -11.60
N LYS D 366 -43.28 9.53 -11.41
CA LYS D 366 -43.88 8.79 -12.52
C LYS D 366 -45.00 9.59 -13.18
N ALA D 367 -45.89 10.17 -12.38
CA ALA D 367 -46.99 10.94 -12.95
C ALA D 367 -46.44 12.18 -13.66
N LYS D 368 -45.46 12.82 -13.11
CA LYS D 368 -44.94 13.97 -13.76
C LYS D 368 -44.18 13.65 -15.03
N ILE D 369 -43.73 12.41 -15.19
CA ILE D 369 -43.11 11.95 -16.45
C ILE D 369 -44.18 11.58 -17.50
N LEU D 370 -45.14 10.74 -17.11
CA LEU D 370 -46.29 10.42 -17.96
C LEU D 370 -46.88 11.72 -18.51
N SER D 371 -47.00 12.71 -17.66
CA SER D 371 -47.68 13.93 -18.02
C SER D 371 -46.86 14.72 -19.06
N ALA D 372 -45.55 14.55 -19.01
CA ALA D 372 -44.67 15.14 -20.03
C ALA D 372 -44.69 14.37 -21.32
N ILE D 373 -44.64 13.04 -21.20
CA ILE D 373 -44.77 12.15 -22.34
C ILE D 373 -46.04 12.44 -23.12
N ASN D 374 -47.14 12.75 -22.42
CA ASN D 374 -48.40 13.01 -23.08
C ASN D 374 -48.45 14.35 -23.81
N GLU D 375 -47.42 15.16 -23.63
CA GLU D 375 -47.31 16.43 -24.36
C GLU D 375 -46.36 16.36 -25.54
N LEU D 376 -45.88 15.15 -25.84
CA LEU D 376 -45.04 14.92 -27.03
C LEU D 376 -45.79 15.07 -28.36
N HIS D 377 -47.03 14.59 -28.41
CA HIS D 377 -47.78 14.54 -29.67
C HIS D 377 -47.06 13.66 -30.68
N HIS D 378 -46.87 12.39 -30.33
CA HIS D 378 -46.29 11.43 -31.25
C HIS D 378 -46.56 10.04 -30.73
N GLU D 379 -47.63 9.41 -31.23
CA GLU D 379 -48.14 8.17 -30.65
C GLU D 379 -47.03 7.14 -30.46
N GLY D 380 -46.21 6.97 -31.49
CA GLY D 380 -45.20 5.95 -31.47
C GLY D 380 -44.28 6.13 -30.27
N ILE D 381 -43.54 7.23 -30.27
CA ILE D 381 -42.63 7.50 -29.18
C ILE D 381 -43.30 7.44 -27.81
N GLU D 382 -44.47 8.05 -27.66
CA GLU D 382 -45.23 8.01 -26.41
C GLU D 382 -45.47 6.58 -25.97
N TYR D 383 -45.81 5.72 -26.93
CA TYR D 383 -46.07 4.34 -26.60
C TYR D 383 -44.81 3.71 -26.05
N VAL D 384 -43.70 3.89 -26.77
CA VAL D 384 -42.42 3.33 -26.32
C VAL D 384 -42.01 3.85 -24.93
N LEU D 385 -42.11 5.16 -24.71
CA LEU D 385 -41.61 5.75 -23.48
C LEU D 385 -42.43 5.31 -22.31
N LYS D 386 -43.73 5.11 -22.54
CA LYS D 386 -44.60 4.57 -21.53
C LYS D 386 -44.25 3.12 -21.22
N TYR D 387 -43.93 2.36 -22.25
CA TYR D 387 -43.54 0.98 -22.07
C TYR D 387 -42.25 0.91 -21.26
N LEU D 388 -41.30 1.78 -21.60
CA LEU D 388 -39.99 1.79 -20.97
C LEU D 388 -40.16 2.06 -19.48
N LEU D 389 -41.05 3.00 -19.16
CA LEU D 389 -41.37 3.31 -17.77
C LEU D 389 -41.76 2.08 -16.96
N GLU D 390 -42.59 1.22 -17.53
CA GLU D 390 -43.07 0.04 -16.81
C GLU D 390 -41.93 -0.90 -16.49
N ILE D 391 -41.06 -1.11 -17.47
CA ILE D 391 -40.05 -2.14 -17.36
C ILE D 391 -38.67 -1.54 -17.11
N LEU D 392 -38.63 -0.41 -16.42
CA LEU D 392 -37.36 0.27 -16.23
C LEU D 392 -36.52 -0.44 -15.19
N PHE D 393 -37.19 -1.07 -14.22
CA PHE D 393 -36.51 -1.62 -13.06
C PHE D 393 -36.31 -3.11 -13.20
N THR D 394 -37.02 -3.69 -14.16
CA THR D 394 -37.06 -5.13 -14.29
C THR D 394 -36.50 -5.61 -15.63
N GLY D 395 -36.80 -4.87 -16.70
CA GLY D 395 -36.09 -4.99 -17.97
C GLY D 395 -36.39 -6.25 -18.77
#